data_5H0S
#
_entry.id   5H0S
#
_entity_poly.entity_id   1
_entity_poly.type   'polypeptide(L)'
_entity_poly.pdbx_seq_one_letter_code
;MHSTNNNSNKRNNEEKHKQPEIDSSANNGEGTSGTRAQTVGDTATEAGVRNETKAGASTRRQTDGTGLSGTNAKIATASS
ARQTDVEKPADVTFTIENVDDVGIMQQKKPPTVVQSRTDVFNEQFANEALHPMTKVIFNGLDVNTEVQPLSDDFKQISDP
KGYLTYSVKYEDQFTKKDKLRASEADDRIVGPTVNLFKYGAAVVNIDLNRDFFDTATGIDLTKGIPLVQDLLVPIGVTAG
AEQSAEYVSGLLMVLFKVMTDNRLVIVGETTTPMSNTLSTVVNNVLRTTYHNNVGVNPALLRDFTQVNWLNRDITNMLQQ
AGTKYGLGLTETRLDYVRLVKTIVGHALNIDHFAASVLNINLRALMEANVTADDRIKALQAHSMISTQFHGPNQGALRPE
LAFDHDHIIRCLMLAAANYPRLEGIIVQINTGYVASANVIRPVSEKRYFPENLEQNQSAARLVSAVKARASEADISSIHL
AIAREVSPMFNVHELKKIAESFEDPSSIVVVLEFILFALFFPTEFNRIKGDIQNVLLLFFSRWYPVEYGIFIQRGATYTI
NAAGEFEFSGRNEKWDQSLYLSEHFPALFSDVPLAGANTIIAIMRLFTPQGFLRTDDLAIAANFPRASRNPQTYIPYTNQ
RGTVTNEFASRFRTIVATLANVVNERAVQDDMQKATRSCTKQWLRHLETQFDNIAVAHTDHLSVVYATMSNFMLNFTNNF
SGNHATFKPDQYVITSPEGSYKPIIERQGETVDGLTIIDTSIVWPILCQCTYPLVRQSGKGVDAVSIMEEIVYPDPSTTL
SQSLSVAQVLSKLTLPDAFINMILSGGDSVVMRTYQTEADDDLDEGIRMTTYDQYLSHIRERLHITNVPDPIYITGASTP
DQIAASVQATHVAVVLYQSGVINGSASTYLRENEVLVVMPDYYDVVSRFANANLQMNNNRYHESVLEIADIFDQADFIQT
SDAVRQLRALMPTLSTSQIRHAIERIAQITDVDSTDYGKLTLRFLGTLTRSLKMQNAQIRRIRPDGTVLRYDDQIDIEAF
RWSRYFLDELRLRRLSVGLRLITNPRIARRFDGVRIMYLTDDDPDPDFVPDVPEGYVAVQYAHRLFSSSLANKRNRVTYT
HPPTGMAYPSPTGRPHVHMTINERAGMSKLVADNIIASVIKSNWVVDIHDIEYTAEVMTPSEGYTQHVDAESIMTAPKGK
LFHLQFMDGLLRPEPSAFDPPASGEDMRLIYPLQPISVARSMRAIVNHNEVDRPRGAVAPSSYEMDTGTLSRNGDLLYSP
VANGQVGIPKLEVDHISFSNVVSMMTANIRTGDDMAVERVNPDDVRAINIRNA
;
_entity_poly.pdbx_strand_id   B,C
#
# COMPACT_ATOMS: atom_id res chain seq x y z
N THR A 134 -25.21 -19.60 28.10
CA THR A 134 -23.86 -20.05 27.80
C THR A 134 -23.23 -19.25 26.69
N LYS A 135 -22.33 -18.33 27.05
CA LYS A 135 -21.50 -17.64 26.09
C LYS A 135 -20.16 -18.36 26.01
N VAL A 136 -19.64 -18.46 24.82
CA VAL A 136 -18.38 -19.17 24.59
C VAL A 136 -17.23 -18.21 24.82
N ILE A 137 -16.11 -18.75 25.31
CA ILE A 137 -14.86 -18.00 25.33
C ILE A 137 -14.37 -17.84 23.90
N PHE A 138 -14.15 -16.58 23.49
CA PHE A 138 -13.59 -16.31 22.18
C PHE A 138 -12.52 -15.23 22.30
N ASN A 139 -11.30 -15.57 21.93
CA ASN A 139 -10.14 -14.70 22.15
C ASN A 139 -9.99 -13.61 21.10
N GLY A 140 -10.80 -13.60 20.05
CA GLY A 140 -10.79 -12.56 19.06
C GLY A 140 -11.96 -11.61 19.19
N LEU A 141 -12.04 -10.69 18.24
CA LEU A 141 -13.11 -9.70 18.19
C LEU A 141 -14.24 -10.21 17.32
N ASP A 142 -15.45 -10.27 17.88
CA ASP A 142 -16.60 -10.88 17.23
C ASP A 142 -17.55 -9.79 16.76
N VAL A 143 -17.60 -9.58 15.45
CA VAL A 143 -18.20 -8.40 14.86
C VAL A 143 -19.60 -8.76 14.34
N ASN A 144 -20.60 -8.05 14.84
CA ASN A 144 -22.00 -8.29 14.48
C ASN A 144 -22.55 -7.32 13.46
N THR A 145 -21.77 -6.34 13.00
CA THR A 145 -22.30 -5.25 12.20
C THR A 145 -21.34 -4.93 11.07
N GLU A 146 -21.88 -4.42 9.97
CA GLU A 146 -21.06 -3.94 8.87
C GLU A 146 -21.50 -2.54 8.51
N VAL A 147 -20.64 -1.57 8.75
CA VAL A 147 -20.90 -0.19 8.37
C VAL A 147 -20.38 0.03 6.97
N GLN A 148 -21.24 0.50 6.09
CA GLN A 148 -20.87 0.63 4.69
C GLN A 148 -19.96 1.85 4.54
N PRO A 149 -19.42 2.07 3.34
CA PRO A 149 -18.53 3.22 3.15
C PRO A 149 -19.29 4.52 3.03
N LEU A 150 -19.52 5.26 4.11
CA LEU A 150 -20.49 6.33 3.95
C LEU A 150 -19.76 7.48 3.26
N SER A 151 -19.87 7.44 1.94
CA SER A 151 -19.62 8.43 0.91
C SER A 151 -19.57 7.59 -0.36
N ASP A 152 -19.76 8.17 -1.52
CA ASP A 152 -19.42 7.47 -2.77
C ASP A 152 -18.72 8.45 -3.67
N ASP A 153 -17.44 8.22 -3.93
CA ASP A 153 -16.79 9.01 -4.96
C ASP A 153 -16.15 8.14 -6.02
N PHE A 154 -15.00 7.58 -5.72
CA PHE A 154 -14.11 7.19 -6.81
C PHE A 154 -14.50 5.84 -7.36
N LYS A 155 -13.78 5.45 -8.41
CA LYS A 155 -13.79 4.08 -8.90
C LYS A 155 -12.37 3.75 -9.31
N GLN A 156 -12.03 2.47 -9.25
CA GLN A 156 -10.65 2.04 -9.42
C GLN A 156 -10.48 1.44 -10.81
N ILE A 157 -9.77 2.17 -11.66
CA ILE A 157 -9.53 1.77 -13.04
C ILE A 157 -8.35 0.82 -13.17
N SER A 158 -7.26 1.10 -12.46
CA SER A 158 -6.07 0.25 -12.37
C SER A 158 -5.20 0.28 -13.62
N ASP A 159 -5.75 0.72 -14.75
CA ASP A 159 -4.99 0.95 -15.97
C ASP A 159 -5.50 2.22 -16.62
N PRO A 160 -5.03 3.37 -16.16
CA PRO A 160 -5.62 4.64 -16.61
C PRO A 160 -5.36 4.90 -18.08
N LYS A 161 -6.30 5.62 -18.69
CA LYS A 161 -6.15 6.07 -20.07
C LYS A 161 -6.38 7.56 -20.13
N GLY A 162 -5.56 8.25 -20.92
CA GLY A 162 -5.53 9.69 -20.93
C GLY A 162 -6.63 10.28 -21.76
N TYR A 163 -6.66 11.62 -21.76
CA TYR A 163 -7.60 12.36 -22.59
C TYR A 163 -7.11 12.49 -24.01
N LEU A 164 -5.80 12.44 -24.23
CA LEU A 164 -5.19 12.66 -25.53
C LEU A 164 -4.50 11.39 -25.99
N THR A 165 -4.32 11.27 -27.30
CA THR A 165 -3.75 10.06 -27.87
C THR A 165 -2.97 10.45 -29.12
N TYR A 166 -2.27 9.47 -29.68
CA TYR A 166 -1.56 9.61 -30.95
C TYR A 166 -2.38 8.95 -32.05
N SER A 167 -2.80 9.74 -33.03
CA SER A 167 -3.39 9.19 -34.24
C SER A 167 -2.35 9.24 -35.35
N VAL A 168 -2.09 8.10 -35.97
CA VAL A 168 -1.08 7.96 -36.99
C VAL A 168 -1.77 7.66 -38.31
N LYS A 169 -1.41 8.41 -39.35
CA LYS A 169 -1.90 8.13 -40.70
C LYS A 169 -0.72 7.66 -41.53
N TYR A 170 -0.77 6.41 -41.96
CA TYR A 170 0.34 5.77 -42.66
C TYR A 170 0.22 6.00 -44.15
N GLU A 171 1.36 6.18 -44.79
CA GLU A 171 1.43 6.07 -46.24
C GLU A 171 1.61 4.61 -46.63
N ASP A 172 0.71 4.11 -47.49
CA ASP A 172 0.75 2.69 -47.83
C ASP A 172 2.06 2.31 -48.51
N GLN A 173 2.49 3.10 -49.47
CA GLN A 173 3.87 2.97 -49.91
C GLN A 173 4.78 3.19 -48.72
N PHE A 174 5.83 2.37 -48.65
CA PHE A 174 6.96 2.52 -47.74
C PHE A 174 6.67 1.91 -46.38
N THR A 175 5.46 1.40 -46.15
CA THR A 175 5.09 0.80 -44.88
C THR A 175 4.87 -0.68 -45.05
N LYS A 176 5.02 -1.42 -43.95
CA LYS A 176 4.78 -2.85 -43.97
C LYS A 176 3.40 -3.17 -44.51
N ALA A 182 13.20 -5.99 -31.39
CA ALA A 182 12.83 -7.33 -31.77
C ALA A 182 13.36 -8.34 -30.76
N SER A 183 12.63 -8.52 -29.66
CA SER A 183 13.02 -9.36 -28.55
C SER A 183 11.88 -9.39 -27.57
N GLU A 184 11.86 -10.41 -26.71
CA GLU A 184 10.78 -10.51 -25.74
C GLU A 184 10.78 -9.29 -24.83
N ALA A 185 11.78 -9.20 -23.95
CA ALA A 185 11.76 -8.15 -22.94
C ALA A 185 11.78 -6.76 -23.55
N ASP A 186 12.30 -6.63 -24.78
CA ASP A 186 12.34 -5.32 -25.42
C ASP A 186 10.99 -4.97 -26.01
N ASP A 187 10.39 -5.88 -26.79
CA ASP A 187 9.13 -5.56 -27.42
C ASP A 187 7.99 -5.48 -26.42
N ARG A 188 8.15 -6.06 -25.24
CA ARG A 188 7.17 -5.83 -24.19
C ARG A 188 7.09 -4.34 -23.84
N ILE A 189 8.18 -3.60 -24.05
CA ILE A 189 8.23 -2.20 -23.67
C ILE A 189 8.06 -1.30 -24.89
N VAL A 190 8.98 -1.40 -25.85
CA VAL A 190 8.94 -0.54 -27.03
C VAL A 190 8.04 -1.11 -28.12
N GLY A 191 7.36 -2.22 -27.88
CA GLY A 191 6.49 -2.80 -28.87
C GLY A 191 5.45 -1.85 -29.42
N PRO A 192 4.59 -1.30 -28.55
CA PRO A 192 3.54 -0.42 -29.08
C PRO A 192 4.06 0.86 -29.69
N THR A 193 5.14 1.42 -29.14
CA THR A 193 5.70 2.65 -29.70
C THR A 193 6.25 2.40 -31.09
N VAL A 194 7.04 1.35 -31.25
CA VAL A 194 7.61 1.02 -32.54
C VAL A 194 6.51 0.67 -33.53
N ASN A 195 5.60 -0.21 -33.12
CA ASN A 195 4.58 -0.66 -34.06
C ASN A 195 3.63 0.47 -34.44
N LEU A 196 3.48 1.48 -33.58
CA LEU A 196 2.65 2.62 -33.95
C LEU A 196 3.42 3.58 -34.85
N PHE A 197 4.64 3.95 -34.47
CA PHE A 197 5.48 4.83 -35.27
C PHE A 197 6.46 3.95 -36.04
N LYS A 198 6.24 3.79 -37.32
CA LYS A 198 7.07 2.86 -38.08
C LYS A 198 7.61 3.57 -39.30
N TYR A 199 8.37 2.83 -40.10
CA TYR A 199 8.75 3.29 -41.41
C TYR A 199 7.70 2.71 -42.35
N GLY A 200 6.80 3.56 -42.84
CA GLY A 200 6.80 4.95 -42.44
C GLY A 200 5.40 5.52 -42.42
N ALA A 201 5.24 6.58 -41.63
CA ALA A 201 3.93 7.16 -41.35
C ALA A 201 3.90 8.58 -41.87
N ALA A 202 2.89 8.89 -42.67
CA ALA A 202 2.77 10.21 -43.27
C ALA A 202 2.73 11.30 -42.21
N VAL A 203 1.65 11.36 -41.44
CA VAL A 203 1.52 12.38 -40.40
C VAL A 203 0.93 11.73 -39.16
N VAL A 204 1.55 11.99 -38.02
CA VAL A 204 1.06 11.58 -36.72
C VAL A 204 0.72 12.82 -35.92
N ASN A 205 -0.43 12.83 -35.28
CA ASN A 205 -0.86 14.00 -34.56
C ASN A 205 -1.56 13.61 -33.26
N ILE A 206 -1.54 14.53 -32.32
CA ILE A 206 -2.23 14.40 -31.05
C ILE A 206 -3.69 14.73 -31.26
N ASP A 207 -4.57 14.09 -30.51
CA ASP A 207 -5.96 14.54 -30.44
C ASP A 207 -6.63 13.85 -29.27
N LEU A 208 -7.89 14.21 -29.05
CA LEU A 208 -8.63 13.62 -27.96
C LEU A 208 -8.82 12.13 -28.17
N ASN A 209 -9.01 11.43 -27.07
CA ASN A 209 -9.04 9.99 -27.04
C ASN A 209 -10.48 9.52 -27.07
N ARG A 210 -10.86 8.78 -28.11
CA ARG A 210 -12.26 8.41 -28.21
C ARG A 210 -12.61 7.17 -27.38
N ASP A 211 -11.63 6.40 -26.92
CA ASP A 211 -12.00 5.32 -26.02
C ASP A 211 -12.22 5.81 -24.59
N PHE A 212 -11.86 7.06 -24.29
CA PHE A 212 -12.26 7.69 -23.04
C PHE A 212 -13.55 8.48 -23.21
N PHE A 213 -13.56 9.45 -24.12
CA PHE A 213 -14.76 10.20 -24.42
C PHE A 213 -15.52 9.40 -25.47
N ASP A 214 -16.64 8.82 -25.08
CA ASP A 214 -17.23 7.71 -25.81
C ASP A 214 -18.51 8.14 -26.49
N THR A 215 -19.12 7.19 -27.21
CA THR A 215 -20.45 7.42 -27.74
C THR A 215 -21.46 7.53 -26.60
N ALA A 216 -21.26 6.76 -25.53
CA ALA A 216 -22.09 6.89 -24.35
C ALA A 216 -21.95 8.25 -23.69
N THR A 217 -20.94 9.02 -24.06
CA THR A 217 -20.84 10.41 -23.68
C THR A 217 -21.50 11.33 -24.70
N GLY A 218 -21.92 10.78 -25.84
CA GLY A 218 -22.50 11.58 -26.89
C GLY A 218 -21.49 12.32 -27.75
N ILE A 219 -20.22 12.15 -27.48
CA ILE A 219 -19.18 12.87 -28.21
C ILE A 219 -18.87 12.12 -29.49
N ASP A 220 -18.70 12.85 -30.57
CA ASP A 220 -18.26 12.29 -31.84
C ASP A 220 -16.87 12.84 -32.13
N LEU A 221 -15.85 11.99 -32.00
CA LEU A 221 -14.51 12.36 -32.43
C LEU A 221 -14.30 11.65 -33.76
N THR A 222 -14.43 12.40 -34.83
CA THR A 222 -14.13 11.95 -36.17
C THR A 222 -13.38 13.05 -36.89
N LYS A 223 -14.08 14.17 -37.10
CA LYS A 223 -13.53 15.33 -37.77
C LYS A 223 -12.37 15.95 -37.00
N GLY A 224 -12.10 15.48 -35.80
CA GLY A 224 -10.99 15.93 -34.99
C GLY A 224 -11.40 16.85 -33.85
N ILE A 225 -12.54 17.50 -33.97
CA ILE A 225 -13.10 18.34 -32.91
C ILE A 225 -14.33 17.64 -32.35
N PRO A 226 -14.44 17.48 -31.03
CA PRO A 226 -15.60 16.80 -30.47
C PRO A 226 -16.89 17.47 -30.89
N LEU A 227 -17.84 16.66 -31.33
CA LEU A 227 -19.16 17.14 -31.77
C LEU A 227 -20.21 16.38 -30.99
N VAL A 228 -20.94 17.09 -30.14
CA VAL A 228 -22.02 16.51 -29.36
C VAL A 228 -23.31 17.13 -29.82
N GLN A 229 -24.15 16.35 -30.48
CA GLN A 229 -25.48 16.81 -30.80
C GLN A 229 -26.43 16.10 -29.86
N ASP A 230 -27.42 16.83 -29.36
CA ASP A 230 -27.49 18.26 -29.51
C ASP A 230 -27.80 18.96 -28.19
N LEU A 231 -26.84 19.70 -27.65
CA LEU A 231 -27.09 20.45 -26.44
C LEU A 231 -27.55 21.85 -26.76
N LEU A 232 -26.62 22.70 -27.18
CA LEU A 232 -26.97 24.05 -27.57
C LEU A 232 -27.44 24.01 -29.01
N VAL A 233 -28.70 24.35 -29.24
CA VAL A 233 -29.23 24.37 -30.58
C VAL A 233 -29.58 25.82 -30.87
N PRO A 234 -28.92 26.49 -31.81
CA PRO A 234 -29.39 27.81 -32.21
C PRO A 234 -30.78 27.67 -32.83
N ILE A 235 -31.71 28.43 -32.29
CA ILE A 235 -33.07 28.37 -32.82
C ILE A 235 -33.57 29.79 -32.96
N GLY A 236 -33.96 30.13 -34.18
CA GLY A 236 -33.95 29.11 -35.21
C GLY A 236 -33.56 29.62 -36.58
N VAL A 237 -33.02 28.71 -37.37
CA VAL A 237 -32.30 29.05 -38.60
C VAL A 237 -32.55 27.92 -39.58
N THR A 238 -32.46 28.22 -40.86
CA THR A 238 -32.76 27.25 -41.89
C THR A 238 -31.74 26.11 -41.88
N ALA A 239 -32.24 24.88 -41.78
CA ALA A 239 -31.48 23.66 -42.08
C ALA A 239 -30.30 23.52 -41.13
N GLY A 240 -29.07 23.41 -41.62
CA GLY A 240 -27.95 22.87 -40.88
C GLY A 240 -27.13 23.84 -40.05
N ALA A 241 -27.71 24.96 -39.64
CA ALA A 241 -26.98 25.95 -38.87
C ALA A 241 -26.54 25.46 -37.49
N GLU A 242 -27.02 24.32 -37.02
CA GLU A 242 -26.76 23.92 -35.64
C GLU A 242 -25.42 23.21 -35.44
N GLN A 243 -24.62 23.08 -36.48
CA GLN A 243 -23.44 22.24 -36.40
C GLN A 243 -22.27 22.95 -35.69
N SER A 244 -22.14 24.25 -35.88
CA SER A 244 -21.18 25.00 -35.09
C SER A 244 -21.48 24.84 -33.60
N ALA A 245 -22.74 24.97 -33.23
CA ALA A 245 -23.14 24.71 -31.86
C ALA A 245 -22.93 23.25 -31.47
N GLU A 246 -22.90 22.34 -32.45
CA GLU A 246 -22.47 20.99 -32.13
C GLU A 246 -21.03 20.99 -31.64
N TYR A 247 -20.18 21.82 -32.26
CA TYR A 247 -18.81 21.92 -31.73
C TYR A 247 -18.79 22.51 -30.33
N VAL A 248 -19.57 23.57 -30.09
CA VAL A 248 -19.54 24.19 -28.77
C VAL A 248 -20.01 23.21 -27.71
N SER A 249 -21.19 22.63 -27.91
CA SER A 249 -21.69 21.63 -26.98
C SER A 249 -20.72 20.46 -26.84
N GLY A 250 -19.96 20.17 -27.89
CA GLY A 250 -18.91 19.18 -27.77
C GLY A 250 -17.87 19.57 -26.75
N LEU A 251 -17.40 20.82 -26.81
CA LEU A 251 -16.47 21.28 -25.78
C LEU A 251 -17.10 21.19 -24.39
N LEU A 252 -18.37 21.56 -24.25
CA LEU A 252 -19.01 21.44 -22.95
C LEU A 252 -18.99 20.00 -22.44
N MET A 253 -19.14 19.02 -23.34
CA MET A 253 -19.13 17.65 -22.85
C MET A 253 -17.73 17.16 -22.52
N VAL A 254 -16.74 17.44 -23.37
CA VAL A 254 -15.39 17.03 -23.02
C VAL A 254 -14.90 17.77 -21.79
N LEU A 255 -15.49 18.90 -21.44
CA LEU A 255 -15.21 19.54 -20.16
C LEU A 255 -15.98 18.88 -19.03
N PHE A 256 -17.18 18.39 -19.31
CA PHE A 256 -18.01 17.79 -18.29
C PHE A 256 -17.43 16.47 -17.81
N LYS A 257 -16.94 15.65 -18.74
CA LYS A 257 -16.30 14.41 -18.33
C LYS A 257 -15.07 14.66 -17.48
N VAL A 258 -14.39 15.78 -17.71
CA VAL A 258 -13.23 16.09 -16.89
C VAL A 258 -13.65 16.65 -15.54
N MET A 259 -14.82 17.28 -15.45
CA MET A 259 -15.27 17.74 -14.15
C MET A 259 -15.73 16.58 -13.28
N THR A 260 -16.35 15.57 -13.88
CA THR A 260 -16.48 14.26 -13.27
C THR A 260 -15.17 13.54 -13.52
N ASP A 261 -15.09 12.22 -13.33
CA ASP A 261 -13.80 11.53 -13.43
C ASP A 261 -12.91 12.10 -12.34
N ASN A 262 -13.10 11.79 -11.05
CA ASN A 262 -13.41 10.48 -10.42
C ASN A 262 -12.18 9.58 -10.62
N ARG A 263 -12.36 8.30 -10.96
CA ARG A 263 -11.25 7.39 -11.30
C ARG A 263 -10.01 7.40 -10.41
N LEU A 264 -10.06 6.79 -9.23
CA LEU A 264 -8.81 6.38 -8.58
C LEU A 264 -8.08 5.33 -9.40
N VAL A 265 -6.78 5.25 -9.19
CA VAL A 265 -5.92 4.32 -9.89
C VAL A 265 -5.31 3.35 -8.89
N ILE A 266 -5.28 2.07 -9.26
CA ILE A 266 -4.61 1.02 -8.50
C ILE A 266 -3.53 0.45 -9.39
N VAL A 267 -2.53 -0.19 -8.78
CA VAL A 267 -1.44 -0.76 -9.58
C VAL A 267 -1.98 -2.02 -10.21
N GLY A 268 -2.12 -2.00 -11.53
CA GLY A 268 -2.75 -3.10 -12.23
C GLY A 268 -1.87 -4.30 -12.53
N GLU A 269 -0.73 -4.05 -13.16
CA GLU A 269 0.11 -5.12 -13.67
C GLU A 269 1.56 -4.75 -13.50
N THR A 270 2.33 -5.67 -12.94
CA THR A 270 3.74 -5.45 -12.73
C THR A 270 4.55 -6.31 -13.69
N THR A 271 5.60 -5.74 -14.25
CA THR A 271 6.60 -6.51 -14.95
C THR A 271 7.95 -6.03 -14.46
N THR A 272 8.69 -6.90 -13.79
CA THR A 272 10.06 -6.56 -13.41
C THR A 272 10.99 -7.35 -14.30
N PRO A 273 11.61 -6.74 -15.28
CA PRO A 273 12.49 -7.50 -16.17
C PRO A 273 13.80 -7.82 -15.47
N MET A 274 14.65 -8.54 -16.19
CA MET A 274 16.03 -8.77 -15.77
C MET A 274 16.90 -7.81 -16.55
N SER A 275 17.71 -7.02 -15.83
CA SER A 275 18.67 -6.13 -16.49
C SER A 275 19.47 -6.88 -17.54
N ASN A 276 19.75 -8.16 -17.27
CA ASN A 276 20.29 -9.06 -18.29
C ASN A 276 19.47 -8.98 -19.59
N THR A 277 18.15 -9.03 -19.48
CA THR A 277 17.29 -9.27 -20.63
C THR A 277 17.00 -8.03 -21.45
N LEU A 278 17.37 -6.85 -21.00
CA LEU A 278 17.00 -5.61 -21.66
C LEU A 278 18.18 -5.01 -22.40
N SER A 279 17.88 -4.34 -23.50
CA SER A 279 18.88 -3.51 -24.14
C SER A 279 19.29 -2.38 -23.21
N THR A 280 20.47 -1.82 -23.46
CA THR A 280 21.02 -0.86 -22.50
C THR A 280 20.17 0.40 -22.43
N VAL A 281 19.69 0.91 -23.57
CA VAL A 281 18.88 2.13 -23.53
C VAL A 281 17.56 1.89 -22.81
N VAL A 282 16.84 0.84 -23.22
CA VAL A 282 15.56 0.55 -22.59
C VAL A 282 15.75 0.21 -21.13
N ASN A 283 16.96 -0.14 -20.72
CA ASN A 283 17.25 -0.26 -19.30
C ASN A 283 17.56 1.08 -18.66
N ASN A 284 18.09 2.03 -19.42
CA ASN A 284 18.38 3.34 -18.86
C ASN A 284 17.10 4.11 -18.59
N VAL A 285 16.11 3.98 -19.48
CA VAL A 285 14.83 4.61 -19.21
C VAL A 285 14.08 3.87 -18.13
N LEU A 286 13.95 2.56 -18.27
CA LEU A 286 13.15 1.78 -17.34
C LEU A 286 13.67 1.94 -15.93
N ARG A 287 12.76 1.99 -14.96
CA ARG A 287 13.17 2.22 -13.59
C ARG A 287 13.21 0.90 -12.84
N THR A 288 12.07 0.36 -12.47
CA THR A 288 12.08 -1.00 -11.95
C THR A 288 10.97 -1.82 -12.57
N THR A 289 9.73 -1.48 -12.25
CA THR A 289 8.56 -2.20 -12.69
C THR A 289 7.81 -1.32 -13.68
N TYR A 290 7.08 -1.95 -14.59
CA TYR A 290 6.18 -1.18 -15.44
C TYR A 290 4.86 -1.92 -15.57
N HIS A 291 3.93 -1.29 -16.28
CA HIS A 291 2.62 -1.87 -16.53
C HIS A 291 2.64 -2.57 -17.88
N ASN A 292 2.03 -3.75 -17.94
CA ASN A 292 2.13 -4.57 -19.14
C ASN A 292 1.54 -3.87 -20.36
N ASN A 293 0.62 -2.93 -20.17
CA ASN A 293 0.30 -2.02 -21.24
C ASN A 293 1.01 -0.71 -20.98
N VAL A 294 2.08 -0.48 -21.73
CA VAL A 294 2.70 0.82 -21.75
C VAL A 294 1.97 1.59 -22.83
N GLY A 295 2.29 2.86 -22.97
CA GLY A 295 1.66 3.66 -23.98
C GLY A 295 2.55 3.82 -25.18
N VAL A 296 2.42 4.96 -25.82
CA VAL A 296 3.24 5.30 -26.97
C VAL A 296 3.87 6.64 -26.66
N ASN A 297 5.21 6.66 -26.59
CA ASN A 297 5.89 7.91 -26.45
C ASN A 297 7.09 7.86 -27.37
N PRO A 298 7.38 8.94 -28.10
CA PRO A 298 8.50 8.90 -29.05
C PRO A 298 9.82 8.60 -28.41
N ALA A 299 9.93 8.74 -27.09
CA ALA A 299 11.22 8.50 -26.45
C ALA A 299 11.60 7.03 -26.47
N LEU A 300 10.63 6.13 -26.26
CA LEU A 300 10.91 4.71 -26.39
C LEU A 300 11.24 4.31 -27.83
N LEU A 301 11.00 5.20 -28.77
CA LEU A 301 11.32 5.00 -30.17
C LEU A 301 12.78 5.26 -30.46
N ARG A 302 13.54 5.60 -29.42
CA ARG A 302 14.96 5.87 -29.53
C ARG A 302 15.73 4.57 -29.75
N ASP A 303 16.63 4.57 -30.73
CA ASP A 303 17.51 3.45 -31.05
C ASP A 303 16.79 2.24 -31.62
N PHE A 304 15.47 2.19 -31.50
CA PHE A 304 14.70 1.14 -32.16
C PHE A 304 14.09 1.60 -33.46
N THR A 305 14.37 2.82 -33.89
CA THR A 305 13.80 3.36 -35.11
C THR A 305 14.77 3.11 -36.25
N GLN A 306 14.23 2.78 -37.42
CA GLN A 306 15.06 2.50 -38.58
C GLN A 306 15.30 3.72 -39.44
N VAL A 307 14.72 4.86 -39.10
CA VAL A 307 14.95 6.11 -39.82
C VAL A 307 15.98 6.91 -39.04
N ASN A 308 16.95 7.47 -39.76
CA ASN A 308 18.13 7.99 -39.08
C ASN A 308 17.92 9.39 -38.53
N TRP A 309 17.29 10.29 -39.29
CA TRP A 309 17.15 11.66 -38.82
C TRP A 309 16.30 11.70 -37.55
N LEU A 310 15.25 10.89 -37.50
CA LEU A 310 14.40 10.86 -36.32
C LEU A 310 15.15 10.29 -35.13
N ASN A 311 15.83 9.16 -35.32
CA ASN A 311 16.61 8.59 -34.23
C ASN A 311 17.63 9.59 -33.71
N ARG A 312 18.19 10.42 -34.59
CA ARG A 312 19.11 11.46 -34.13
C ARG A 312 18.38 12.53 -33.32
N ASP A 313 17.23 12.99 -33.81
CA ASP A 313 16.49 14.02 -33.08
C ASP A 313 16.00 13.52 -31.75
N ILE A 314 15.61 12.25 -31.67
CA ILE A 314 15.23 11.67 -30.38
C ILE A 314 16.44 11.63 -29.48
N THR A 315 17.55 11.08 -29.98
CA THR A 315 18.67 10.79 -29.09
C THR A 315 19.32 12.06 -28.57
N ASN A 316 19.52 13.07 -29.42
CA ASN A 316 20.14 14.30 -28.93
C ASN A 316 19.12 15.38 -28.57
N MET A 317 17.84 15.13 -28.79
CA MET A 317 16.79 15.95 -28.20
C MET A 317 16.53 15.55 -26.76
N LEU A 318 16.73 14.28 -26.46
CA LEU A 318 16.43 13.67 -25.18
C LEU A 318 17.64 13.62 -24.27
N GLN A 319 18.82 14.02 -24.77
CA GLN A 319 20.07 13.79 -24.09
C GLN A 319 20.55 15.00 -23.30
N GLN A 320 19.82 16.11 -23.31
CA GLN A 320 20.28 17.31 -22.65
C GLN A 320 19.75 17.42 -21.21
N ALA A 321 20.18 18.49 -20.55
CA ALA A 321 19.55 18.94 -19.32
C ALA A 321 18.13 19.41 -19.64
N GLY A 322 17.34 19.57 -18.59
CA GLY A 322 15.92 19.63 -18.83
C GLY A 322 15.43 18.26 -19.23
N THR A 323 14.88 18.13 -20.44
CA THR A 323 14.19 16.91 -20.83
C THR A 323 14.97 15.65 -20.52
N LYS A 324 14.31 14.73 -19.84
CA LYS A 324 14.74 13.34 -19.73
C LYS A 324 13.51 12.49 -19.54
N TYR A 325 13.52 11.30 -20.13
CA TYR A 325 12.37 10.42 -20.13
C TYR A 325 12.62 9.28 -19.16
N GLY A 326 11.54 8.80 -18.55
CA GLY A 326 11.64 7.63 -17.70
C GLY A 326 10.33 6.90 -17.66
N LEU A 327 10.42 5.60 -17.44
CA LEU A 327 9.25 4.74 -17.39
C LEU A 327 9.46 3.73 -16.29
N GLY A 328 8.56 3.68 -15.33
CA GLY A 328 8.74 2.71 -14.29
C GLY A 328 8.11 3.19 -13.01
N LEU A 329 8.64 2.68 -11.90
CA LEU A 329 8.15 3.01 -10.57
C LEU A 329 9.09 4.05 -9.97
N THR A 330 8.63 5.30 -9.90
CA THR A 330 9.46 6.40 -9.45
C THR A 330 9.24 6.80 -8.01
N GLU A 331 8.30 6.20 -7.31
CA GLU A 331 8.02 6.59 -5.93
C GLU A 331 7.48 5.39 -5.17
N THR A 332 7.88 5.26 -3.91
CA THR A 332 7.26 4.30 -3.03
C THR A 332 7.22 4.89 -1.63
N ARG A 333 6.06 4.83 -1.00
CA ARG A 333 5.93 5.29 0.38
C ARG A 333 5.28 4.19 1.20
N LEU A 334 5.74 4.04 2.43
CA LEU A 334 5.40 2.92 3.29
C LEU A 334 4.53 3.40 4.44
N ASP A 335 3.70 2.49 4.94
CA ASP A 335 3.00 2.81 6.18
C ASP A 335 3.99 2.85 7.34
N TYR A 336 3.69 3.67 8.34
CA TYR A 336 4.63 3.85 9.43
C TYR A 336 4.57 2.71 10.43
N VAL A 337 3.37 2.25 10.78
CA VAL A 337 3.22 1.22 11.82
C VAL A 337 3.18 -0.18 11.24
N ARG A 338 3.06 -0.32 9.92
CA ARG A 338 3.06 -1.59 9.21
C ARG A 338 4.38 -1.85 8.52
N LEU A 339 4.88 -0.87 7.77
CA LEU A 339 6.10 -0.98 6.95
C LEU A 339 5.84 -1.83 5.71
N VAL A 340 4.64 -1.72 5.18
CA VAL A 340 4.27 -2.30 3.90
C VAL A 340 3.95 -1.16 2.96
N LYS A 341 4.47 -1.23 1.74
CA LYS A 341 4.35 -0.10 0.82
C LYS A 341 2.89 0.20 0.52
N THR A 342 2.56 1.48 0.48
CA THR A 342 1.18 1.94 0.36
C THR A 342 0.94 2.64 -0.97
N ILE A 343 1.44 3.86 -1.14
CA ILE A 343 1.25 4.62 -2.36
C ILE A 343 2.54 4.61 -3.14
N VAL A 344 2.58 3.89 -4.25
CA VAL A 344 3.73 3.86 -5.13
C VAL A 344 3.41 4.77 -6.31
N GLY A 345 4.31 5.69 -6.60
CA GLY A 345 4.19 6.45 -7.82
C GLY A 345 4.80 5.69 -8.98
N HIS A 346 4.16 5.79 -10.14
CA HIS A 346 4.71 5.28 -11.39
C HIS A 346 4.82 6.43 -12.38
N ALA A 347 5.86 6.39 -13.19
CA ALA A 347 5.92 7.27 -14.34
C ALA A 347 5.29 6.49 -15.49
N LEU A 348 4.09 6.89 -15.87
CA LEU A 348 3.43 6.25 -16.99
C LEU A 348 3.73 7.05 -18.24
N ASN A 349 3.23 6.58 -19.36
CA ASN A 349 3.13 7.38 -20.56
C ASN A 349 1.65 7.61 -20.82
N ILE A 350 1.24 8.84 -20.58
CA ILE A 350 -0.14 9.31 -20.62
C ILE A 350 0.01 10.82 -20.64
N ASP A 351 -1.06 11.57 -20.82
CA ASP A 351 -0.86 13.01 -20.89
C ASP A 351 -1.03 13.64 -19.53
N HIS A 352 -0.74 14.94 -19.45
CA HIS A 352 -0.65 15.57 -18.14
C HIS A 352 -1.99 16.08 -17.64
N PHE A 353 -3.00 16.12 -18.49
CA PHE A 353 -4.34 16.44 -18.03
C PHE A 353 -4.91 15.27 -17.24
N ALA A 354 -4.87 14.08 -17.81
CA ALA A 354 -5.35 12.90 -17.12
C ALA A 354 -4.56 12.66 -15.84
N ALA A 355 -3.23 12.65 -15.94
CA ALA A 355 -2.42 12.42 -14.76
C ALA A 355 -2.63 13.50 -13.72
N SER A 356 -2.88 14.74 -14.15
CA SER A 356 -3.21 15.79 -13.20
C SER A 356 -4.49 15.45 -12.44
N VAL A 357 -5.52 15.01 -13.14
CA VAL A 357 -6.79 14.71 -12.47
C VAL A 357 -6.64 13.54 -11.53
N LEU A 358 -5.95 12.48 -11.98
CA LEU A 358 -5.72 11.34 -11.12
C LEU A 358 -4.99 11.74 -9.84
N ASN A 359 -3.94 12.54 -9.98
CA ASN A 359 -3.22 13.03 -8.81
C ASN A 359 -4.11 13.90 -7.94
N ILE A 360 -5.07 14.61 -8.53
CA ILE A 360 -6.01 15.36 -7.71
C ILE A 360 -6.82 14.42 -6.83
N ASN A 361 -7.30 13.32 -7.41
CA ASN A 361 -8.11 12.39 -6.64
C ASN A 361 -7.31 11.73 -5.53
N LEU A 362 -6.15 11.15 -5.87
CA LEU A 362 -5.42 10.45 -4.83
C LEU A 362 -4.85 11.42 -3.80
N ARG A 363 -4.58 12.67 -4.21
CA ARG A 363 -4.26 13.69 -3.23
C ARG A 363 -5.44 13.95 -2.31
N ALA A 364 -6.66 13.88 -2.83
CA ALA A 364 -7.82 13.98 -1.95
C ALA A 364 -7.76 12.92 -0.87
N LEU A 365 -7.81 11.65 -1.26
CA LEU A 365 -7.78 10.59 -0.25
C LEU A 365 -6.61 10.75 0.71
N MET A 366 -5.41 10.79 0.18
CA MET A 366 -4.24 10.66 1.05
C MET A 366 -3.89 11.95 1.75
N GLU A 367 -4.51 13.06 1.39
CA GLU A 367 -4.37 14.28 2.15
C GLU A 367 -5.50 14.45 3.17
N ALA A 368 -6.55 13.62 3.09
CA ALA A 368 -7.67 13.80 4.00
C ALA A 368 -7.35 13.35 5.43
N ASN A 369 -6.50 12.33 5.58
CA ASN A 369 -6.18 11.78 6.90
C ASN A 369 -7.43 11.36 7.65
N VAL A 370 -8.26 10.55 7.00
CA VAL A 370 -9.44 9.98 7.65
C VAL A 370 -9.58 8.53 7.24
N THR A 371 -9.61 7.64 8.22
CA THR A 371 -9.84 6.23 8.03
C THR A 371 -11.30 5.90 8.33
N ALA A 372 -11.64 4.62 8.28
CA ALA A 372 -13.03 4.23 8.46
C ALA A 372 -13.51 4.36 9.90
N ASP A 373 -12.60 4.39 10.88
CA ASP A 373 -13.02 4.59 12.26
C ASP A 373 -13.93 5.81 12.40
N ASP A 374 -13.73 6.81 11.55
CA ASP A 374 -14.61 7.96 11.60
C ASP A 374 -15.98 7.63 11.02
N ARG A 375 -16.06 6.66 10.10
CA ARG A 375 -17.39 6.16 9.76
C ARG A 375 -17.99 5.42 10.95
N ILE A 376 -17.15 4.92 11.86
CA ILE A 376 -17.68 4.38 13.11
C ILE A 376 -18.31 5.50 13.95
N LYS A 377 -17.74 6.70 13.92
CA LYS A 377 -18.39 7.82 14.58
C LYS A 377 -19.74 8.14 13.94
N ALA A 378 -19.73 8.38 12.63
CA ALA A 378 -20.98 8.69 11.94
C ALA A 378 -22.02 7.61 12.13
N LEU A 379 -21.59 6.38 12.42
CA LEU A 379 -22.52 5.33 12.79
C LEU A 379 -22.96 5.47 14.23
N GLN A 380 -22.06 5.94 15.11
CA GLN A 380 -22.41 6.23 16.50
C GLN A 380 -23.53 7.23 16.61
N ALA A 381 -23.75 8.04 15.58
CA ALA A 381 -24.91 8.94 15.62
C ALA A 381 -26.23 8.28 15.24
N HIS A 382 -26.22 7.13 14.56
CA HIS A 382 -27.45 6.42 14.23
C HIS A 382 -27.81 5.31 15.19
N SER A 383 -26.98 5.02 16.19
CA SER A 383 -27.35 4.07 17.23
C SER A 383 -28.13 4.82 18.29
N MET A 384 -28.35 4.22 19.47
CA MET A 384 -29.30 4.86 20.36
C MET A 384 -28.73 6.09 21.05
N ILE A 385 -28.06 5.90 22.18
CA ILE A 385 -27.32 6.99 22.80
C ILE A 385 -25.99 6.43 23.26
N SER A 386 -26.04 5.50 24.20
CA SER A 386 -24.84 4.84 24.67
C SER A 386 -24.79 3.51 23.95
N THR A 387 -23.99 3.45 22.91
CA THR A 387 -23.70 2.22 22.19
C THR A 387 -22.21 2.27 21.93
N GLN A 388 -21.48 1.28 22.40
CA GLN A 388 -20.04 1.27 22.24
C GLN A 388 -19.72 0.43 21.02
N PHE A 389 -19.11 1.05 20.02
CA PHE A 389 -18.59 0.32 18.89
C PHE A 389 -17.12 0.02 19.17
N HIS A 390 -16.72 -1.20 18.93
CA HIS A 390 -15.32 -1.54 18.85
C HIS A 390 -15.05 -1.93 17.41
N GLY A 391 -13.83 -2.34 17.13
CA GLY A 391 -13.50 -2.75 15.80
C GLY A 391 -12.02 -2.73 15.55
N PRO A 392 -11.61 -3.26 14.41
CA PRO A 392 -10.18 -3.24 14.09
C PRO A 392 -9.76 -1.81 13.83
N ASN A 393 -8.61 -1.45 14.37
CA ASN A 393 -8.06 -0.13 14.13
C ASN A 393 -6.97 -0.33 13.07
N GLN A 394 -7.26 0.07 11.84
CA GLN A 394 -6.26 0.12 10.78
C GLN A 394 -6.34 1.49 10.12
N GLY A 395 -5.33 2.32 10.36
CA GLY A 395 -5.38 3.69 9.90
C GLY A 395 -5.17 3.97 8.42
N ALA A 396 -4.00 3.63 7.92
CA ALA A 396 -3.61 4.06 6.58
C ALA A 396 -3.84 3.01 5.52
N LEU A 397 -4.23 1.81 5.90
CA LEU A 397 -4.51 0.77 4.91
C LEU A 397 -5.97 0.71 4.52
N ARG A 398 -6.83 1.49 5.18
CA ARG A 398 -8.23 1.63 4.78
C ARG A 398 -8.59 3.10 4.86
N PRO A 399 -8.05 3.91 3.95
CA PRO A 399 -8.36 5.33 3.96
C PRO A 399 -9.73 5.61 3.37
N GLU A 400 -10.27 6.76 3.76
CA GLU A 400 -11.49 7.29 3.20
C GLU A 400 -11.25 8.78 2.96
N LEU A 401 -12.15 9.41 2.25
CA LEU A 401 -12.21 10.86 2.26
C LEU A 401 -13.36 11.29 3.15
N ALA A 402 -13.15 12.38 3.88
CA ALA A 402 -14.04 12.64 5.00
C ALA A 402 -15.42 13.03 4.51
N PHE A 403 -16.33 13.16 5.46
CA PHE A 403 -17.73 13.38 5.13
C PHE A 403 -17.90 14.83 4.73
N ASP A 404 -18.48 15.06 3.55
CA ASP A 404 -18.53 16.40 2.99
C ASP A 404 -19.81 17.07 3.48
N HIS A 405 -19.65 18.03 4.38
CA HIS A 405 -20.77 18.67 5.04
C HIS A 405 -21.41 19.72 4.15
N ASP A 406 -20.58 20.50 3.46
CA ASP A 406 -21.07 21.64 2.69
C ASP A 406 -21.90 21.19 1.50
N HIS A 407 -21.34 20.29 0.69
CA HIS A 407 -22.07 19.79 -0.46
C HIS A 407 -23.41 19.20 -0.06
N ILE A 408 -23.44 18.47 1.05
CA ILE A 408 -24.67 17.78 1.42
C ILE A 408 -25.70 18.73 1.97
N ILE A 409 -25.27 19.75 2.71
CA ILE A 409 -26.26 20.66 3.25
C ILE A 409 -26.78 21.59 2.15
N ARG A 410 -25.92 21.98 1.21
CA ARG A 410 -26.40 22.79 0.08
C ARG A 410 -27.32 21.99 -0.82
N CYS A 411 -27.04 20.70 -1.00
CA CYS A 411 -27.92 19.90 -1.85
C CYS A 411 -29.22 19.55 -1.16
N LEU A 412 -29.21 19.34 0.16
CA LEU A 412 -30.46 19.13 0.87
C LEU A 412 -31.30 20.39 0.92
N MET A 413 -30.66 21.56 1.00
CA MET A 413 -31.43 22.79 1.06
C MET A 413 -32.00 23.12 -0.33
N LEU A 414 -31.16 23.01 -1.35
CA LEU A 414 -31.62 23.21 -2.72
C LEU A 414 -32.73 22.25 -3.07
N ALA A 415 -32.48 20.95 -2.92
CA ALA A 415 -33.50 19.96 -3.24
C ALA A 415 -34.71 20.06 -2.34
N ALA A 416 -34.55 20.61 -1.14
CA ALA A 416 -35.70 20.95 -0.32
C ALA A 416 -36.55 21.99 -1.01
N ALA A 417 -35.93 23.00 -1.60
CA ALA A 417 -36.73 24.05 -2.23
C ALA A 417 -37.31 23.63 -3.57
N ASN A 418 -36.60 22.80 -4.34
CA ASN A 418 -37.18 22.29 -5.57
C ASN A 418 -38.25 21.25 -5.28
N TYR A 419 -37.84 20.11 -4.76
CA TYR A 419 -38.75 19.00 -4.54
C TYR A 419 -39.24 19.05 -3.11
N PRO A 420 -40.46 19.53 -2.85
CA PRO A 420 -40.94 19.62 -1.46
C PRO A 420 -41.32 18.28 -0.86
N ARG A 421 -41.52 17.24 -1.67
CA ARG A 421 -41.90 15.93 -1.18
C ARG A 421 -40.75 15.22 -0.50
N LEU A 422 -39.53 15.75 -0.65
CA LEU A 422 -38.38 15.30 0.12
C LEU A 422 -38.70 15.24 1.60
N GLU A 423 -39.53 16.17 2.07
CA GLU A 423 -40.06 16.08 3.42
C GLU A 423 -40.68 14.72 3.68
N GLY A 424 -41.42 14.20 2.71
CA GLY A 424 -42.01 12.89 2.87
C GLY A 424 -40.99 11.78 2.83
N ILE A 425 -39.95 11.94 2.02
CA ILE A 425 -38.85 10.98 2.03
C ILE A 425 -38.25 10.86 3.43
N ILE A 426 -37.80 11.99 3.97
CA ILE A 426 -37.15 12.00 5.28
C ILE A 426 -38.09 11.44 6.33
N VAL A 427 -39.33 11.93 6.36
CA VAL A 427 -40.24 11.52 7.42
C VAL A 427 -40.57 10.05 7.31
N GLN A 428 -40.49 9.47 6.11
CA GLN A 428 -40.72 8.03 6.06
C GLN A 428 -39.48 7.22 6.38
N ILE A 429 -38.28 7.81 6.27
CA ILE A 429 -37.11 7.15 6.85
C ILE A 429 -37.27 7.07 8.36
N ASN A 430 -37.61 8.20 8.99
CA ASN A 430 -37.81 8.19 10.43
C ASN A 430 -38.98 7.29 10.84
N THR A 431 -40.07 7.35 10.08
CA THR A 431 -41.21 6.48 10.35
C THR A 431 -40.80 5.02 10.23
N GLY A 432 -39.92 4.70 9.29
CA GLY A 432 -39.37 3.38 9.23
C GLY A 432 -38.44 3.04 10.37
N TYR A 433 -37.85 4.05 11.00
CA TYR A 433 -36.96 3.78 12.13
C TYR A 433 -37.74 3.40 13.37
N VAL A 434 -38.78 4.19 13.72
CA VAL A 434 -39.56 3.88 14.91
C VAL A 434 -40.40 2.64 14.72
N ALA A 435 -40.64 2.22 13.47
CA ALA A 435 -41.22 0.90 13.25
C ALA A 435 -40.35 -0.19 13.86
N SER A 436 -39.09 0.10 14.09
CA SER A 436 -38.18 -0.75 14.84
C SER A 436 -37.85 -0.03 16.15
N ALA A 437 -37.39 -0.80 17.12
CA ALA A 437 -37.02 -0.25 18.42
C ALA A 437 -38.17 -0.40 19.43
N ASN A 438 -39.16 -1.21 19.07
CA ASN A 438 -40.31 -1.45 19.93
C ASN A 438 -40.85 -0.15 20.54
N VAL A 439 -41.31 0.74 19.68
CA VAL A 439 -41.85 2.02 20.13
C VAL A 439 -43.24 1.84 20.75
N ILE A 440 -44.20 1.42 19.93
CA ILE A 440 -45.57 1.21 20.41
C ILE A 440 -46.31 0.23 19.52
N ARG A 441 -46.95 -0.75 20.13
CA ARG A 441 -47.71 -1.76 19.39
C ARG A 441 -49.19 -1.71 19.78
N PRO A 442 -50.06 -1.20 18.91
CA PRO A 442 -51.53 -1.15 18.96
C PRO A 442 -52.23 -2.33 18.30
N VAL A 443 -52.45 -3.43 19.01
CA VAL A 443 -52.28 -3.47 20.45
C VAL A 443 -51.42 -4.66 20.86
N TYR A 448 -60.72 2.09 27.10
CA TYR A 448 -61.08 3.51 27.01
C TYR A 448 -61.80 4.01 28.25
N PHE A 449 -62.84 3.32 28.65
CA PHE A 449 -63.63 3.75 29.78
C PHE A 449 -63.31 2.91 31.00
N PRO A 450 -63.85 3.27 32.16
CA PRO A 450 -63.72 2.37 33.31
C PRO A 450 -64.52 1.11 33.08
N GLU A 451 -64.60 0.22 34.07
CA GLU A 451 -65.31 -1.04 33.82
C GLU A 451 -66.82 -0.82 33.86
N ASN A 452 -67.35 -0.38 34.98
CA ASN A 452 -68.78 -0.22 35.15
C ASN A 452 -69.36 0.92 34.33
N LEU A 453 -68.54 1.76 33.71
CA LEU A 453 -69.06 2.91 32.97
C LEU A 453 -68.87 2.68 31.48
N GLU A 454 -69.92 2.24 30.82
CA GLU A 454 -70.17 2.53 29.42
C GLU A 454 -71.68 2.64 29.27
N GLN A 455 -72.33 1.52 29.58
CA GLN A 455 -73.74 1.31 29.27
C GLN A 455 -74.66 2.31 29.95
N ASN A 456 -74.40 2.67 31.21
CA ASN A 456 -75.34 3.51 31.94
C ASN A 456 -75.61 4.81 31.18
N GLN A 457 -76.87 5.25 31.19
CA GLN A 457 -77.25 6.39 30.40
C GLN A 457 -76.63 7.69 30.89
N SER A 458 -76.28 7.76 32.17
CA SER A 458 -75.76 8.99 32.72
C SER A 458 -74.45 9.39 32.08
N ALA A 459 -73.74 8.41 31.52
CA ALA A 459 -72.51 8.65 30.79
C ALA A 459 -72.71 8.71 29.28
N ALA A 460 -73.95 8.74 28.85
CA ALA A 460 -74.18 8.60 27.44
C ALA A 460 -73.54 9.68 26.69
N ARG A 461 -73.78 10.90 27.08
CA ARG A 461 -73.37 12.00 26.26
C ARG A 461 -71.88 11.95 26.23
N LEU A 462 -71.30 11.70 27.39
CA LEU A 462 -69.87 11.75 27.46
C LEU A 462 -69.34 10.70 26.56
N VAL A 463 -69.97 9.55 26.58
CA VAL A 463 -69.46 8.44 25.82
C VAL A 463 -69.57 8.63 24.35
N SER A 464 -70.63 9.24 23.88
CA SER A 464 -70.73 9.52 22.45
C SER A 464 -69.55 10.42 22.13
N ALA A 465 -69.27 11.38 22.99
CA ALA A 465 -68.20 12.30 22.69
C ALA A 465 -66.89 11.59 22.56
N VAL A 466 -66.57 10.74 23.51
CA VAL A 466 -65.27 10.11 23.47
C VAL A 466 -65.21 9.26 22.27
N LYS A 467 -66.28 8.56 22.00
CA LYS A 467 -66.26 7.56 20.99
C LYS A 467 -66.03 8.29 19.71
N ALA A 468 -66.67 9.43 19.55
CA ALA A 468 -66.60 10.13 18.30
C ALA A 468 -65.20 10.49 18.10
N ARG A 469 -64.59 11.04 19.12
CA ARG A 469 -63.24 11.53 18.94
C ARG A 469 -62.29 10.44 18.64
N ALA A 470 -62.39 9.32 19.31
CA ALA A 470 -61.36 8.32 19.28
C ALA A 470 -61.07 7.75 17.94
N SER A 471 -62.12 7.42 17.19
CA SER A 471 -61.98 6.87 15.85
C SER A 471 -61.53 7.92 14.85
N GLU A 472 -60.41 8.57 15.14
CA GLU A 472 -59.88 9.60 14.27
C GLU A 472 -58.35 9.49 14.12
N ALA A 473 -57.86 8.29 13.83
CA ALA A 473 -58.68 7.10 13.62
C ALA A 473 -57.82 5.87 13.35
N ASP A 474 -57.20 5.84 12.17
CA ASP A 474 -56.35 4.72 11.79
C ASP A 474 -55.42 4.32 12.93
N ILE A 475 -55.46 3.05 13.30
CA ILE A 475 -54.63 2.52 14.37
C ILE A 475 -53.36 1.86 13.83
N SER A 476 -52.78 2.48 12.80
CA SER A 476 -51.57 1.96 12.17
C SER A 476 -50.72 3.09 11.61
N SER A 477 -51.01 4.31 12.03
CA SER A 477 -50.28 5.48 11.55
C SER A 477 -49.62 6.22 12.71
N ILE A 478 -49.59 5.58 13.88
CA ILE A 478 -49.01 6.16 15.04
C ILE A 478 -47.61 6.60 14.76
N HIS A 479 -46.82 5.78 14.10
CA HIS A 479 -45.45 6.09 13.99
C HIS A 479 -45.29 7.40 13.32
N LEU A 480 -45.96 7.59 12.22
CA LEU A 480 -45.93 8.83 11.45
C LEU A 480 -46.01 10.04 12.37
N ALA A 481 -46.77 9.94 13.46
CA ALA A 481 -46.82 11.03 14.41
C ALA A 481 -45.45 11.26 15.02
N ILE A 482 -44.80 10.21 15.49
CA ILE A 482 -43.54 10.35 16.19
C ILE A 482 -42.45 10.86 15.24
N ALA A 483 -42.33 10.25 14.07
CA ALA A 483 -41.38 10.71 13.08
C ALA A 483 -41.66 12.17 12.70
N ARG A 484 -42.92 12.50 12.48
CA ARG A 484 -43.30 13.88 12.19
C ARG A 484 -42.82 14.82 13.29
N GLU A 485 -42.79 14.35 14.53
CA GLU A 485 -42.16 15.14 15.59
C GLU A 485 -40.69 15.38 15.30
N VAL A 486 -39.97 14.35 14.90
CA VAL A 486 -38.54 14.59 14.67
C VAL A 486 -38.29 15.24 13.31
N SER A 487 -39.01 14.80 12.28
CA SER A 487 -38.66 15.14 10.91
C SER A 487 -38.83 16.63 10.62
N PRO A 488 -38.15 17.15 9.60
CA PRO A 488 -38.29 18.56 9.24
C PRO A 488 -39.57 18.83 8.49
N MET A 489 -40.04 20.07 8.58
CA MET A 489 -41.21 20.53 7.85
C MET A 489 -40.83 21.68 6.94
N PHE A 490 -40.81 21.45 5.63
CA PHE A 490 -40.95 22.53 4.68
C PHE A 490 -42.30 22.57 3.96
N ASN A 491 -43.27 21.75 4.36
CA ASN A 491 -44.66 21.91 3.93
C ASN A 491 -45.51 22.15 5.16
N VAL A 492 -46.05 23.36 5.32
CA VAL A 492 -46.64 23.74 6.60
C VAL A 492 -47.91 22.95 6.85
N HIS A 493 -48.00 22.36 8.03
CA HIS A 493 -49.08 21.47 8.38
C HIS A 493 -50.35 22.25 8.67
N GLU A 494 -51.48 21.57 8.56
CA GLU A 494 -52.76 22.09 9.03
C GLU A 494 -53.40 21.03 9.92
N LEU A 495 -54.35 21.47 10.75
CA LEU A 495 -55.17 20.48 11.44
C LEU A 495 -56.07 19.76 10.47
N LYS A 496 -56.45 18.53 10.84
CA LYS A 496 -57.65 17.94 10.28
C LYS A 496 -58.79 18.57 11.07
N LYS A 497 -59.61 19.35 10.40
CA LYS A 497 -60.43 20.31 11.12
C LYS A 497 -61.57 19.58 11.80
N ILE A 498 -61.66 19.73 13.11
CA ILE A 498 -62.78 19.24 13.89
C ILE A 498 -63.72 20.38 14.18
N ALA A 499 -64.98 20.21 13.84
CA ALA A 499 -66.01 21.18 14.14
C ALA A 499 -66.94 20.59 15.19
N GLU A 500 -67.30 21.42 16.16
CA GLU A 500 -68.24 21.03 17.20
C GLU A 500 -68.48 22.25 18.09
N SER A 501 -69.64 22.23 18.74
CA SER A 501 -70.20 23.44 19.32
C SER A 501 -69.63 23.77 20.69
N PHE A 502 -69.29 22.74 21.47
CA PHE A 502 -69.19 22.84 22.92
C PHE A 502 -70.57 23.11 23.52
N GLU A 503 -71.60 22.70 22.80
CA GLU A 503 -72.98 22.90 23.26
C GLU A 503 -73.23 22.19 24.58
N ASP A 504 -72.50 21.11 24.85
CA ASP A 504 -72.77 20.38 26.05
C ASP A 504 -71.51 20.30 26.91
N PRO A 505 -71.66 20.45 28.23
CA PRO A 505 -70.74 20.27 29.36
C PRO A 505 -70.79 18.86 29.91
N SER A 506 -70.05 17.97 29.28
CA SER A 506 -69.06 18.41 28.36
C SER A 506 -68.90 17.57 27.13
N SER A 507 -68.68 18.26 26.02
CA SER A 507 -67.63 17.84 25.12
C SER A 507 -66.51 18.80 25.46
N ILE A 508 -65.68 18.37 26.41
CA ILE A 508 -64.37 18.96 26.64
C ILE A 508 -63.28 18.06 26.10
N VAL A 509 -63.66 16.90 25.56
CA VAL A 509 -62.71 15.88 25.13
C VAL A 509 -61.72 16.47 24.14
N VAL A 510 -62.18 17.37 23.28
CA VAL A 510 -61.30 17.98 22.29
C VAL A 510 -60.24 18.84 22.98
N VAL A 511 -60.58 19.45 24.11
CA VAL A 511 -59.57 20.16 24.87
C VAL A 511 -58.55 19.17 25.43
N LEU A 512 -59.03 18.03 25.94
CA LEU A 512 -58.11 17.01 26.42
C LEU A 512 -57.19 16.49 25.34
N GLU A 513 -57.67 16.40 24.10
CA GLU A 513 -56.76 15.91 23.08
C GLU A 513 -55.85 17.02 22.57
N PHE A 514 -56.22 18.28 22.75
CA PHE A 514 -55.26 19.33 22.49
C PHE A 514 -54.19 19.39 23.57
N ILE A 515 -54.54 19.07 24.81
CA ILE A 515 -53.54 19.04 25.87
C ILE A 515 -52.64 17.83 25.69
N LEU A 516 -53.23 16.64 25.52
CA LEU A 516 -52.42 15.45 25.29
C LEU A 516 -51.59 15.59 24.03
N PHE A 517 -52.09 16.30 23.03
CA PHE A 517 -51.30 16.52 21.84
C PHE A 517 -50.17 17.50 22.13
N ALA A 518 -50.44 18.50 22.96
CA ALA A 518 -49.41 19.48 23.30
C ALA A 518 -48.34 18.90 24.20
N LEU A 519 -48.63 17.81 24.90
CA LEU A 519 -47.66 17.10 25.71
C LEU A 519 -46.91 16.07 24.87
N PHE A 520 -47.64 15.10 24.33
CA PHE A 520 -47.01 14.03 23.57
C PHE A 520 -46.27 14.56 22.35
N PHE A 521 -46.83 15.56 21.68
CA PHE A 521 -46.27 16.05 20.42
C PHE A 521 -46.10 17.56 20.49
N PRO A 522 -45.06 18.03 21.17
CA PRO A 522 -44.92 19.48 21.33
C PRO A 522 -44.58 20.21 20.05
N THR A 523 -43.81 19.60 19.15
CA THR A 523 -43.41 20.30 17.94
C THR A 523 -44.57 20.42 16.96
N GLU A 524 -45.28 19.32 16.72
CA GLU A 524 -46.48 19.40 15.90
C GLU A 524 -47.45 20.42 16.47
N PHE A 525 -47.65 20.40 17.78
CA PHE A 525 -48.51 21.39 18.40
C PHE A 525 -48.00 22.79 18.15
N ASN A 526 -46.68 22.97 18.11
CA ASN A 526 -46.11 24.27 17.78
C ASN A 526 -46.42 24.64 16.35
N ARG A 527 -46.63 23.65 15.49
CA ARG A 527 -46.91 23.93 14.10
C ARG A 527 -48.38 24.32 13.89
N ILE A 528 -49.28 23.43 14.25
CA ILE A 528 -50.72 23.60 14.04
C ILE A 528 -51.40 24.32 15.20
N LYS A 529 -50.58 24.88 16.09
CA LYS A 529 -51.11 25.55 17.26
C LYS A 529 -52.05 26.71 16.93
N GLY A 530 -52.00 27.25 15.72
CA GLY A 530 -52.86 28.38 15.41
C GLY A 530 -54.31 28.00 15.21
N ASP A 531 -54.58 27.00 14.38
CA ASP A 531 -55.96 26.56 14.29
C ASP A 531 -56.39 25.78 15.52
N ILE A 532 -55.46 25.17 16.27
CA ILE A 532 -55.85 24.78 17.62
C ILE A 532 -56.34 25.99 18.41
N GLN A 533 -55.65 27.13 18.27
CA GLN A 533 -56.11 28.35 18.90
C GLN A 533 -57.56 28.61 18.56
N ASN A 534 -57.86 28.87 17.29
CA ASN A 534 -59.19 29.41 17.03
C ASN A 534 -60.30 28.40 17.33
N VAL A 535 -60.01 27.10 17.30
CA VAL A 535 -60.95 26.15 17.90
C VAL A 535 -61.14 26.47 19.39
N LEU A 536 -60.03 26.63 20.10
CA LEU A 536 -60.09 26.96 21.52
C LEU A 536 -60.82 28.27 21.77
N LEU A 537 -60.80 29.19 20.80
CA LEU A 537 -61.59 30.41 20.95
C LEU A 537 -63.07 30.17 20.73
N LEU A 538 -63.44 29.14 19.98
CA LEU A 538 -64.84 28.72 20.05
C LEU A 538 -65.17 28.23 21.45
N PHE A 539 -64.30 27.40 22.01
CA PHE A 539 -64.48 26.93 23.38
C PHE A 539 -64.69 28.08 24.36
N PHE A 540 -63.67 28.93 24.52
CA PHE A 540 -63.79 30.02 25.48
C PHE A 540 -64.91 30.97 25.12
N SER A 541 -65.25 31.04 23.83
CA SER A 541 -66.38 31.88 23.43
C SER A 541 -67.67 31.38 24.06
N ARG A 542 -67.89 30.06 24.06
CA ARG A 542 -69.13 29.62 24.69
C ARG A 542 -69.04 29.56 26.20
N TRP A 543 -67.98 28.96 26.76
CA TRP A 543 -68.03 28.69 28.19
C TRP A 543 -67.68 29.89 29.07
N TYR A 544 -66.92 30.85 28.56
CA TYR A 544 -66.37 31.93 29.39
C TYR A 544 -66.57 33.27 28.69
N PRO A 545 -67.80 33.77 28.66
CA PRO A 545 -68.07 34.96 27.86
C PRO A 545 -67.31 36.19 28.31
N VAL A 546 -67.23 36.44 29.61
CA VAL A 546 -66.61 37.66 30.10
C VAL A 546 -65.09 37.60 29.91
N GLU A 547 -64.46 36.49 30.31
CA GLU A 547 -63.03 36.36 30.09
C GLU A 547 -62.70 36.36 28.61
N TYR A 548 -63.55 35.75 27.78
CA TYR A 548 -63.31 35.78 26.34
C TYR A 548 -63.38 37.20 25.82
N GLY A 549 -64.34 37.98 26.31
CA GLY A 549 -64.40 39.38 25.90
C GLY A 549 -63.12 40.13 26.25
N ILE A 550 -62.69 40.02 27.51
CA ILE A 550 -61.51 40.73 27.95
C ILE A 550 -60.25 40.20 27.28
N PHE A 551 -60.26 38.96 26.80
CA PHE A 551 -59.10 38.43 26.11
C PHE A 551 -59.08 38.88 24.66
N ILE A 552 -60.22 38.87 23.98
CA ILE A 552 -60.24 39.23 22.59
C ILE A 552 -60.17 40.73 22.39
N GLN A 553 -60.48 41.51 23.44
CA GLN A 553 -60.20 42.93 23.41
C GLN A 553 -58.71 43.19 23.26
N ARG A 554 -57.90 42.40 23.95
CA ARG A 554 -56.45 42.58 23.85
C ARG A 554 -55.96 42.27 22.45
N GLY A 555 -56.30 41.11 21.94
CA GLY A 555 -56.14 40.80 20.53
C GLY A 555 -56.20 39.31 20.31
N ALA A 556 -56.43 38.93 19.06
CA ALA A 556 -56.42 37.52 18.70
C ALA A 556 -55.07 37.05 18.21
N THR A 557 -54.16 37.98 17.94
CA THR A 557 -52.79 37.69 17.53
C THR A 557 -51.89 38.75 18.15
N TYR A 558 -50.59 38.49 18.09
CA TYR A 558 -49.63 39.46 18.61
C TYR A 558 -48.36 39.41 17.80
N THR A 559 -47.55 40.44 17.95
CA THR A 559 -46.29 40.60 17.26
C THR A 559 -45.21 40.83 18.30
N ILE A 560 -43.97 40.50 17.94
CA ILE A 560 -42.80 40.78 18.77
C ILE A 560 -41.97 41.83 18.06
N ASN A 561 -41.86 43.01 18.65
CA ASN A 561 -41.01 44.04 18.08
C ASN A 561 -39.57 43.86 18.53
N ALA A 562 -38.69 44.75 18.06
CA ALA A 562 -37.30 44.73 18.51
C ALA A 562 -37.25 44.99 20.00
N ALA A 563 -36.54 44.13 20.72
CA ALA A 563 -36.60 44.07 22.18
C ALA A 563 -38.03 43.80 22.65
N GLY A 564 -38.71 42.90 21.95
CA GLY A 564 -40.06 42.50 22.28
C GLY A 564 -40.18 41.96 23.69
N GLU A 565 -41.09 42.46 24.53
CA GLU A 565 -42.17 43.43 24.24
C GLU A 565 -43.15 42.92 23.18
N PHE A 566 -43.98 41.96 23.59
CA PHE A 566 -45.08 41.51 22.74
C PHE A 566 -45.96 42.68 22.36
N GLU A 567 -46.30 42.76 21.08
CA GLU A 567 -47.20 43.77 20.56
C GLU A 567 -48.52 43.10 20.22
N PHE A 568 -49.53 43.30 21.04
CA PHE A 568 -50.85 42.80 20.71
C PHE A 568 -51.55 43.80 19.81
N SER A 569 -52.27 43.29 18.84
CA SER A 569 -53.15 44.10 18.01
C SER A 569 -54.56 43.71 18.36
N GLY A 570 -55.30 44.58 19.03
CA GLY A 570 -56.64 44.19 19.36
C GLY A 570 -57.43 44.05 18.09
N ARG A 571 -57.83 42.82 17.79
CA ARG A 571 -58.58 42.46 16.60
C ARG A 571 -59.23 41.12 16.86
N ASN A 572 -60.32 40.87 16.13
CA ASN A 572 -61.07 39.64 16.29
C ASN A 572 -60.72 38.61 15.22
N GLU A 573 -59.71 38.86 14.40
CA GLU A 573 -59.51 38.06 13.21
C GLU A 573 -59.12 36.63 13.57
N LYS A 574 -59.29 35.75 12.59
CA LYS A 574 -59.17 34.31 12.76
C LYS A 574 -57.87 33.83 12.15
N TRP A 575 -57.25 32.85 12.80
CA TRP A 575 -55.91 32.42 12.43
C TRP A 575 -55.90 31.69 11.09
N ASP A 576 -54.71 31.66 10.48
CA ASP A 576 -54.42 30.81 9.34
C ASP A 576 -52.91 30.59 9.30
N GLN A 577 -52.50 29.48 8.65
CA GLN A 577 -51.09 29.12 8.64
C GLN A 577 -50.25 30.03 7.75
N SER A 578 -50.89 30.59 6.74
CA SER A 578 -50.28 31.66 5.96
C SER A 578 -49.76 32.75 6.89
N LEU A 579 -50.34 32.90 8.07
CA LEU A 579 -49.71 33.70 9.10
C LEU A 579 -48.62 32.95 9.85
N TYR A 580 -48.71 31.62 9.93
CA TYR A 580 -47.67 30.87 10.64
C TYR A 580 -46.30 31.18 10.07
N LEU A 581 -46.23 31.52 8.79
CA LEU A 581 -44.93 32.01 8.33
C LEU A 581 -44.69 33.48 8.58
N SER A 582 -45.70 34.24 9.00
CA SER A 582 -45.54 35.68 9.19
C SER A 582 -44.92 35.96 10.55
N GLU A 583 -44.95 37.22 10.96
CA GLU A 583 -44.52 37.63 12.28
C GLU A 583 -45.64 37.56 13.33
N HIS A 584 -46.87 37.37 12.91
CA HIS A 584 -47.98 37.29 13.83
C HIS A 584 -48.00 35.94 14.54
N PHE A 585 -48.24 35.96 15.86
CA PHE A 585 -48.35 34.69 16.55
C PHE A 585 -49.76 34.53 17.08
N PRO A 586 -50.23 33.28 17.25
CA PRO A 586 -51.52 33.06 17.89
C PRO A 586 -51.48 33.50 19.35
N ALA A 587 -52.51 34.24 19.77
CA ALA A 587 -52.43 35.00 21.01
C ALA A 587 -52.54 34.15 22.25
N LEU A 588 -53.33 33.07 22.21
CA LEU A 588 -53.60 32.30 23.41
C LEU A 588 -52.33 31.72 24.01
N PHE A 589 -51.33 31.44 23.20
CA PHE A 589 -50.18 30.69 23.66
C PHE A 589 -49.02 31.57 24.10
N SER A 590 -49.16 32.88 24.00
CA SER A 590 -48.24 33.77 24.71
C SER A 590 -48.73 33.92 26.13
N ASP A 591 -47.90 33.58 27.10
CA ASP A 591 -48.36 33.70 28.47
C ASP A 591 -48.01 35.11 28.91
N VAL A 592 -49.01 35.98 28.85
CA VAL A 592 -48.93 37.33 29.37
C VAL A 592 -50.04 37.44 30.41
N PRO A 593 -49.73 37.65 31.68
CA PRO A 593 -50.80 37.79 32.67
C PRO A 593 -51.75 38.88 32.23
N LEU A 594 -53.03 38.53 32.14
CA LEU A 594 -54.06 39.47 31.74
C LEU A 594 -54.96 39.67 32.95
N ALA A 595 -55.46 40.89 33.11
CA ALA A 595 -56.22 41.26 34.29
C ALA A 595 -57.41 40.32 34.51
N GLY A 596 -58.37 40.32 33.60
CA GLY A 596 -59.59 39.57 33.84
C GLY A 596 -59.63 38.20 33.20
N ALA A 597 -58.73 37.93 32.27
CA ALA A 597 -58.76 36.72 31.47
C ALA A 597 -57.96 35.58 32.10
N ASN A 598 -57.49 35.76 33.34
CA ASN A 598 -56.56 34.83 33.94
C ASN A 598 -57.05 33.39 33.94
N THR A 599 -58.35 33.16 33.79
CA THR A 599 -58.84 31.79 33.68
C THR A 599 -58.44 31.18 32.33
N ILE A 600 -58.70 31.91 31.25
CA ILE A 600 -58.16 31.51 29.95
C ILE A 600 -56.64 31.39 30.04
N ILE A 601 -56.01 32.26 30.82
CA ILE A 601 -54.55 32.24 30.89
C ILE A 601 -54.06 30.96 31.57
N ALA A 602 -54.76 30.51 32.60
CA ALA A 602 -54.33 29.28 33.29
C ALA A 602 -54.61 28.06 32.43
N ILE A 603 -55.84 27.94 31.92
CA ILE A 603 -56.18 26.85 31.04
C ILE A 603 -55.25 26.83 29.84
N MET A 604 -54.63 27.95 29.51
CA MET A 604 -53.58 27.95 28.49
C MET A 604 -52.24 27.47 29.05
N ARG A 605 -51.91 27.83 30.29
CA ARG A 605 -50.68 27.30 30.87
C ARG A 605 -50.72 25.78 30.95
N LEU A 606 -51.91 25.17 30.87
CA LEU A 606 -51.98 23.72 30.78
C LEU A 606 -51.18 23.18 29.58
N PHE A 607 -51.05 23.96 28.51
CA PHE A 607 -50.37 23.49 27.31
C PHE A 607 -48.86 23.61 27.40
N THR A 608 -48.34 24.12 28.50
CA THR A 608 -46.91 24.42 28.59
C THR A 608 -46.10 23.14 28.46
N PRO A 609 -45.23 23.02 27.47
CA PRO A 609 -44.57 21.74 27.20
C PRO A 609 -43.62 21.32 28.30
N GLN A 610 -43.74 20.08 28.73
CA GLN A 610 -42.70 19.43 29.48
C GLN A 610 -41.62 18.98 28.51
N GLY A 611 -40.37 19.12 28.89
CA GLY A 611 -39.28 18.69 28.03
C GLY A 611 -38.08 19.59 28.18
N PHE A 612 -37.15 19.45 27.24
CA PHE A 612 -35.93 20.25 27.26
C PHE A 612 -35.34 20.31 25.87
N LEU A 613 -34.48 21.29 25.65
CA LEU A 613 -33.70 21.37 24.42
C LEU A 613 -32.51 20.44 24.53
N ARG A 614 -32.17 19.79 23.42
CA ARG A 614 -30.96 18.99 23.37
C ARG A 614 -30.15 19.39 22.16
N THR A 615 -28.95 19.90 22.39
CA THR A 615 -28.00 20.09 21.30
C THR A 615 -27.55 18.74 20.78
N ASP A 616 -27.28 18.67 19.48
CA ASP A 616 -26.99 17.40 18.84
C ASP A 616 -25.48 17.18 18.91
N ASP A 617 -25.06 16.28 19.80
CA ASP A 617 -23.63 16.07 19.99
C ASP A 617 -23.07 15.12 18.94
N LEU A 618 -23.79 14.05 18.64
CA LEU A 618 -23.23 13.01 17.79
C LEU A 618 -23.27 13.40 16.32
N ALA A 619 -24.24 14.23 15.93
CA ALA A 619 -24.26 14.72 14.56
C ALA A 619 -23.14 15.72 14.32
N ILE A 620 -23.03 16.72 15.18
CA ILE A 620 -21.96 17.71 15.05
C ILE A 620 -20.61 17.01 15.15
N ALA A 621 -20.52 15.99 15.99
CA ALA A 621 -19.30 15.18 16.02
C ALA A 621 -19.08 14.48 14.70
N ALA A 622 -20.15 14.02 14.05
CA ALA A 622 -20.05 13.29 12.81
C ALA A 622 -20.22 14.16 11.57
N ASN A 623 -20.34 15.48 11.74
CA ASN A 623 -20.48 16.41 10.62
C ASN A 623 -21.72 16.14 9.77
N PHE A 624 -22.80 15.66 10.36
CA PHE A 624 -24.01 15.56 9.58
C PHE A 624 -24.55 16.95 9.31
N PRO A 625 -25.15 17.18 8.14
CA PRO A 625 -25.60 18.53 7.80
C PRO A 625 -26.67 19.02 8.76
N ARG A 626 -26.48 20.22 9.28
CA ARG A 626 -27.49 20.90 10.10
C ARG A 626 -27.63 22.31 9.57
N ALA A 627 -28.85 22.66 9.16
CA ALA A 627 -29.08 23.94 8.50
C ALA A 627 -28.76 25.12 9.40
N SER A 628 -28.82 24.94 10.72
CA SER A 628 -28.70 26.05 11.64
C SER A 628 -27.39 25.98 12.40
N ARG A 629 -26.85 27.16 12.71
CA ARG A 629 -25.48 27.24 13.19
C ARG A 629 -25.27 26.49 14.49
N ASN A 630 -26.33 26.25 15.28
CA ASN A 630 -26.22 25.15 16.22
C ASN A 630 -27.52 24.35 16.24
N PRO A 631 -27.43 23.02 16.17
CA PRO A 631 -28.64 22.19 16.22
C PRO A 631 -29.17 22.11 17.64
N GLN A 632 -30.48 22.27 17.78
CA GLN A 632 -31.15 22.16 19.06
C GLN A 632 -32.39 21.35 18.80
N THR A 633 -32.51 20.19 19.43
CA THR A 633 -33.71 19.39 19.30
C THR A 633 -34.44 19.37 20.63
N TYR A 634 -35.72 19.69 20.59
CA TYR A 634 -36.55 19.72 21.78
C TYR A 634 -37.25 18.38 21.88
N ILE A 635 -36.85 17.56 22.84
CA ILE A 635 -37.46 16.25 23.06
C ILE A 635 -38.37 16.36 24.27
N PRO A 636 -39.62 15.90 24.18
CA PRO A 636 -40.63 16.26 25.18
C PRO A 636 -40.47 15.63 26.55
N TYR A 637 -39.68 14.58 26.72
CA TYR A 637 -39.63 13.87 27.99
C TYR A 637 -38.25 14.04 28.60
N THR A 638 -38.03 13.50 29.80
CA THR A 638 -36.63 13.51 30.21
C THR A 638 -36.11 12.14 30.59
N ASN A 639 -36.21 11.78 31.88
CA ASN A 639 -35.79 10.48 32.34
C ASN A 639 -36.73 9.99 33.43
N GLN A 640 -36.69 10.69 34.55
CA GLN A 640 -37.17 10.16 35.82
C GLN A 640 -36.51 8.81 36.10
N ARG A 641 -35.20 8.90 36.42
CA ARG A 641 -34.37 7.76 36.75
C ARG A 641 -35.14 6.82 37.66
N GLY A 642 -35.41 7.28 38.88
CA GLY A 642 -36.39 6.62 39.71
C GLY A 642 -37.01 7.61 40.67
N THR A 643 -38.26 7.36 41.04
CA THR A 643 -38.99 8.14 42.00
C THR A 643 -40.15 7.28 42.46
N VAL A 644 -40.72 7.60 43.63
CA VAL A 644 -41.95 6.94 44.04
C VAL A 644 -43.06 7.24 43.03
N THR A 645 -43.12 8.48 42.56
CA THR A 645 -44.13 8.90 41.59
C THR A 645 -43.47 9.63 40.44
N ASN A 646 -43.84 9.25 39.22
CA ASN A 646 -43.32 9.90 38.03
C ASN A 646 -43.68 11.38 38.05
N GLU A 647 -42.84 12.20 37.40
CA GLU A 647 -43.09 13.63 37.39
C GLU A 647 -44.08 14.01 36.30
N PHE A 648 -43.73 13.72 35.05
CA PHE A 648 -44.60 14.00 33.92
C PHE A 648 -46.03 13.53 34.19
N ALA A 649 -46.16 12.37 34.80
CA ALA A 649 -47.46 11.87 35.24
C ALA A 649 -48.13 12.85 36.20
N SER A 650 -47.38 13.38 37.15
CA SER A 650 -47.96 14.31 38.11
C SER A 650 -48.42 15.59 37.42
N ARG A 651 -47.69 16.03 36.41
CA ARG A 651 -48.14 17.19 35.63
C ARG A 651 -49.48 16.90 34.98
N PHE A 652 -49.64 15.70 34.42
CA PHE A 652 -50.95 15.41 33.86
C PHE A 652 -52.03 15.29 34.92
N ARG A 653 -51.68 14.83 36.13
CA ARG A 653 -52.63 14.88 37.24
C ARG A 653 -53.09 16.31 37.49
N THR A 654 -52.17 17.27 37.45
CA THR A 654 -52.54 18.66 37.63
C THR A 654 -53.51 19.11 36.55
N ILE A 655 -53.17 18.81 35.31
CA ILE A 655 -54.07 19.13 34.20
C ILE A 655 -55.47 18.59 34.47
N VAL A 656 -55.56 17.30 34.76
CA VAL A 656 -56.86 16.69 35.04
C VAL A 656 -57.56 17.37 36.21
N ALA A 657 -56.80 17.86 37.18
CA ALA A 657 -57.41 18.56 38.30
C ALA A 657 -58.14 19.81 37.83
N THR A 658 -57.42 20.70 37.14
CA THR A 658 -58.07 21.94 36.73
C THR A 658 -59.15 21.72 35.68
N LEU A 659 -58.97 20.73 34.78
CA LEU A 659 -60.04 20.43 33.85
C LEU A 659 -61.26 19.86 34.56
N ALA A 660 -61.04 19.12 35.64
CA ALA A 660 -62.17 18.70 36.47
C ALA A 660 -62.85 19.90 37.10
N ASN A 661 -62.09 20.93 37.46
CA ASN A 661 -62.71 22.16 37.91
C ASN A 661 -63.57 22.78 36.83
N VAL A 662 -63.09 22.76 35.59
CA VAL A 662 -63.86 23.33 34.48
C VAL A 662 -65.16 22.57 34.30
N VAL A 663 -65.07 21.28 34.05
CA VAL A 663 -66.25 20.47 33.80
C VAL A 663 -67.19 20.51 35.01
N ASN A 664 -66.63 20.72 36.19
CA ASN A 664 -67.44 20.87 37.38
C ASN A 664 -68.24 22.16 37.34
N GLU A 665 -67.57 23.27 37.00
CA GLU A 665 -68.27 24.55 36.94
C GLU A 665 -69.39 24.53 35.91
N ARG A 666 -69.10 24.04 34.71
CA ARG A 666 -70.16 23.99 33.72
C ARG A 666 -71.24 22.98 34.09
N ALA A 667 -70.87 21.95 34.85
CA ALA A 667 -71.89 20.98 35.26
C ALA A 667 -72.84 21.59 36.27
N VAL A 668 -72.31 22.23 37.31
CA VAL A 668 -73.17 22.87 38.31
C VAL A 668 -73.90 24.05 37.71
N GLN A 669 -73.39 24.60 36.61
CA GLN A 669 -74.08 25.70 35.95
C GLN A 669 -75.27 25.17 35.15
N ASP A 670 -75.00 24.34 34.16
CA ASP A 670 -76.02 23.76 33.29
C ASP A 670 -76.87 22.71 33.98
N ASP A 671 -76.63 22.41 35.26
CA ASP A 671 -77.58 21.80 36.20
C ASP A 671 -77.61 20.28 36.16
N MET A 672 -76.81 19.62 35.34
CA MET A 672 -76.89 18.17 35.24
C MET A 672 -76.73 17.51 36.59
N GLN A 673 -77.44 16.40 36.76
CA GLN A 673 -77.53 15.70 38.03
C GLN A 673 -76.24 14.95 38.33
N LYS A 674 -76.04 14.66 39.63
CA LYS A 674 -74.77 14.13 40.12
C LYS A 674 -74.38 12.83 39.43
N ALA A 675 -75.30 12.15 38.76
CA ALA A 675 -74.94 10.94 38.05
C ALA A 675 -74.01 11.23 36.90
N THR A 676 -74.41 12.12 36.00
CA THR A 676 -73.59 12.46 34.85
C THR A 676 -72.29 13.13 35.28
N ARG A 677 -72.39 14.10 36.19
CA ARG A 677 -71.23 14.79 36.70
C ARG A 677 -70.23 13.80 37.31
N SER A 678 -70.76 12.84 38.08
CA SER A 678 -69.93 11.75 38.57
C SER A 678 -69.27 11.00 37.44
N CYS A 679 -70.00 10.73 36.36
CA CYS A 679 -69.43 9.90 35.31
C CYS A 679 -68.30 10.61 34.58
N THR A 680 -68.43 11.92 34.34
CA THR A 680 -67.30 12.62 33.74
C THR A 680 -66.12 12.71 34.70
N LYS A 681 -66.40 12.89 36.00
CA LYS A 681 -65.29 12.99 36.94
C LYS A 681 -64.54 11.66 37.04
N GLN A 682 -65.25 10.53 37.08
CA GLN A 682 -64.56 9.26 37.21
C GLN A 682 -64.02 8.75 35.89
N TRP A 683 -64.48 9.29 34.76
CA TRP A 683 -63.77 8.98 33.52
C TRP A 683 -62.45 9.75 33.41
N LEU A 684 -62.44 11.02 33.82
CA LEU A 684 -61.16 11.72 33.93
C LEU A 684 -60.24 10.97 34.89
N ARG A 685 -60.80 10.48 36.00
CA ARG A 685 -60.01 9.71 36.95
C ARG A 685 -59.37 8.51 36.26
N HIS A 686 -60.16 7.80 35.46
CA HIS A 686 -59.60 6.79 34.58
C HIS A 686 -58.42 7.33 33.80
N LEU A 687 -58.60 8.45 33.10
CA LEU A 687 -57.56 8.93 32.21
C LEU A 687 -56.25 9.15 32.94
N GLU A 688 -56.28 9.71 34.14
CA GLU A 688 -55.00 9.87 34.82
C GLU A 688 -54.44 8.53 35.26
N THR A 689 -55.29 7.55 35.56
CA THR A 689 -54.73 6.22 35.85
C THR A 689 -53.98 5.66 34.64
N GLN A 690 -54.64 5.60 33.48
CA GLN A 690 -53.97 5.14 32.26
C GLN A 690 -52.69 5.90 32.00
N PHE A 691 -52.78 7.23 31.96
CA PHE A 691 -51.61 8.05 31.68
C PHE A 691 -50.47 7.71 32.63
N ASP A 692 -50.79 7.46 33.90
CA ASP A 692 -49.76 7.10 34.85
C ASP A 692 -49.23 5.69 34.64
N ASN A 693 -49.95 4.84 33.90
CA ASN A 693 -49.34 3.60 33.47
C ASN A 693 -48.37 3.84 32.32
N ILE A 694 -48.76 4.71 31.39
CA ILE A 694 -48.00 4.87 30.15
C ILE A 694 -46.79 5.78 30.29
N ALA A 695 -46.78 6.63 31.31
CA ALA A 695 -45.80 7.71 31.39
C ALA A 695 -44.37 7.19 31.46
N VAL A 696 -44.16 6.07 32.14
CA VAL A 696 -42.80 5.54 32.27
C VAL A 696 -42.25 5.11 30.92
N ALA A 697 -43.08 4.43 30.12
CA ALA A 697 -42.64 4.01 28.80
C ALA A 697 -42.39 5.21 27.91
N HIS A 698 -43.31 6.17 27.90
CA HIS A 698 -43.05 7.40 27.16
C HIS A 698 -41.74 8.06 27.54
N THR A 699 -41.63 8.55 28.77
CA THR A 699 -40.44 9.28 29.17
C THR A 699 -39.18 8.49 28.85
N ASP A 700 -39.10 7.26 29.34
CA ASP A 700 -37.84 6.54 29.18
C ASP A 700 -37.62 6.14 27.73
N HIS A 701 -38.42 5.21 27.22
CA HIS A 701 -38.13 4.66 25.91
C HIS A 701 -38.25 5.73 24.83
N LEU A 702 -39.36 6.45 24.81
CA LEU A 702 -39.55 7.39 23.71
C LEU A 702 -38.69 8.65 23.87
N SER A 703 -38.36 9.05 25.09
CA SER A 703 -37.36 10.10 25.20
C SER A 703 -36.06 9.64 24.54
N VAL A 704 -35.68 8.39 24.78
CA VAL A 704 -34.45 7.87 24.17
C VAL A 704 -34.54 7.89 22.66
N VAL A 705 -35.66 7.41 22.10
CA VAL A 705 -35.66 7.30 20.64
C VAL A 705 -35.80 8.68 20.00
N TYR A 706 -36.43 9.64 20.67
CA TYR A 706 -36.37 11.02 20.17
C TYR A 706 -34.93 11.49 20.10
N ALA A 707 -34.22 11.43 21.22
CA ALA A 707 -32.83 11.86 21.25
C ALA A 707 -32.02 11.20 20.15
N THR A 708 -32.21 9.90 19.97
CA THR A 708 -31.54 9.18 18.89
C THR A 708 -31.89 9.76 17.53
N MET A 709 -33.17 9.83 17.22
CA MET A 709 -33.62 10.24 15.90
C MET A 709 -33.19 11.65 15.55
N SER A 710 -32.99 12.50 16.55
CA SER A 710 -32.59 13.86 16.25
C SER A 710 -31.15 13.96 15.77
N ASN A 711 -30.35 12.95 16.07
CA ASN A 711 -28.96 12.92 15.65
C ASN A 711 -28.76 12.31 14.28
N PHE A 712 -29.83 11.94 13.60
CA PHE A 712 -29.68 11.32 12.29
C PHE A 712 -29.09 12.29 11.29
N MET A 713 -28.44 11.72 10.28
CA MET A 713 -28.22 12.45 9.05
C MET A 713 -29.55 12.91 8.51
N LEU A 714 -29.53 14.06 7.82
CA LEU A 714 -30.65 14.44 6.98
C LEU A 714 -31.92 14.72 7.78
N ASN A 715 -31.78 14.99 9.08
CA ASN A 715 -32.79 15.62 9.91
C ASN A 715 -32.59 17.12 10.06
N PHE A 716 -31.69 17.70 9.26
CA PHE A 716 -31.28 19.09 9.43
C PHE A 716 -32.49 20.00 9.60
N THR A 717 -32.48 20.75 10.69
CA THR A 717 -33.43 21.82 10.97
C THR A 717 -33.24 22.25 12.41
N ASN A 718 -33.95 23.27 12.85
CA ASN A 718 -34.38 23.33 14.24
C ASN A 718 -35.90 23.26 14.25
N ASN A 719 -36.43 22.13 14.65
CA ASN A 719 -37.85 22.02 14.97
C ASN A 719 -37.92 22.07 16.50
N PHE A 720 -38.36 23.19 17.01
CA PHE A 720 -38.25 23.45 18.43
C PHE A 720 -39.56 24.04 18.92
N SER A 721 -40.22 23.33 19.80
CA SER A 721 -41.32 23.92 20.55
C SER A 721 -40.90 23.94 22.01
N GLY A 722 -40.49 25.10 22.45
CA GLY A 722 -40.47 25.42 23.86
C GLY A 722 -40.58 26.92 23.89
N ASN A 723 -41.20 27.44 24.95
CA ASN A 723 -41.70 28.80 24.89
C ASN A 723 -42.40 29.03 23.55
N HIS A 724 -43.58 28.41 23.42
CA HIS A 724 -44.39 28.58 22.22
C HIS A 724 -44.54 30.04 21.85
N ALA A 725 -44.57 30.93 22.84
CA ALA A 725 -44.80 32.36 22.62
C ALA A 725 -43.70 33.03 21.83
N THR A 726 -42.59 32.36 21.57
CA THR A 726 -41.44 32.96 20.90
C THR A 726 -41.12 32.28 19.58
N PHE A 727 -40.83 30.98 19.60
CA PHE A 727 -40.24 30.30 18.47
C PHE A 727 -41.00 30.54 17.19
N LYS A 728 -40.26 30.84 16.13
CA LYS A 728 -40.68 30.74 14.76
C LYS A 728 -39.61 29.98 14.00
N PRO A 729 -39.99 29.12 13.06
CA PRO A 729 -38.98 28.57 12.16
C PRO A 729 -38.29 29.70 11.46
N ASP A 730 -36.99 29.58 11.28
CA ASP A 730 -36.25 30.52 10.46
C ASP A 730 -36.24 29.97 9.04
N GLN A 731 -36.98 30.59 8.15
CA GLN A 731 -37.12 30.07 6.81
C GLN A 731 -36.01 30.65 5.95
N TYR A 732 -35.09 29.78 5.53
CA TYR A 732 -34.13 30.14 4.52
C TYR A 732 -34.83 30.20 3.17
N VAL A 733 -34.07 30.54 2.14
CA VAL A 733 -34.61 30.69 0.80
C VAL A 733 -33.47 30.43 -0.18
N ILE A 734 -33.81 30.39 -1.46
CA ILE A 734 -32.82 30.33 -2.53
C ILE A 734 -33.13 31.49 -3.45
N THR A 735 -32.23 32.46 -3.49
CA THR A 735 -32.47 33.69 -4.23
C THR A 735 -31.63 33.68 -5.49
N SER A 736 -32.16 34.33 -6.52
CA SER A 736 -31.37 34.60 -7.68
C SER A 736 -31.62 36.04 -8.09
N PRO A 737 -30.59 36.75 -8.52
CA PRO A 737 -30.84 38.06 -9.12
C PRO A 737 -31.76 37.96 -10.33
N GLU A 738 -31.54 36.96 -11.17
CA GLU A 738 -32.47 36.63 -12.25
C GLU A 738 -33.44 35.57 -11.72
N GLY A 739 -34.70 35.95 -11.57
CA GLY A 739 -35.72 35.03 -11.09
C GLY A 739 -36.18 35.37 -9.67
N SER A 740 -37.26 34.72 -9.28
CA SER A 740 -37.91 34.95 -8.00
C SER A 740 -37.43 33.94 -6.98
N TYR A 741 -37.29 34.38 -5.73
CA TYR A 741 -36.76 33.51 -4.69
C TYR A 741 -37.80 32.46 -4.30
N LYS A 742 -37.32 31.25 -4.09
CA LYS A 742 -38.19 30.12 -3.74
C LYS A 742 -37.90 29.66 -2.32
N PRO A 743 -38.81 29.85 -1.39
CA PRO A 743 -38.54 29.49 0.00
C PRO A 743 -38.56 27.99 0.22
N ILE A 744 -37.62 27.51 1.04
CA ILE A 744 -37.62 26.10 1.42
C ILE A 744 -38.90 25.75 2.13
N ILE A 745 -39.19 26.45 3.23
CA ILE A 745 -40.44 26.29 3.95
C ILE A 745 -41.43 27.28 3.37
N GLU A 746 -42.44 26.79 2.67
CA GLU A 746 -43.49 27.63 2.15
C GLU A 746 -44.80 26.89 2.35
N ARG A 747 -45.90 27.54 2.04
CA ARG A 747 -47.20 26.89 2.01
C ARG A 747 -47.56 26.76 0.54
N GLN A 748 -47.43 25.56 0.01
CA GLN A 748 -47.48 25.37 -1.43
C GLN A 748 -48.82 24.89 -1.93
N GLY A 749 -49.78 24.67 -1.04
CA GLY A 749 -50.99 23.99 -1.45
C GLY A 749 -50.79 22.55 -1.77
N GLU A 750 -49.54 22.10 -1.80
CA GLU A 750 -49.22 20.72 -2.07
C GLU A 750 -49.56 19.88 -0.83
N THR A 751 -49.49 18.57 -0.98
CA THR A 751 -49.63 17.69 0.17
C THR A 751 -48.85 16.42 -0.11
N VAL A 752 -48.24 15.88 0.94
CA VAL A 752 -47.30 14.78 0.82
C VAL A 752 -48.07 13.49 1.04
N ASP A 753 -49.38 13.53 0.75
CA ASP A 753 -50.32 12.41 0.87
C ASP A 753 -51.06 12.42 2.20
N GLY A 754 -50.95 13.53 2.93
CA GLY A 754 -51.55 13.66 4.24
C GLY A 754 -50.57 13.77 5.38
N LEU A 755 -49.30 13.95 5.09
CA LEU A 755 -48.37 14.39 6.11
C LEU A 755 -48.72 15.80 6.59
N THR A 756 -49.09 16.69 5.66
CA THR A 756 -49.41 18.05 6.06
C THR A 756 -50.64 18.09 6.95
N ILE A 757 -51.65 17.28 6.62
CA ILE A 757 -52.83 17.20 7.46
C ILE A 757 -52.50 16.33 8.66
N ILE A 758 -52.55 16.90 9.85
CA ILE A 758 -52.36 16.16 11.08
C ILE A 758 -53.70 16.13 11.79
N ASP A 759 -54.02 15.00 12.43
CA ASP A 759 -55.25 14.90 13.19
C ASP A 759 -54.90 14.57 14.64
N THR A 760 -55.56 15.26 15.56
CA THR A 760 -55.27 15.12 16.98
C THR A 760 -56.02 13.97 17.62
N SER A 761 -56.79 13.20 16.85
CA SER A 761 -57.46 12.03 17.38
C SER A 761 -56.48 10.94 17.81
N ILE A 762 -55.21 11.04 17.42
CA ILE A 762 -54.26 9.95 17.61
C ILE A 762 -53.65 9.91 18.99
N VAL A 763 -54.00 10.85 19.87
CA VAL A 763 -53.57 10.71 21.25
C VAL A 763 -54.49 9.77 22.03
N TRP A 764 -55.68 9.50 21.53
CA TRP A 764 -56.55 8.55 22.21
C TRP A 764 -56.07 7.11 22.05
N PRO A 765 -55.64 6.66 20.86
CA PRO A 765 -55.03 5.33 20.80
C PRO A 765 -53.74 5.25 21.58
N ILE A 766 -52.90 6.28 21.52
CA ILE A 766 -51.65 6.26 22.26
C ILE A 766 -51.92 6.08 23.75
N LEU A 767 -52.93 6.76 24.28
CA LEU A 767 -53.22 6.66 25.69
C LEU A 767 -53.92 5.36 26.04
N CYS A 768 -55.05 5.08 25.39
CA CYS A 768 -55.98 4.03 25.81
C CYS A 768 -55.88 2.73 25.01
N GLN A 769 -54.99 2.61 24.05
CA GLN A 769 -54.95 1.41 23.23
C GLN A 769 -53.64 0.66 23.33
N CYS A 770 -52.61 1.19 22.66
CA CYS A 770 -51.40 0.45 22.37
C CYS A 770 -50.64 0.07 23.63
N THR A 771 -49.81 -0.96 23.50
CA THR A 771 -49.04 -1.51 24.60
C THR A 771 -47.56 -1.23 24.41
N TYR A 772 -46.89 -1.01 25.53
CA TYR A 772 -45.50 -0.57 25.57
C TYR A 772 -44.59 -1.65 26.10
N PRO A 773 -43.50 -1.96 25.39
CA PRO A 773 -42.61 -3.04 25.82
C PRO A 773 -42.13 -2.95 27.25
N LEU A 774 -41.99 -1.75 27.79
CA LEU A 774 -41.58 -1.63 29.19
C LEU A 774 -42.69 -2.06 30.12
N VAL A 775 -43.89 -1.49 29.96
CA VAL A 775 -44.98 -1.75 30.89
C VAL A 775 -45.66 -3.09 30.59
N GLU A 790 -37.83 -8.25 26.64
CA GLU A 790 -36.64 -7.42 26.59
C GLU A 790 -36.93 -6.07 25.94
N ILE A 791 -35.92 -5.51 25.28
CA ILE A 791 -36.07 -4.22 24.62
C ILE A 791 -35.08 -4.18 23.47
N VAL A 792 -35.54 -3.75 22.31
CA VAL A 792 -34.85 -3.95 21.05
C VAL A 792 -34.20 -2.66 20.60
N TYR A 793 -32.93 -2.75 20.17
CA TYR A 793 -32.16 -1.64 19.67
C TYR A 793 -31.89 -1.87 18.20
N PRO A 794 -32.40 -1.06 17.30
CA PRO A 794 -32.39 -1.38 15.87
C PRO A 794 -31.00 -1.16 15.26
N ASP A 795 -30.89 -1.53 14.00
CA ASP A 795 -29.60 -1.40 13.33
C ASP A 795 -29.42 0.01 12.80
N PRO A 796 -28.29 0.65 13.09
CA PRO A 796 -28.01 1.96 12.49
C PRO A 796 -27.74 1.86 11.00
N SER A 797 -27.45 0.67 10.50
CA SER A 797 -27.10 0.51 9.10
C SER A 797 -28.28 0.80 8.18
N THR A 798 -29.50 0.55 8.65
CA THR A 798 -30.66 0.74 7.80
C THR A 798 -30.93 2.22 7.53
N THR A 799 -31.11 3.00 8.59
CA THR A 799 -31.38 4.41 8.41
C THR A 799 -30.15 5.15 7.91
N LEU A 800 -28.96 4.66 8.24
CA LEU A 800 -27.77 5.31 7.71
C LEU A 800 -27.65 5.07 6.21
N SER A 801 -27.75 3.81 5.77
CA SER A 801 -27.68 3.52 4.34
C SER A 801 -28.76 4.27 3.57
N GLN A 802 -29.97 4.31 4.13
CA GLN A 802 -31.04 5.05 3.47
C GLN A 802 -30.68 6.53 3.34
N SER A 803 -30.26 7.15 4.45
CA SER A 803 -29.87 8.55 4.40
C SER A 803 -28.79 8.79 3.35
N LEU A 804 -27.88 7.85 3.20
CA LEU A 804 -26.83 7.99 2.21
C LEU A 804 -27.37 7.87 0.79
N SER A 805 -28.32 6.96 0.55
CA SER A 805 -28.89 6.86 -0.79
C SER A 805 -29.61 8.15 -1.16
N VAL A 806 -30.44 8.66 -0.27
CA VAL A 806 -31.11 9.94 -0.54
C VAL A 806 -30.07 11.02 -0.80
N ALA A 807 -29.03 11.08 0.02
CA ALA A 807 -28.01 12.10 -0.15
C ALA A 807 -27.40 12.04 -1.55
N GLN A 808 -26.86 10.88 -1.92
CA GLN A 808 -26.19 10.76 -3.22
C GLN A 808 -27.16 10.99 -4.38
N VAL A 809 -28.42 10.59 -4.22
CA VAL A 809 -29.40 10.80 -5.28
C VAL A 809 -29.61 12.30 -5.51
N LEU A 810 -29.94 13.03 -4.45
CA LEU A 810 -30.09 14.47 -4.61
C LEU A 810 -28.81 15.12 -5.09
N SER A 811 -27.66 14.52 -4.75
CA SER A 811 -26.38 15.08 -5.13
C SER A 811 -26.16 14.99 -6.64
N LYS A 812 -26.38 13.81 -7.21
CA LYS A 812 -26.24 13.67 -8.65
C LYS A 812 -27.38 14.31 -9.41
N LEU A 813 -28.51 14.59 -8.75
CA LEU A 813 -29.66 15.12 -9.46
C LEU A 813 -29.37 16.50 -10.02
N THR A 814 -28.95 17.41 -9.15
CA THR A 814 -28.82 18.82 -9.49
C THR A 814 -27.64 19.12 -10.39
N LEU A 815 -26.82 18.13 -10.73
CA LEU A 815 -25.51 18.42 -11.27
C LEU A 815 -25.57 19.05 -12.65
N PRO A 816 -26.38 18.57 -13.60
CA PRO A 816 -26.46 19.27 -14.89
C PRO A 816 -26.92 20.71 -14.77
N ASP A 817 -27.98 20.96 -13.99
CA ASP A 817 -28.38 22.32 -13.67
C ASP A 817 -27.19 23.13 -13.21
N ALA A 818 -26.40 22.56 -12.30
CA ALA A 818 -25.31 23.29 -11.69
C ALA A 818 -24.22 23.60 -12.70
N PHE A 819 -23.91 22.63 -13.56
CA PHE A 819 -22.83 22.83 -14.52
C PHE A 819 -23.21 23.86 -15.56
N ILE A 820 -24.38 23.71 -16.17
CA ILE A 820 -24.80 24.69 -17.17
C ILE A 820 -24.90 26.06 -16.54
N ASN A 821 -25.60 26.16 -15.42
CA ASN A 821 -25.69 27.44 -14.73
C ASN A 821 -24.34 27.97 -14.29
N MET A 822 -23.33 27.11 -14.18
CA MET A 822 -22.00 27.56 -13.81
C MET A 822 -21.27 28.16 -15.01
N ILE A 823 -21.35 27.52 -16.17
CA ILE A 823 -20.72 28.08 -17.36
C ILE A 823 -21.29 29.46 -17.65
N LEU A 824 -22.58 29.63 -17.41
CA LEU A 824 -23.26 30.88 -17.64
C LEU A 824 -23.30 31.76 -16.40
N SER A 825 -22.57 31.37 -15.34
CA SER A 825 -22.66 32.00 -14.02
C SER A 825 -22.69 33.51 -14.10
N GLY A 826 -21.88 34.08 -14.99
CA GLY A 826 -22.30 35.31 -15.61
C GLY A 826 -21.65 35.52 -16.94
N GLY A 827 -22.42 36.07 -17.86
CA GLY A 827 -23.85 36.04 -17.64
C GLY A 827 -24.71 37.03 -18.38
N ASP A 828 -25.85 37.33 -17.76
CA ASP A 828 -26.74 38.32 -18.31
C ASP A 828 -26.05 39.67 -18.35
N SER A 829 -26.57 40.56 -19.18
CA SER A 829 -25.89 41.79 -19.49
C SER A 829 -26.83 42.97 -19.25
N VAL A 830 -26.33 43.96 -18.55
CA VAL A 830 -26.99 45.26 -18.51
C VAL A 830 -26.66 46.01 -19.79
N VAL A 831 -27.56 46.89 -20.19
CA VAL A 831 -27.42 47.64 -21.43
C VAL A 831 -26.66 48.92 -21.12
N MET A 832 -25.49 49.07 -21.72
CA MET A 832 -24.57 50.14 -21.38
C MET A 832 -24.48 51.14 -22.52
N ARG A 833 -24.18 52.38 -22.17
CA ARG A 833 -23.94 53.44 -23.15
C ARG A 833 -22.61 54.12 -22.83
N THR A 834 -21.83 54.38 -23.87
CA THR A 834 -20.49 54.93 -23.71
C THR A 834 -20.43 56.29 -24.40
N TYR A 835 -20.33 57.36 -23.61
CA TYR A 835 -20.31 58.71 -24.15
C TYR A 835 -18.87 59.11 -24.45
N GLN A 836 -18.61 59.43 -25.72
CA GLN A 836 -17.25 59.66 -26.18
C GLN A 836 -16.73 61.00 -25.70
N THR A 837 -15.41 61.10 -25.59
CA THR A 837 -14.77 62.33 -25.16
C THR A 837 -13.29 62.33 -25.56
N GLU A 845 -14.24 58.16 -25.64
CA GLU A 845 -13.14 57.48 -24.95
C GLU A 845 -13.51 56.09 -24.41
N GLY A 846 -14.70 55.89 -23.82
CA GLY A 846 -15.62 56.92 -23.37
C GLY A 846 -15.83 57.00 -21.86
N ILE A 847 -16.98 57.54 -21.49
CA ILE A 847 -17.54 57.39 -20.15
C ILE A 847 -18.70 56.42 -20.26
N ARG A 848 -18.67 55.36 -19.45
CA ARG A 848 -19.68 54.32 -19.56
C ARG A 848 -20.87 54.63 -18.67
N MET A 849 -22.07 54.38 -19.19
CA MET A 849 -23.31 54.87 -18.63
C MET A 849 -24.33 53.74 -18.61
N THR A 850 -25.26 53.79 -17.66
CA THR A 850 -26.36 52.84 -17.64
C THR A 850 -27.52 53.40 -16.85
N THR A 851 -28.67 52.77 -16.99
CA THR A 851 -29.91 53.21 -16.36
C THR A 851 -30.13 52.53 -15.02
N TYR A 852 -30.77 53.26 -14.11
CA TYR A 852 -31.11 52.73 -12.81
C TYR A 852 -32.05 51.52 -12.91
N ASP A 853 -32.64 51.29 -14.08
CA ASP A 853 -33.46 50.09 -14.27
C ASP A 853 -32.59 48.87 -14.51
N GLN A 854 -31.58 48.99 -15.38
CA GLN A 854 -30.63 47.91 -15.58
C GLN A 854 -29.90 47.61 -14.29
N TYR A 855 -29.36 48.65 -13.65
CA TYR A 855 -28.69 48.47 -12.36
C TYR A 855 -29.64 47.85 -11.35
N LEU A 856 -30.81 48.44 -11.17
CA LEU A 856 -31.69 48.00 -10.10
C LEU A 856 -32.22 46.59 -10.34
N SER A 857 -32.19 46.12 -11.58
CA SER A 857 -32.56 44.73 -11.87
C SER A 857 -31.36 43.80 -11.67
N HIS A 858 -30.35 43.93 -12.54
CA HIS A 858 -29.25 42.99 -12.58
C HIS A 858 -28.20 43.25 -11.51
N ILE A 859 -27.76 44.50 -11.36
CA ILE A 859 -26.54 44.76 -10.60
C ILE A 859 -26.80 44.72 -9.11
N ARG A 860 -27.64 45.63 -8.60
CA ARG A 860 -27.72 45.86 -7.16
C ARG A 860 -28.01 44.60 -6.37
N GLU A 861 -28.66 43.61 -6.98
CA GLU A 861 -28.96 42.40 -6.22
C GLU A 861 -27.72 41.52 -6.05
N ARG A 862 -26.91 41.39 -7.09
CA ARG A 862 -25.67 40.63 -6.94
C ARG A 862 -24.69 41.39 -6.08
N LEU A 863 -24.59 42.69 -6.31
CA LEU A 863 -23.87 43.58 -5.42
C LEU A 863 -24.34 43.36 -3.98
N HIS A 864 -25.63 43.08 -3.81
CA HIS A 864 -26.19 42.81 -2.50
C HIS A 864 -25.76 41.45 -1.97
N ILE A 865 -25.48 40.50 -2.87
CA ILE A 865 -25.03 39.18 -2.45
C ILE A 865 -23.57 39.20 -2.05
N THR A 866 -22.72 39.84 -2.84
CA THR A 866 -21.31 39.97 -2.50
C THR A 866 -21.09 40.69 -1.19
N ASN A 867 -22.12 41.32 -0.64
CA ASN A 867 -22.09 41.87 0.71
C ASN A 867 -21.09 43.02 0.82
N VAL A 868 -20.97 43.80 -0.25
CA VAL A 868 -20.14 44.99 -0.28
C VAL A 868 -20.99 46.19 0.12
N PRO A 869 -20.41 47.28 0.60
CA PRO A 869 -21.17 48.35 1.24
C PRO A 869 -21.85 49.35 0.31
N ASP A 870 -22.65 48.85 -0.65
CA ASP A 870 -23.74 49.64 -1.25
C ASP A 870 -23.28 51.01 -1.76
N PRO A 871 -22.75 51.09 -2.98
CA PRO A 871 -21.78 52.14 -3.34
C PRO A 871 -22.32 53.55 -3.14
N ILE A 872 -21.40 54.50 -3.35
CA ILE A 872 -21.66 55.89 -3.04
C ILE A 872 -22.46 56.54 -4.16
N TYR A 873 -23.16 57.62 -3.81
CA TYR A 873 -23.59 58.58 -4.81
C TYR A 873 -22.38 59.40 -5.26
N ILE A 874 -22.57 60.29 -6.22
CA ILE A 874 -21.50 61.16 -6.67
C ILE A 874 -21.97 62.58 -6.87
N THR A 875 -20.98 63.46 -6.87
CA THR A 875 -21.01 64.84 -7.30
C THR A 875 -22.19 65.55 -6.57
N GLY A 876 -22.75 66.69 -7.02
CA GLY A 876 -22.02 67.70 -7.75
C GLY A 876 -20.70 67.99 -7.06
N ALA A 877 -19.62 67.87 -7.82
CA ALA A 877 -18.26 68.09 -7.34
C ALA A 877 -17.97 67.21 -6.11
N SER A 878 -17.81 65.92 -6.36
CA SER A 878 -17.51 65.01 -5.26
C SER A 878 -16.01 64.98 -4.94
N THR A 879 -15.24 64.14 -5.67
CA THR A 879 -13.78 64.01 -5.77
C THR A 879 -13.40 62.71 -6.45
N PRO A 880 -12.32 62.68 -7.23
CA PRO A 880 -11.90 61.40 -7.86
C PRO A 880 -11.57 60.31 -6.86
N ASP A 881 -10.77 60.65 -5.84
CA ASP A 881 -10.32 59.66 -4.88
C ASP A 881 -11.41 59.22 -3.92
N GLN A 882 -12.57 59.88 -3.93
CA GLN A 882 -13.71 59.32 -3.22
C GLN A 882 -14.40 58.23 -4.04
N ILE A 883 -14.50 58.43 -5.36
CA ILE A 883 -14.90 57.34 -6.23
C ILE A 883 -13.92 56.18 -6.11
N ALA A 884 -12.61 56.49 -6.10
CA ALA A 884 -11.61 55.44 -5.93
C ALA A 884 -11.84 54.67 -4.64
N ALA A 885 -12.15 55.38 -3.56
CA ALA A 885 -12.38 54.68 -2.29
C ALA A 885 -13.63 53.83 -2.35
N SER A 886 -14.68 54.31 -3.05
CA SER A 886 -15.88 53.50 -3.22
C SER A 886 -15.58 52.23 -4.00
N VAL A 887 -15.11 52.39 -5.24
CA VAL A 887 -14.79 51.26 -6.09
C VAL A 887 -13.78 50.34 -5.43
N GLN A 888 -13.04 50.88 -4.47
CA GLN A 888 -12.15 50.05 -3.65
C GLN A 888 -12.95 49.23 -2.63
N ALA A 889 -13.97 49.85 -2.04
CA ALA A 889 -14.76 49.16 -1.01
C ALA A 889 -15.78 48.21 -1.60
N THR A 890 -16.36 48.54 -2.75
CA THR A 890 -17.37 47.70 -3.36
C THR A 890 -16.81 46.73 -4.40
N HIS A 891 -15.49 46.72 -4.61
CA HIS A 891 -14.84 45.69 -5.40
C HIS A 891 -15.28 45.68 -6.85
N VAL A 892 -16.28 46.48 -7.18
CA VAL A 892 -16.80 46.59 -8.54
C VAL A 892 -16.82 48.07 -8.91
N ALA A 893 -16.74 48.35 -10.19
CA ALA A 893 -16.72 49.73 -10.66
C ALA A 893 -18.15 50.14 -11.02
N VAL A 894 -18.76 50.94 -10.15
CA VAL A 894 -20.08 51.50 -10.39
C VAL A 894 -20.25 52.67 -9.45
N VAL A 895 -21.16 53.58 -9.80
CA VAL A 895 -21.50 54.68 -8.91
C VAL A 895 -22.84 55.24 -9.38
N LEU A 896 -23.40 56.21 -8.67
CA LEU A 896 -24.86 56.30 -8.63
C LEU A 896 -25.52 57.61 -9.03
N TYR A 897 -25.15 58.74 -8.42
CA TYR A 897 -26.08 59.87 -8.33
C TYR A 897 -26.20 60.67 -9.63
N GLN A 898 -25.13 61.35 -10.05
CA GLN A 898 -25.03 62.15 -11.28
C GLN A 898 -25.86 63.43 -11.31
N SER A 899 -26.60 63.77 -10.25
CA SER A 899 -27.39 64.99 -10.26
C SER A 899 -26.49 66.12 -9.76
N GLY A 900 -26.10 66.98 -10.67
CA GLY A 900 -25.05 67.94 -10.42
C GLY A 900 -24.28 68.18 -11.69
N VAL A 901 -23.03 68.58 -11.52
CA VAL A 901 -22.04 68.47 -12.58
C VAL A 901 -20.86 67.68 -12.02
N ILE A 902 -20.34 66.76 -12.83
CA ILE A 902 -19.27 65.89 -12.37
C ILE A 902 -17.91 66.58 -12.47
N ASN A 903 -17.81 67.61 -13.28
CA ASN A 903 -16.66 68.45 -13.65
C ASN A 903 -15.47 67.59 -14.06
N GLY A 904 -14.26 68.11 -13.87
CA GLY A 904 -13.15 67.57 -14.63
C GLY A 904 -12.31 66.51 -13.94
N SER A 905 -12.24 66.59 -12.61
CA SER A 905 -11.42 65.65 -11.89
C SER A 905 -12.12 64.31 -11.78
N ALA A 906 -13.40 64.34 -11.41
CA ALA A 906 -14.19 63.11 -11.41
C ALA A 906 -14.52 62.69 -12.83
N SER A 907 -14.96 63.64 -13.67
CA SER A 907 -15.31 63.29 -15.05
C SER A 907 -14.14 62.64 -15.76
N THR A 908 -12.91 63.07 -15.44
CA THR A 908 -11.74 62.42 -16.02
C THR A 908 -11.42 61.12 -15.30
N TYR A 909 -11.51 61.10 -13.97
CA TYR A 909 -11.18 59.88 -13.22
C TYR A 909 -12.00 58.71 -13.69
N LEU A 910 -13.30 58.89 -13.82
CA LEU A 910 -14.20 57.77 -14.08
C LEU A 910 -14.15 57.34 -15.53
N ARG A 911 -13.30 57.98 -16.33
CA ARG A 911 -13.08 57.60 -17.72
C ARG A 911 -11.98 56.54 -17.83
N GLU A 912 -10.75 56.90 -17.46
CA GLU A 912 -9.64 55.96 -17.64
C GLU A 912 -9.73 54.80 -16.66
N ASN A 913 -10.07 55.06 -15.40
CA ASN A 913 -10.30 53.98 -14.46
C ASN A 913 -11.46 53.08 -14.87
N GLU A 914 -12.26 53.51 -15.84
CA GLU A 914 -13.23 52.64 -16.51
C GLU A 914 -14.32 52.17 -15.54
N VAL A 915 -14.80 53.08 -14.70
CA VAL A 915 -15.95 52.79 -13.84
C VAL A 915 -17.18 53.27 -14.57
N LEU A 916 -18.27 52.52 -14.46
CA LEU A 916 -19.51 52.84 -15.15
C LEU A 916 -20.43 53.59 -14.21
N VAL A 917 -21.17 54.55 -14.75
CA VAL A 917 -21.98 55.44 -13.95
C VAL A 917 -23.44 55.19 -14.31
N VAL A 918 -24.24 54.82 -13.32
CA VAL A 918 -25.67 54.63 -13.49
C VAL A 918 -26.39 55.86 -12.99
N MET A 919 -27.34 56.36 -13.76
CA MET A 919 -28.17 57.49 -13.36
C MET A 919 -29.63 57.23 -13.67
N PRO A 920 -30.53 58.12 -13.24
CA PRO A 920 -31.90 58.08 -13.73
C PRO A 920 -32.05 58.70 -15.11
N ASP A 921 -32.97 58.12 -15.87
CA ASP A 921 -33.26 58.44 -17.27
C ASP A 921 -31.99 58.49 -18.09
N TYR A 922 -32.02 59.16 -19.25
CA TYR A 922 -30.85 59.77 -19.83
C TYR A 922 -30.92 61.27 -20.11
N TYR A 923 -32.06 61.91 -19.90
CA TYR A 923 -32.36 63.12 -20.69
C TYR A 923 -31.23 64.16 -20.66
N ASP A 924 -30.62 64.36 -19.50
CA ASP A 924 -29.68 65.45 -19.27
C ASP A 924 -28.21 65.03 -19.39
N VAL A 925 -27.93 63.78 -19.81
CA VAL A 925 -26.69 63.09 -19.43
C VAL A 925 -25.47 63.99 -19.59
N VAL A 926 -25.24 64.51 -20.78
CA VAL A 926 -24.01 65.26 -20.98
C VAL A 926 -24.06 66.57 -20.24
N SER A 927 -25.18 67.28 -20.32
CA SER A 927 -25.27 68.56 -19.63
C SER A 927 -25.25 68.41 -18.12
N ARG A 928 -25.36 67.19 -17.59
CA ARG A 928 -25.15 66.97 -16.16
C ARG A 928 -23.78 66.33 -15.93
N ASN A 937 -22.05 64.98 -25.88
CA ASN A 937 -23.05 65.90 -26.40
C ASN A 937 -24.40 65.24 -26.65
N ASN A 938 -24.81 64.40 -25.69
CA ASN A 938 -26.06 63.63 -25.68
C ASN A 938 -26.30 63.00 -27.05
N ASN A 939 -25.20 62.63 -27.70
CA ASN A 939 -25.16 61.90 -28.96
C ASN A 939 -23.81 61.20 -28.98
N ARG A 940 -23.45 60.65 -30.16
CA ARG A 940 -22.18 59.93 -30.37
C ARG A 940 -21.90 58.95 -29.25
N TYR A 941 -22.96 58.38 -28.69
CA TYR A 941 -22.86 57.42 -27.61
C TYR A 941 -22.98 56.03 -28.21
N HIS A 942 -22.10 55.13 -27.79
CA HIS A 942 -22.24 53.76 -28.23
C HIS A 942 -23.31 53.07 -27.40
N GLU A 943 -23.89 52.02 -27.97
CA GLU A 943 -24.89 51.20 -27.28
C GLU A 943 -24.26 49.85 -27.02
N SER A 944 -24.01 49.55 -25.76
CA SER A 944 -23.03 48.53 -25.40
C SER A 944 -23.66 47.48 -24.50
N VAL A 945 -22.92 46.38 -24.33
CA VAL A 945 -23.37 45.19 -23.62
C VAL A 945 -22.28 44.76 -22.65
N LEU A 946 -22.58 44.79 -21.37
CA LEU A 946 -21.64 44.36 -20.34
C LEU A 946 -21.96 42.95 -19.91
N GLU A 947 -21.08 42.01 -20.21
CA GLU A 947 -21.20 40.70 -19.61
C GLU A 947 -20.90 40.86 -18.14
N ILE A 948 -21.86 40.52 -17.28
CA ILE A 948 -21.74 40.85 -15.87
C ILE A 948 -20.54 40.17 -15.25
N ALA A 949 -19.98 39.17 -15.93
CA ALA A 949 -18.70 38.63 -15.53
C ALA A 949 -17.56 39.63 -15.71
N ASP A 950 -17.77 40.69 -16.50
CA ASP A 950 -16.74 41.71 -16.61
C ASP A 950 -16.64 42.54 -15.35
N ILE A 951 -17.76 43.10 -14.88
CA ILE A 951 -17.68 43.98 -13.73
C ILE A 951 -17.60 43.20 -12.42
N PHE A 952 -18.20 42.01 -12.34
CA PHE A 952 -18.14 41.18 -11.16
C PHE A 952 -17.12 40.07 -11.38
N ASP A 953 -15.98 40.17 -10.71
CA ASP A 953 -15.00 39.10 -10.67
C ASP A 953 -14.93 38.58 -9.25
N GLN A 954 -15.46 37.38 -9.04
CA GLN A 954 -15.52 36.76 -7.73
C GLN A 954 -15.37 35.27 -7.92
N ALA A 955 -14.66 34.63 -7.00
CA ALA A 955 -14.28 33.23 -7.20
C ALA A 955 -15.50 32.32 -7.26
N ASP A 956 -16.29 32.30 -6.19
CA ASP A 956 -17.34 31.31 -6.02
C ASP A 956 -18.71 31.80 -6.45
N PHE A 957 -18.83 33.04 -6.92
CA PHE A 957 -20.15 33.58 -7.24
C PHE A 957 -20.38 33.53 -8.74
N ILE A 958 -19.72 34.42 -9.47
CA ILE A 958 -19.72 34.31 -10.92
C ILE A 958 -18.47 33.52 -11.27
N GLN A 959 -18.28 33.14 -12.52
CA GLN A 959 -17.05 32.48 -12.92
C GLN A 959 -16.40 33.30 -14.02
N THR A 960 -15.30 33.93 -13.68
CA THR A 960 -14.41 34.52 -14.65
C THR A 960 -13.26 33.55 -14.89
N SER A 961 -12.86 33.42 -16.14
CA SER A 961 -11.83 32.52 -16.59
C SER A 961 -11.67 32.82 -18.06
N ASP A 962 -10.54 32.41 -18.62
CA ASP A 962 -10.36 32.64 -20.04
C ASP A 962 -10.87 31.48 -20.88
N ALA A 963 -11.10 30.32 -20.28
CA ALA A 963 -11.68 29.22 -21.05
C ALA A 963 -13.18 29.41 -21.21
N VAL A 964 -13.88 29.70 -20.11
CA VAL A 964 -15.32 29.88 -20.18
C VAL A 964 -15.64 31.18 -20.90
N ARG A 965 -14.80 32.21 -20.74
CA ARG A 965 -15.00 33.46 -21.47
C ARG A 965 -15.07 33.20 -22.96
N GLN A 966 -14.12 32.44 -23.50
CA GLN A 966 -14.05 32.20 -24.92
C GLN A 966 -14.93 31.06 -25.38
N LEU A 967 -15.43 30.22 -24.47
CA LEU A 967 -16.54 29.34 -24.83
C LEU A 967 -17.74 30.17 -25.26
N ARG A 968 -18.20 31.05 -24.38
CA ARG A 968 -19.40 31.83 -24.65
C ARG A 968 -19.22 32.77 -25.82
N ALA A 969 -17.97 33.07 -26.20
CA ALA A 969 -17.74 33.71 -27.49
C ALA A 969 -18.27 32.84 -28.63
N LEU A 970 -18.21 31.53 -28.47
CA LEU A 970 -18.76 30.59 -29.43
C LEU A 970 -20.06 30.08 -28.83
N MET A 971 -21.19 30.60 -29.29
CA MET A 971 -22.43 30.26 -28.60
C MET A 971 -23.63 30.92 -29.25
N PRO A 972 -24.65 30.27 -29.37
CA PRO A 972 -25.78 30.75 -30.17
C PRO A 972 -26.82 31.53 -29.38
N THR A 973 -26.39 32.68 -28.83
CA THR A 973 -27.27 33.67 -28.21
C THR A 973 -28.42 33.05 -27.41
N LEU A 974 -28.09 32.43 -26.29
CA LEU A 974 -28.98 31.49 -25.64
C LEU A 974 -30.28 32.13 -25.16
N SER A 975 -31.38 31.46 -25.43
CA SER A 975 -32.68 31.81 -24.87
C SER A 975 -32.76 31.30 -23.43
N THR A 976 -33.94 31.41 -22.82
CA THR A 976 -34.21 30.75 -21.55
C THR A 976 -34.81 29.37 -21.73
N SER A 977 -35.00 28.95 -22.98
CA SER A 977 -35.49 27.64 -23.34
C SER A 977 -34.34 26.73 -23.77
N GLN A 978 -33.58 27.17 -24.77
CA GLN A 978 -32.40 26.47 -25.26
C GLN A 978 -31.53 25.97 -24.12
N ILE A 979 -31.39 26.78 -23.08
CA ILE A 979 -30.54 26.41 -21.96
C ILE A 979 -31.15 25.23 -21.21
N ARG A 980 -32.47 25.23 -21.04
CA ARG A 980 -33.13 24.07 -20.46
C ARG A 980 -32.87 22.83 -21.31
N HIS A 981 -33.19 22.91 -22.60
CA HIS A 981 -32.94 21.81 -23.52
C HIS A 981 -31.53 21.27 -23.37
N ALA A 982 -30.55 22.17 -23.24
CA ALA A 982 -29.19 21.73 -22.98
C ALA A 982 -29.12 20.95 -21.68
N ILE A 983 -29.85 21.39 -20.65
CA ILE A 983 -29.75 20.71 -19.37
C ILE A 983 -30.37 19.32 -19.43
N GLU A 984 -31.44 19.13 -20.19
CA GLU A 984 -31.94 17.76 -20.36
C GLU A 984 -30.98 16.92 -21.19
N ARG A 985 -30.43 17.48 -22.26
CA ARG A 985 -29.59 16.67 -23.13
C ARG A 985 -28.27 16.30 -22.45
N ILE A 986 -27.82 17.05 -21.44
CA ILE A 986 -26.78 16.51 -20.57
C ILE A 986 -27.38 15.50 -19.60
N ALA A 987 -28.50 15.87 -18.97
CA ALA A 987 -29.07 15.08 -17.88
C ALA A 987 -29.33 13.65 -18.30
N GLN A 988 -29.69 13.42 -19.55
CA GLN A 988 -29.96 12.05 -19.97
C GLN A 988 -28.68 11.28 -20.26
N ILE A 989 -27.52 11.93 -20.12
CA ILE A 989 -26.24 11.25 -20.08
C ILE A 989 -25.83 11.20 -18.61
N THR A 990 -25.93 10.02 -18.03
CA THR A 990 -25.74 9.83 -16.60
C THR A 990 -24.37 9.25 -16.28
N ASP A 996 -32.56 -0.16 -6.82
CA ASP A 996 -32.02 0.85 -5.93
C ASP A 996 -33.10 1.40 -5.00
N TYR A 997 -32.66 1.92 -3.85
CA TYR A 997 -33.55 2.71 -3.02
C TYR A 997 -33.66 4.14 -3.52
N GLY A 998 -32.60 4.63 -4.16
CA GLY A 998 -32.69 5.92 -4.82
C GLY A 998 -33.75 5.95 -5.90
N LYS A 999 -34.06 4.79 -6.49
CA LYS A 999 -35.17 4.71 -7.42
C LYS A 999 -36.50 4.86 -6.70
N LEU A 1000 -36.59 4.37 -5.47
CA LEU A 1000 -37.78 4.61 -4.66
C LEU A 1000 -37.93 6.08 -4.35
N THR A 1001 -36.82 6.75 -4.03
CA THR A 1001 -36.91 8.16 -3.64
C THR A 1001 -37.16 9.06 -4.83
N LEU A 1002 -36.51 8.80 -5.96
CA LEU A 1002 -36.57 9.75 -7.06
C LEU A 1002 -37.94 9.76 -7.74
N ARG A 1003 -38.81 8.81 -7.42
CA ARG A 1003 -40.23 8.98 -7.71
C ARG A 1003 -40.85 9.94 -6.71
N PHE A 1004 -40.88 9.53 -5.46
CA PHE A 1004 -41.53 10.22 -4.38
C PHE A 1004 -40.80 11.52 -4.03
N MET A 1014 -31.96 28.96 -11.43
CA MET A 1014 -30.96 29.08 -10.38
C MET A 1014 -29.63 29.61 -10.94
N GLN A 1015 -29.67 30.72 -11.68
CA GLN A 1015 -28.46 31.27 -12.27
C GLN A 1015 -27.39 31.57 -11.25
N ASN A 1016 -27.57 32.61 -10.47
CA ASN A 1016 -26.73 32.80 -9.28
C ASN A 1016 -27.69 32.60 -8.12
N ALA A 1017 -27.58 31.44 -7.48
CA ALA A 1017 -28.60 30.98 -6.55
C ALA A 1017 -27.90 30.63 -5.25
N GLN A 1018 -28.30 31.29 -4.17
CA GLN A 1018 -27.59 31.11 -2.92
C GLN A 1018 -28.58 31.05 -1.77
N ILE A 1019 -28.21 30.30 -0.76
CA ILE A 1019 -29.08 30.10 0.39
C ILE A 1019 -29.02 31.37 1.22
N ARG A 1020 -30.17 31.99 1.43
CA ARG A 1020 -30.26 33.21 2.22
C ARG A 1020 -31.41 33.05 3.21
N ARG A 1021 -31.49 33.98 4.14
CA ARG A 1021 -32.45 33.93 5.23
C ARG A 1021 -33.33 35.16 5.13
N ILE A 1022 -34.59 34.99 4.79
CA ILE A 1022 -35.47 36.14 4.60
C ILE A 1022 -36.21 36.43 5.89
N ARG A 1023 -36.41 37.70 6.18
CA ARG A 1023 -37.27 38.04 7.29
C ARG A 1023 -38.73 37.93 6.86
N PRO A 1024 -39.62 37.58 7.79
CA PRO A 1024 -40.93 37.02 7.40
C PRO A 1024 -41.70 37.73 6.30
N ASP A 1025 -41.61 39.05 6.20
CA ASP A 1025 -42.43 39.71 5.20
C ASP A 1025 -41.83 39.63 3.79
N GLY A 1026 -40.53 39.50 3.70
CA GLY A 1026 -39.84 39.58 2.43
C GLY A 1026 -38.42 40.07 2.66
N THR A 1027 -37.87 40.72 1.64
CA THR A 1027 -36.62 41.45 1.78
C THR A 1027 -35.50 40.51 2.21
N VAL A 1028 -34.99 39.72 1.26
CA VAL A 1028 -33.92 38.79 1.54
C VAL A 1028 -32.83 39.47 2.34
N LEU A 1029 -32.33 38.79 3.36
CA LEU A 1029 -31.32 39.37 4.23
C LEU A 1029 -29.92 39.13 3.71
N ARG A 1030 -29.09 40.15 3.83
CA ARG A 1030 -27.67 40.01 3.60
C ARG A 1030 -27.09 39.03 4.61
N TYR A 1031 -25.93 38.45 4.25
CA TYR A 1031 -25.52 37.15 4.80
C TYR A 1031 -25.47 37.11 6.33
N ASP A 1032 -25.18 38.23 7.01
CA ASP A 1032 -25.18 38.23 8.47
C ASP A 1032 -24.27 37.18 9.08
N ASP A 1033 -22.96 37.42 9.04
CA ASP A 1033 -21.96 36.43 9.48
C ASP A 1033 -22.34 35.73 10.77
N GLN A 1034 -22.73 36.49 11.79
CA GLN A 1034 -22.89 35.89 13.10
C GLN A 1034 -24.11 34.98 13.19
N ILE A 1035 -25.13 35.22 12.37
CA ILE A 1035 -26.39 34.51 12.57
C ILE A 1035 -26.38 33.13 11.93
N ASP A 1036 -25.85 32.98 10.72
CA ASP A 1036 -26.11 31.77 9.95
C ASP A 1036 -24.83 31.05 9.55
N ILE A 1037 -25.02 29.79 9.14
CA ILE A 1037 -23.93 28.85 8.91
C ILE A 1037 -23.03 29.31 7.79
N GLU A 1038 -21.79 28.82 7.82
CA GLU A 1038 -20.78 29.25 6.86
C GLU A 1038 -21.05 28.71 5.46
N ALA A 1039 -21.59 27.50 5.37
CA ALA A 1039 -21.74 26.86 4.07
C ALA A 1039 -22.70 27.61 3.15
N PHE A 1040 -23.47 28.55 3.66
CA PHE A 1040 -24.42 29.29 2.85
C PHE A 1040 -23.85 30.59 2.31
N ARG A 1041 -22.62 30.96 2.71
CA ARG A 1041 -22.06 32.22 2.24
C ARG A 1041 -21.88 32.21 0.74
N TRP A 1042 -21.15 31.24 0.21
CA TRP A 1042 -21.04 31.05 -1.22
C TRP A 1042 -21.58 29.68 -1.57
N SER A 1043 -22.45 29.64 -2.57
CA SER A 1043 -23.07 28.40 -3.00
C SER A 1043 -22.15 27.54 -3.85
N ARG A 1044 -20.98 28.05 -4.23
CA ARG A 1044 -19.96 27.27 -4.92
C ARG A 1044 -20.52 26.67 -6.21
N TYR A 1045 -21.47 27.36 -6.84
CA TYR A 1045 -22.14 26.92 -8.06
C TYR A 1045 -23.02 25.72 -7.82
N PHE A 1046 -23.07 25.20 -6.59
CA PHE A 1046 -23.64 23.89 -6.27
C PHE A 1046 -22.84 22.78 -6.94
N LEU A 1047 -21.52 22.88 -6.82
CA LEU A 1047 -20.62 21.81 -7.25
C LEU A 1047 -19.68 21.49 -6.11
N ASP A 1048 -18.99 20.36 -6.22
CA ASP A 1048 -18.20 19.84 -5.12
C ASP A 1048 -16.82 20.49 -5.11
N GLU A 1049 -16.01 20.13 -4.12
CA GLU A 1049 -14.63 20.60 -4.07
C GLU A 1049 -13.80 19.96 -5.17
N LEU A 1050 -13.84 18.63 -5.26
CA LEU A 1050 -13.05 17.95 -6.27
C LEU A 1050 -13.48 18.34 -7.67
N ARG A 1051 -14.77 18.56 -7.89
CA ARG A 1051 -15.21 18.93 -9.23
C ARG A 1051 -14.73 20.32 -9.60
N LEU A 1052 -14.53 21.19 -8.63
CA LEU A 1052 -13.96 22.50 -8.94
C LEU A 1052 -12.46 22.42 -9.16
N ARG A 1053 -11.75 21.56 -8.44
CA ARG A 1053 -10.33 21.38 -8.71
C ARG A 1053 -10.10 20.77 -10.10
N ARG A 1054 -10.66 19.60 -10.35
CA ARG A 1054 -10.45 19.02 -11.66
C ARG A 1054 -11.20 19.77 -12.75
N LEU A 1055 -12.11 20.67 -12.39
CA LEU A 1055 -12.57 21.68 -13.33
C LEU A 1055 -11.43 22.62 -13.70
N SER A 1056 -10.70 23.09 -12.68
CA SER A 1056 -9.53 23.92 -12.94
C SER A 1056 -8.54 23.23 -13.86
N VAL A 1057 -8.47 21.90 -13.82
CA VAL A 1057 -7.67 21.20 -14.82
C VAL A 1057 -8.36 21.19 -16.17
N GLY A 1058 -9.64 20.84 -16.19
CA GLY A 1058 -10.35 20.70 -17.45
C GLY A 1058 -10.41 21.97 -18.27
N LEU A 1059 -10.30 23.13 -17.62
CA LEU A 1059 -10.29 24.38 -18.39
C LEU A 1059 -9.00 24.49 -19.17
N ARG A 1060 -7.86 24.21 -18.54
CA ARG A 1060 -6.61 24.13 -19.28
C ARG A 1060 -6.63 23.02 -20.31
N LEU A 1061 -7.49 22.02 -20.14
CA LEU A 1061 -7.70 21.06 -21.22
C LEU A 1061 -8.42 21.72 -22.39
N ILE A 1062 -9.49 22.46 -22.12
CA ILE A 1062 -10.30 23.02 -23.20
C ILE A 1062 -9.55 24.09 -23.96
N THR A 1063 -8.79 24.92 -23.26
CA THR A 1063 -8.18 26.08 -23.90
C THR A 1063 -6.91 25.76 -24.66
N ASN A 1064 -6.49 24.50 -24.69
CA ASN A 1064 -5.27 24.15 -25.38
C ASN A 1064 -5.41 24.46 -26.87
N PRO A 1065 -4.42 25.10 -27.50
CA PRO A 1065 -4.52 25.38 -28.92
C PRO A 1065 -4.50 24.13 -29.78
N ARG A 1066 -3.99 23.03 -29.25
CA ARG A 1066 -3.91 21.79 -30.01
C ARG A 1066 -5.25 21.06 -30.04
N ILE A 1067 -6.19 21.43 -29.17
CA ILE A 1067 -7.50 20.77 -29.15
C ILE A 1067 -8.55 21.50 -29.98
N ALA A 1068 -8.29 22.72 -30.44
CA ALA A 1068 -9.26 23.42 -31.27
C ALA A 1068 -8.81 23.23 -32.71
N ARG A 1069 -9.43 22.27 -33.37
CA ARG A 1069 -9.22 22.00 -34.78
C ARG A 1069 -10.35 22.51 -35.64
N ARG A 1070 -11.35 23.16 -35.05
CA ARG A 1070 -12.36 23.85 -35.84
C ARG A 1070 -11.75 25.12 -36.38
N PHE A 1071 -11.87 25.32 -37.67
CA PHE A 1071 -11.25 26.44 -38.32
C PHE A 1071 -12.34 27.36 -38.83
N ASP A 1072 -11.93 28.53 -39.31
CA ASP A 1072 -12.91 29.42 -39.90
C ASP A 1072 -12.20 30.37 -40.84
N GLY A 1073 -12.91 30.74 -41.89
CA GLY A 1073 -12.35 31.53 -42.97
C GLY A 1073 -11.86 30.61 -44.05
N VAL A 1074 -12.03 31.01 -45.30
CA VAL A 1074 -11.62 30.23 -46.46
C VAL A 1074 -11.15 31.21 -47.51
N ARG A 1075 -10.00 30.97 -48.10
CA ARG A 1075 -9.49 31.80 -49.18
C ARG A 1075 -9.75 31.07 -50.49
N ILE A 1076 -10.68 31.59 -51.29
CA ILE A 1076 -10.99 31.00 -52.58
C ILE A 1076 -10.15 31.72 -53.62
N MET A 1077 -9.17 31.00 -54.15
CA MET A 1077 -8.20 31.56 -55.08
C MET A 1077 -7.87 30.49 -56.09
N TYR A 1078 -7.86 30.86 -57.36
CA TYR A 1078 -7.71 29.88 -58.43
C TYR A 1078 -6.23 29.75 -58.74
N LEU A 1079 -5.67 28.58 -58.43
CA LEU A 1079 -4.23 28.37 -58.51
C LEU A 1079 -3.96 26.91 -58.82
N THR A 1080 -2.82 26.66 -59.44
CA THR A 1080 -2.27 25.31 -59.47
C THR A 1080 -1.65 25.01 -58.12
N ASP A 1081 -1.60 23.74 -57.77
CA ASP A 1081 -0.92 23.31 -56.56
C ASP A 1081 0.22 22.37 -56.90
N ASP A 1082 1.37 22.63 -56.31
CA ASP A 1082 2.45 21.66 -56.07
C ASP A 1082 3.56 22.29 -55.24
N ASP A 1083 4.20 21.45 -54.43
CA ASP A 1083 3.53 20.24 -53.98
C ASP A 1083 2.42 20.68 -53.02
N PRO A 1084 1.29 19.98 -53.04
CA PRO A 1084 0.21 20.33 -52.11
C PRO A 1084 0.63 20.06 -50.67
N ASP A 1085 0.42 21.05 -49.81
CA ASP A 1085 0.75 20.91 -48.40
C ASP A 1085 -0.42 21.39 -47.55
N PRO A 1086 -0.66 20.76 -46.41
CA PRO A 1086 -1.89 21.04 -45.65
C PRO A 1086 -1.97 22.45 -45.13
N ASP A 1087 -0.85 23.13 -44.97
CA ASP A 1087 -0.85 24.53 -44.55
C ASP A 1087 -0.15 25.35 -45.62
N PHE A 1088 -0.92 26.13 -46.38
CA PHE A 1088 -0.33 26.89 -47.46
C PHE A 1088 -0.77 28.35 -47.42
N VAL A 1089 -2.08 28.59 -47.50
CA VAL A 1089 -2.72 29.90 -47.41
C VAL A 1089 -2.02 30.89 -48.34
N PRO A 1090 -2.28 30.82 -49.63
CA PRO A 1090 -1.58 31.69 -50.58
C PRO A 1090 -1.73 33.16 -50.21
N ASP A 1091 -0.70 33.93 -50.53
CA ASP A 1091 -0.72 35.36 -50.32
C ASP A 1091 -1.05 36.06 -51.64
N VAL A 1092 -1.81 37.15 -51.55
CA VAL A 1092 -2.19 37.87 -52.76
C VAL A 1092 -0.95 38.48 -53.39
N PRO A 1093 -0.79 38.42 -54.70
CA PRO A 1093 0.33 39.09 -55.36
C PRO A 1093 0.31 40.61 -55.20
N GLU A 1094 1.28 41.28 -55.82
CA GLU A 1094 1.49 42.71 -55.60
C GLU A 1094 0.27 43.57 -55.90
N GLY A 1095 -0.02 43.79 -57.18
CA GLY A 1095 -1.10 44.67 -57.57
C GLY A 1095 -2.44 44.05 -57.27
N TYR A 1096 -3.21 44.67 -56.39
CA TYR A 1096 -4.54 44.24 -56.00
C TYR A 1096 -5.17 45.38 -55.23
N VAL A 1097 -6.42 45.18 -54.83
CA VAL A 1097 -7.09 46.07 -53.92
C VAL A 1097 -7.77 45.20 -52.86
N ALA A 1098 -8.40 45.85 -51.89
CA ALA A 1098 -9.22 45.17 -50.92
C ALA A 1098 -10.61 45.80 -50.99
N VAL A 1099 -11.59 45.02 -51.40
CA VAL A 1099 -12.96 45.50 -51.53
C VAL A 1099 -13.85 44.66 -50.64
N GLN A 1100 -14.74 45.32 -49.90
CA GLN A 1100 -15.72 44.63 -49.08
C GLN A 1100 -16.90 44.27 -49.95
N TYR A 1101 -17.32 43.01 -49.91
CA TYR A 1101 -18.51 42.64 -50.63
C TYR A 1101 -19.71 43.37 -50.06
N ALA A 1102 -20.45 44.04 -50.93
CA ALA A 1102 -21.68 44.71 -50.53
C ALA A 1102 -22.73 44.45 -51.60
N HIS A 1103 -23.97 44.27 -51.17
CA HIS A 1103 -25.04 43.98 -52.11
C HIS A 1103 -25.25 45.11 -53.11
N ARG A 1104 -24.83 46.32 -52.75
CA ARG A 1104 -24.85 47.43 -53.69
C ARG A 1104 -23.76 47.31 -54.73
N LEU A 1105 -22.73 46.53 -54.46
CA LEU A 1105 -21.56 46.48 -55.33
C LEU A 1105 -21.81 45.65 -56.58
N PHE A 1106 -22.84 44.81 -56.56
CA PHE A 1106 -23.25 44.04 -57.73
C PHE A 1106 -24.68 44.38 -58.08
N SER A 1107 -25.01 44.23 -59.36
CA SER A 1107 -26.33 44.53 -59.89
C SER A 1107 -26.31 44.18 -61.37
N SER A 1108 -27.48 44.09 -61.96
CA SER A 1108 -27.53 43.84 -63.38
C SER A 1108 -27.30 45.14 -64.16
N SER A 1109 -27.23 44.99 -65.47
CA SER A 1109 -27.11 46.03 -66.48
C SER A 1109 -26.97 45.29 -67.79
N LEU A 1110 -27.27 45.96 -68.89
CA LEU A 1110 -27.17 45.32 -70.18
C LEU A 1110 -25.98 45.90 -70.93
N ALA A 1111 -24.95 45.09 -71.09
CA ALA A 1111 -23.85 45.40 -71.97
C ALA A 1111 -24.13 44.77 -73.32
N ASN A 1112 -24.07 45.58 -74.37
CA ASN A 1112 -24.53 45.24 -75.71
C ASN A 1112 -25.89 44.54 -75.64
N LYS A 1113 -25.99 43.32 -76.16
CA LYS A 1113 -27.27 42.64 -76.22
C LYS A 1113 -27.66 42.07 -74.87
N ARG A 1114 -26.85 41.17 -74.33
CA ARG A 1114 -27.22 40.40 -73.15
C ARG A 1114 -27.34 41.29 -71.92
N ASN A 1115 -28.06 40.80 -70.93
CA ASN A 1115 -28.30 41.49 -69.68
C ASN A 1115 -27.43 40.84 -68.61
N ARG A 1116 -26.39 41.53 -68.18
CA ARG A 1116 -25.29 40.93 -67.45
C ARG A 1116 -25.26 41.44 -66.01
N VAL A 1117 -24.75 40.62 -65.11
CA VAL A 1117 -24.45 41.10 -63.77
C VAL A 1117 -23.12 41.84 -63.83
N THR A 1118 -23.14 43.13 -63.52
CA THR A 1118 -21.97 43.97 -63.65
C THR A 1118 -21.42 44.29 -62.27
N TYR A 1119 -20.10 44.20 -62.15
CA TYR A 1119 -19.40 44.56 -60.93
C TYR A 1119 -18.90 45.99 -61.04
N THR A 1120 -19.48 46.87 -60.24
CA THR A 1120 -18.89 48.18 -60.04
C THR A 1120 -17.63 48.01 -59.20
N HIS A 1121 -16.71 48.95 -59.34
CA HIS A 1121 -15.50 48.88 -58.55
C HIS A 1121 -15.38 50.15 -57.72
N PRO A 1122 -15.09 50.06 -56.43
CA PRO A 1122 -15.10 51.25 -55.58
C PRO A 1122 -13.98 52.21 -55.90
N PRO A 1123 -12.72 51.76 -56.10
CA PRO A 1123 -11.67 52.74 -56.39
C PRO A 1123 -11.87 53.52 -57.67
N THR A 1124 -12.13 52.84 -58.79
CA THR A 1124 -12.20 53.52 -60.07
C THR A 1124 -13.63 53.79 -60.54
N GLY A 1125 -14.64 53.31 -59.85
CA GLY A 1125 -16.02 53.51 -60.28
C GLY A 1125 -16.43 52.71 -61.50
N MET A 1126 -15.52 51.99 -62.14
CA MET A 1126 -15.79 51.35 -63.43
C MET A 1126 -16.61 50.08 -63.25
N ALA A 1127 -17.68 49.95 -64.03
CA ALA A 1127 -18.49 48.74 -64.06
C ALA A 1127 -17.92 47.71 -65.01
N TYR A 1128 -18.10 46.44 -64.67
CA TYR A 1128 -17.42 45.33 -65.34
C TYR A 1128 -18.39 44.19 -65.61
N PRO A 1129 -19.08 44.23 -66.74
CA PRO A 1129 -20.03 43.15 -67.04
C PRO A 1129 -19.39 41.80 -67.30
N SER A 1130 -18.12 41.76 -67.69
CA SER A 1130 -17.49 40.52 -68.11
C SER A 1130 -16.59 39.99 -67.01
N PRO A 1131 -16.82 38.78 -66.50
CA PRO A 1131 -15.87 38.21 -65.53
C PRO A 1131 -14.46 38.09 -66.04
N THR A 1132 -14.25 38.16 -67.36
CA THR A 1132 -12.91 38.33 -67.90
C THR A 1132 -12.68 39.82 -68.16
N GLY A 1133 -11.61 40.35 -67.57
CA GLY A 1133 -11.32 41.76 -67.67
C GLY A 1133 -11.54 42.55 -66.41
N ARG A 1134 -12.14 41.95 -65.38
CA ARG A 1134 -12.20 42.63 -64.11
C ARG A 1134 -10.80 42.75 -63.53
N PRO A 1135 -10.51 43.81 -62.77
CA PRO A 1135 -9.15 44.01 -62.28
C PRO A 1135 -8.87 43.11 -61.09
N HIS A 1136 -7.58 42.90 -60.86
CA HIS A 1136 -7.17 42.13 -59.69
C HIS A 1136 -7.72 42.79 -58.44
N VAL A 1137 -8.49 42.04 -57.66
CA VAL A 1137 -9.04 42.53 -56.41
C VAL A 1137 -8.92 41.42 -55.38
N HIS A 1138 -8.86 41.83 -54.12
CA HIS A 1138 -9.05 40.93 -53.00
C HIS A 1138 -10.39 41.30 -52.40
N MET A 1139 -11.40 40.47 -52.62
CA MET A 1139 -12.73 40.73 -52.12
C MET A 1139 -12.93 39.87 -50.89
N THR A 1140 -12.99 40.49 -49.72
CA THR A 1140 -13.28 39.78 -48.50
C THR A 1140 -14.77 39.88 -48.19
N ILE A 1141 -15.38 38.73 -47.93
CA ILE A 1141 -16.80 38.66 -47.65
C ILE A 1141 -16.94 38.42 -46.15
N ASN A 1142 -17.40 39.43 -45.43
CA ASN A 1142 -17.53 39.31 -43.99
C ASN A 1142 -18.64 38.33 -43.62
N GLU A 1143 -19.83 38.56 -44.16
CA GLU A 1143 -20.96 37.67 -43.97
C GLU A 1143 -21.65 37.50 -45.30
N ARG A 1144 -22.06 36.27 -45.61
CA ARG A 1144 -22.87 36.07 -46.79
C ARG A 1144 -24.29 36.23 -46.32
N ALA A 1145 -24.87 37.37 -46.63
CA ALA A 1145 -26.27 37.66 -46.32
C ALA A 1145 -27.09 37.03 -47.44
N GLY A 1146 -28.34 37.41 -47.57
CA GLY A 1146 -29.01 37.03 -48.79
C GLY A 1146 -28.17 37.56 -49.94
N MET A 1147 -27.70 36.65 -50.77
CA MET A 1147 -26.93 36.98 -51.95
C MET A 1147 -27.56 36.29 -53.15
N SER A 1148 -27.40 36.90 -54.31
CA SER A 1148 -27.84 36.24 -55.52
C SER A 1148 -27.01 34.98 -55.72
N LYS A 1149 -27.69 33.86 -55.95
CA LYS A 1149 -27.01 32.73 -56.55
C LYS A 1149 -26.48 33.10 -57.93
N LEU A 1150 -26.93 34.22 -58.49
CA LEU A 1150 -26.30 34.80 -59.66
C LEU A 1150 -24.97 35.46 -59.30
N VAL A 1151 -24.97 36.33 -58.28
CA VAL A 1151 -23.79 37.11 -57.98
C VAL A 1151 -22.67 36.24 -57.42
N ALA A 1152 -23.04 35.22 -56.65
CA ALA A 1152 -22.03 34.27 -56.18
C ALA A 1152 -21.37 33.57 -57.36
N ASP A 1153 -22.19 33.03 -58.26
CA ASP A 1153 -21.71 32.48 -59.52
C ASP A 1153 -20.75 33.44 -60.21
N ASN A 1154 -21.14 34.72 -60.28
CA ASN A 1154 -20.32 35.70 -60.98
C ASN A 1154 -19.01 35.95 -60.26
N ILE A 1155 -19.00 35.87 -58.92
CA ILE A 1155 -17.76 36.09 -58.19
C ILE A 1155 -16.82 34.92 -58.38
N ILE A 1156 -17.35 33.69 -58.38
CA ILE A 1156 -16.48 32.54 -58.62
C ILE A 1156 -15.91 32.60 -60.02
N ALA A 1157 -16.78 32.83 -61.01
CA ALA A 1157 -16.30 33.03 -62.38
C ALA A 1157 -15.28 34.15 -62.46
N SER A 1158 -15.38 35.13 -61.56
CA SER A 1158 -14.39 36.19 -61.53
C SER A 1158 -13.10 35.72 -60.90
N VAL A 1159 -13.15 34.72 -60.02
CA VAL A 1159 -11.92 34.11 -59.53
C VAL A 1159 -11.22 33.38 -60.66
N ILE A 1160 -11.95 32.50 -61.34
CA ILE A 1160 -11.34 31.74 -62.43
C ILE A 1160 -10.79 32.67 -63.50
N LYS A 1161 -11.66 33.53 -64.04
CA LYS A 1161 -11.26 34.32 -65.20
C LYS A 1161 -10.44 35.54 -64.82
N SER A 1162 -10.87 36.28 -63.80
CA SER A 1162 -10.26 37.55 -63.44
C SER A 1162 -9.14 37.43 -62.42
N ASN A 1163 -8.75 36.20 -62.07
CA ASN A 1163 -7.68 35.96 -61.10
C ASN A 1163 -7.97 36.62 -59.76
N TRP A 1164 -9.25 36.78 -59.43
CA TRP A 1164 -9.61 37.33 -58.14
C TRP A 1164 -9.21 36.41 -57.00
N VAL A 1165 -8.89 37.01 -55.87
CA VAL A 1165 -8.71 36.30 -54.61
C VAL A 1165 -9.84 36.72 -53.71
N VAL A 1166 -10.81 35.84 -53.50
CA VAL A 1166 -11.94 36.11 -52.62
C VAL A 1166 -11.83 35.17 -51.43
N ASP A 1167 -11.99 35.71 -50.23
CA ASP A 1167 -12.00 34.90 -49.04
C ASP A 1167 -13.24 35.19 -48.21
N ILE A 1168 -13.77 34.16 -47.56
CA ILE A 1168 -15.08 34.22 -46.92
C ILE A 1168 -14.88 33.86 -45.45
N HIS A 1169 -15.37 34.72 -44.58
CA HIS A 1169 -15.13 34.58 -43.15
C HIS A 1169 -16.28 33.93 -42.37
N ASP A 1170 -17.39 33.60 -43.02
CA ASP A 1170 -18.49 32.99 -42.29
C ASP A 1170 -18.49 31.48 -42.38
N ILE A 1171 -17.49 30.87 -43.00
CA ILE A 1171 -17.39 29.41 -43.07
C ILE A 1171 -16.54 28.91 -41.91
N GLU A 1172 -17.07 27.92 -41.21
CA GLU A 1172 -16.31 27.13 -40.25
C GLU A 1172 -16.18 25.72 -40.83
N TYR A 1173 -15.06 25.07 -40.56
CA TYR A 1173 -14.85 23.77 -41.16
C TYR A 1173 -13.85 22.96 -40.35
N THR A 1174 -13.84 21.67 -40.61
CA THR A 1174 -12.84 20.75 -40.12
C THR A 1174 -11.92 20.37 -41.27
N ALA A 1175 -10.65 20.10 -40.95
CA ALA A 1175 -9.67 19.70 -41.94
C ALA A 1175 -9.08 18.36 -41.56
N GLU A 1176 -9.05 17.43 -42.51
CA GLU A 1176 -8.35 16.16 -42.34
C GLU A 1176 -7.19 16.11 -43.31
N VAL A 1177 -5.97 16.14 -42.78
CA VAL A 1177 -4.80 16.00 -43.61
C VAL A 1177 -4.77 14.59 -44.16
N MET A 1178 -4.73 14.47 -45.48
CA MET A 1178 -4.77 13.18 -46.15
C MET A 1178 -3.36 12.74 -46.51
N THR A 1179 -3.26 11.60 -47.19
CA THR A 1179 -1.98 11.08 -47.61
C THR A 1179 -1.94 10.95 -49.12
N PRO A 1180 -0.76 10.96 -49.74
CA PRO A 1180 -0.71 10.77 -51.20
C PRO A 1180 -1.29 9.45 -51.65
N SER A 1181 -1.12 8.40 -50.86
CA SER A 1181 -2.00 7.25 -51.00
C SER A 1181 -3.33 7.56 -50.35
N GLU A 1182 -4.38 6.90 -50.83
CA GLU A 1182 -5.77 7.14 -50.40
C GLU A 1182 -6.31 8.42 -51.05
N GLY A 1183 -5.40 9.25 -51.57
CA GLY A 1183 -5.81 10.38 -52.39
C GLY A 1183 -6.82 11.28 -51.73
N TYR A 1184 -7.91 11.55 -52.44
CA TYR A 1184 -8.99 12.40 -51.98
C TYR A 1184 -10.31 11.66 -51.95
N THR A 1185 -11.24 12.29 -51.26
CA THR A 1185 -12.67 12.02 -51.25
C THR A 1185 -13.27 13.24 -50.56
N GLN A 1186 -14.60 13.27 -50.44
CA GLN A 1186 -15.26 14.41 -49.82
C GLN A 1186 -14.85 15.73 -50.52
N HIS A 1187 -15.35 15.88 -51.74
CA HIS A 1187 -15.16 17.14 -52.47
C HIS A 1187 -16.30 18.08 -52.13
N VAL A 1188 -15.99 19.34 -51.85
CA VAL A 1188 -16.93 20.22 -51.19
C VAL A 1188 -17.69 21.12 -52.15
N ASP A 1189 -17.46 21.01 -53.46
CA ASP A 1189 -18.43 21.55 -54.40
C ASP A 1189 -18.63 23.05 -54.24
N ALA A 1190 -17.70 23.88 -54.72
CA ALA A 1190 -17.71 25.31 -54.39
C ALA A 1190 -19.04 25.98 -54.67
N GLU A 1191 -19.91 25.37 -55.46
CA GLU A 1191 -21.33 25.70 -55.40
C GLU A 1191 -21.82 25.70 -53.96
N SER A 1192 -21.46 24.65 -53.21
CA SER A 1192 -21.93 24.51 -51.84
C SER A 1192 -21.34 25.56 -50.94
N ILE A 1193 -20.06 25.91 -51.10
CA ILE A 1193 -19.60 26.97 -50.24
C ILE A 1193 -19.64 28.26 -51.03
N MET A 1194 -20.85 28.80 -51.13
CA MET A 1194 -21.24 30.19 -51.25
C MET A 1194 -22.58 30.25 -50.53
N THR A 1195 -23.51 29.49 -51.07
CA THR A 1195 -24.94 29.54 -50.75
C THR A 1195 -25.34 28.55 -49.65
N ALA A 1196 -24.40 27.80 -49.08
CA ALA A 1196 -24.75 26.99 -47.93
C ALA A 1196 -25.14 27.88 -46.75
N PRO A 1197 -25.89 27.35 -45.79
CA PRO A 1197 -26.29 28.17 -44.65
C PRO A 1197 -25.13 28.67 -43.82
N LYS A 1198 -25.45 29.49 -42.82
CA LYS A 1198 -24.50 30.07 -41.90
C LYS A 1198 -24.56 29.31 -40.60
N GLY A 1199 -23.45 28.66 -40.23
CA GLY A 1199 -23.40 27.76 -39.12
C GLY A 1199 -23.24 26.30 -39.52
N LYS A 1200 -23.48 25.98 -40.78
CA LYS A 1200 -23.13 24.66 -41.26
C LYS A 1200 -21.63 24.45 -41.18
N LEU A 1201 -21.23 23.34 -40.57
CA LEU A 1201 -19.82 23.01 -40.41
C LEU A 1201 -19.38 22.14 -41.58
N PHE A 1202 -18.56 22.69 -42.45
CA PHE A 1202 -18.11 21.94 -43.61
C PHE A 1202 -17.05 20.94 -43.18
N HIS A 1203 -16.59 20.16 -44.16
CA HIS A 1203 -15.46 19.28 -43.95
C HIS A 1203 -14.55 19.40 -45.16
N LEU A 1204 -13.36 19.92 -44.94
CA LEU A 1204 -12.35 20.03 -45.98
C LEU A 1204 -11.24 19.05 -45.67
N GLN A 1205 -10.53 18.62 -46.70
CA GLN A 1205 -9.40 17.74 -46.46
C GLN A 1205 -8.28 18.08 -47.43
N PHE A 1206 -7.06 18.02 -46.90
CA PHE A 1206 -5.88 18.56 -47.56
C PHE A 1206 -4.86 17.47 -47.79
N MET A 1207 -4.30 17.43 -48.99
CA MET A 1207 -3.26 16.47 -49.30
C MET A 1207 -1.97 16.86 -48.59
N ASP A 1208 -1.38 15.90 -47.88
CA ASP A 1208 -0.04 16.10 -47.35
C ASP A 1208 0.97 15.99 -48.48
N GLY A 1209 1.05 14.83 -49.12
CA GLY A 1209 1.72 14.73 -50.38
C GLY A 1209 3.20 15.05 -50.35
N LEU A 1210 3.77 15.11 -49.17
CA LEU A 1210 5.21 15.21 -49.08
C LEU A 1210 5.88 13.88 -49.42
N LEU A 1211 5.17 12.78 -49.26
CA LEU A 1211 5.70 11.46 -49.56
C LEU A 1211 5.33 10.95 -50.95
N ARG A 1212 4.62 11.73 -51.74
CA ARG A 1212 4.09 11.22 -53.00
C ARG A 1212 5.22 10.82 -53.93
N PRO A 1213 5.06 9.74 -54.69
CA PRO A 1213 6.21 9.14 -55.38
C PRO A 1213 6.68 9.98 -56.55
N GLU A 1214 7.99 10.07 -56.66
CA GLU A 1214 8.62 10.77 -57.78
C GLU A 1214 8.43 9.93 -59.05
N PRO A 1215 8.25 10.55 -60.22
CA PRO A 1215 8.01 9.77 -61.44
C PRO A 1215 9.23 8.96 -61.82
N SER A 1216 9.23 8.32 -62.98
CA SER A 1216 10.41 7.56 -63.37
C SER A 1216 11.08 8.21 -64.55
N ALA A 1217 12.15 8.96 -64.30
CA ALA A 1217 13.25 9.16 -65.24
C ALA A 1217 12.75 9.32 -66.68
N PHE A 1218 13.24 8.43 -67.54
CA PHE A 1218 12.69 8.27 -68.88
C PHE A 1218 11.22 7.91 -68.78
N ASP A 1219 10.35 8.70 -69.41
CA ASP A 1219 8.92 8.50 -69.28
C ASP A 1219 8.21 9.60 -70.04
N PRO A 1220 7.17 9.29 -70.82
CA PRO A 1220 6.39 10.34 -71.44
C PRO A 1220 5.60 11.12 -70.39
N PRO A 1221 5.54 12.44 -70.51
CA PRO A 1221 4.73 13.22 -69.56
C PRO A 1221 3.25 12.93 -69.71
N ALA A 1222 2.49 13.33 -68.70
CA ALA A 1222 1.06 13.16 -68.71
C ALA A 1222 0.39 14.42 -69.25
N SER A 1223 -0.94 14.42 -69.25
CA SER A 1223 -1.70 15.58 -69.66
C SER A 1223 -2.66 15.98 -68.54
N GLY A 1224 -3.13 17.21 -68.60
CA GLY A 1224 -3.92 17.77 -67.54
C GLY A 1224 -3.06 18.21 -66.38
N GLU A 1225 -3.66 19.02 -65.50
CA GLU A 1225 -2.94 19.59 -64.38
C GLU A 1225 -3.86 19.59 -63.18
N ASP A 1226 -3.30 19.26 -62.02
CA ASP A 1226 -4.07 19.25 -60.78
C ASP A 1226 -4.17 20.68 -60.26
N MET A 1227 -5.36 21.06 -59.82
CA MET A 1227 -5.69 22.45 -59.57
C MET A 1227 -6.29 22.55 -58.17
N ARG A 1228 -6.41 23.77 -57.64
CA ARG A 1228 -7.00 24.00 -56.33
C ARG A 1228 -7.77 25.30 -56.31
N LEU A 1229 -8.94 25.28 -55.68
CA LEU A 1229 -9.69 26.50 -55.47
C LEU A 1229 -9.54 27.04 -54.06
N ILE A 1230 -10.24 26.45 -53.11
CA ILE A 1230 -10.33 27.05 -51.79
C ILE A 1230 -9.17 26.51 -50.95
N TYR A 1231 -8.44 27.41 -50.34
CA TYR A 1231 -7.36 27.07 -49.44
C TYR A 1231 -7.81 27.30 -48.02
N PRO A 1232 -7.00 26.95 -47.05
CA PRO A 1232 -7.33 27.37 -45.68
C PRO A 1232 -7.04 28.84 -45.52
N LEU A 1233 -7.18 29.34 -44.30
CA LEU A 1233 -6.92 30.73 -44.02
C LEU A 1233 -5.97 30.77 -42.83
N GLN A 1234 -6.36 30.09 -41.76
CA GLN A 1234 -5.59 29.88 -40.56
C GLN A 1234 -4.31 29.09 -40.84
N PRO A 1235 -3.45 28.89 -39.84
CA PRO A 1235 -2.19 28.17 -40.06
C PRO A 1235 -2.30 26.70 -40.39
N ILE A 1236 -3.46 26.06 -40.30
CA ILE A 1236 -3.50 24.67 -39.84
C ILE A 1236 -2.50 23.68 -40.38
N SER A 1237 -1.61 23.31 -39.46
CA SER A 1237 -1.42 21.97 -38.97
C SER A 1237 -1.19 22.27 -37.49
N VAL A 1238 -2.17 21.98 -36.63
CA VAL A 1238 -2.16 22.47 -35.25
C VAL A 1238 -1.92 21.34 -34.28
N ALA A 1239 -2.82 20.36 -34.25
CA ALA A 1239 -2.54 19.11 -33.57
C ALA A 1239 -1.63 18.31 -34.48
N ARG A 1240 -0.41 18.06 -34.03
CA ARG A 1240 0.58 17.31 -34.77
C ARG A 1240 1.83 17.24 -33.91
N SER A 1241 2.65 16.25 -34.18
CA SER A 1241 3.90 16.06 -33.47
C SER A 1241 5.00 15.79 -34.48
N MET A 1242 4.88 14.69 -35.20
CA MET A 1242 5.86 14.25 -36.17
C MET A 1242 5.23 14.20 -37.55
N ARG A 1243 6.08 14.26 -38.56
CA ARG A 1243 5.63 14.20 -39.94
C ARG A 1243 6.65 13.48 -40.78
N ALA A 1244 6.18 12.62 -41.68
CA ALA A 1244 7.04 11.98 -42.66
C ALA A 1244 8.17 11.18 -42.01
N ILE A 1245 7.87 10.00 -41.46
CA ILE A 1245 8.92 9.17 -40.89
C ILE A 1245 9.43 8.28 -42.02
N VAL A 1246 10.60 8.64 -42.54
CA VAL A 1246 11.22 8.08 -43.75
C VAL A 1246 12.57 8.75 -43.91
N ASN A 1247 13.40 8.20 -44.79
CA ASN A 1247 14.67 8.82 -45.15
C ASN A 1247 14.89 8.65 -46.65
N HIS A 1248 15.32 9.72 -47.31
CA HIS A 1248 15.50 9.63 -48.75
C HIS A 1248 16.72 8.80 -49.09
N ASN A 1249 16.91 8.59 -50.40
CA ASN A 1249 18.18 8.08 -50.89
C ASN A 1249 19.31 8.94 -50.37
N GLU A 1250 19.33 10.21 -50.76
CA GLU A 1250 20.31 11.16 -50.27
C GLU A 1250 19.59 12.40 -49.78
N VAL A 1251 19.63 12.61 -48.46
CA VAL A 1251 19.55 13.86 -47.70
C VAL A 1251 19.48 13.41 -46.25
N ASP A 1252 19.76 14.33 -45.32
CA ASP A 1252 19.78 13.92 -43.93
C ASP A 1252 18.40 13.90 -43.30
N ARG A 1253 17.38 14.40 -44.00
CA ARG A 1253 15.99 14.39 -43.56
C ARG A 1253 15.14 14.97 -44.68
N PRO A 1254 13.98 14.43 -44.94
CA PRO A 1254 13.19 14.85 -46.11
C PRO A 1254 12.53 16.22 -45.95
N ARG A 1255 13.28 17.19 -45.46
CA ARG A 1255 13.07 18.63 -45.58
C ARG A 1255 11.72 19.10 -45.05
N GLY A 1256 10.75 18.20 -44.91
CA GLY A 1256 9.46 18.54 -44.35
C GLY A 1256 9.18 17.88 -43.02
N ALA A 1257 10.14 17.20 -42.43
CA ALA A 1257 9.89 16.36 -41.28
C ALA A 1257 9.99 17.16 -39.99
N VAL A 1258 9.05 16.91 -39.08
CA VAL A 1258 9.00 17.58 -37.79
C VAL A 1258 9.32 16.56 -36.71
N ALA A 1259 10.39 16.82 -35.97
CA ALA A 1259 10.73 15.95 -34.86
C ALA A 1259 9.68 16.07 -33.78
N PRO A 1260 9.61 15.09 -32.87
CA PRO A 1260 8.70 15.22 -31.74
C PRO A 1260 9.04 16.43 -30.89
N SER A 1261 8.28 16.67 -29.83
CA SER A 1261 8.50 17.82 -28.99
C SER A 1261 9.38 17.40 -27.81
N SER A 1262 10.42 18.19 -27.55
CA SER A 1262 11.27 17.95 -26.40
C SER A 1262 10.48 17.89 -25.10
N TYR A 1263 9.30 18.51 -25.09
CA TYR A 1263 8.39 18.51 -23.96
C TYR A 1263 7.46 17.31 -23.96
N GLU A 1264 7.38 16.60 -25.06
CA GLU A 1264 6.50 15.45 -25.21
C GLU A 1264 7.10 14.19 -24.60
N MET A 1265 8.41 14.13 -24.48
CA MET A 1265 9.11 12.95 -23.96
C MET A 1265 9.45 13.08 -22.49
N ASP A 1266 9.18 14.21 -21.87
CA ASP A 1266 9.82 14.59 -20.63
C ASP A 1266 8.98 14.16 -19.43
N THR A 1267 9.51 13.26 -18.62
CA THR A 1267 8.96 12.98 -17.31
C THR A 1267 9.67 13.84 -16.29
N GLY A 1268 9.00 14.87 -15.80
CA GLY A 1268 9.39 15.51 -14.56
C GLY A 1268 8.53 14.91 -13.46
N THR A 1269 9.03 14.96 -12.24
CA THR A 1269 8.31 14.27 -11.19
C THR A 1269 7.15 15.16 -10.71
N LEU A 1270 6.36 14.62 -9.79
CA LEU A 1270 5.36 15.39 -9.07
C LEU A 1270 5.89 15.74 -7.69
N SER A 1271 5.47 16.90 -7.18
CA SER A 1271 5.96 17.35 -5.89
C SER A 1271 5.07 16.86 -4.77
N ARG A 1272 5.39 17.28 -3.54
CA ARG A 1272 4.59 16.87 -2.39
C ARG A 1272 3.16 17.40 -2.48
N ASN A 1273 2.95 18.45 -3.24
CA ASN A 1273 1.62 18.79 -3.74
C ASN A 1273 1.51 18.17 -5.12
N GLY A 1274 0.33 17.62 -5.43
CA GLY A 1274 0.19 17.02 -6.74
C GLY A 1274 0.46 18.07 -7.80
N ASP A 1275 1.49 17.85 -8.61
CA ASP A 1275 2.00 18.93 -9.43
C ASP A 1275 2.19 18.53 -10.89
N LEU A 1276 3.05 17.54 -11.13
CA LEU A 1276 3.58 17.27 -12.46
C LEU A 1276 4.38 18.48 -12.95
N LEU A 1277 5.57 18.61 -12.39
CA LEU A 1277 6.57 19.50 -12.89
C LEU A 1277 7.28 18.89 -14.09
N TYR A 1278 7.90 19.73 -14.91
CA TYR A 1278 8.83 19.19 -15.90
C TYR A 1278 10.19 18.95 -15.27
N SER A 1279 11.10 18.39 -16.04
CA SER A 1279 12.45 18.21 -15.54
C SER A 1279 13.21 19.52 -15.61
N PRO A 1280 13.83 19.96 -14.53
CA PRO A 1280 14.39 21.32 -14.51
C PRO A 1280 15.49 21.49 -15.54
N VAL A 1281 15.44 22.62 -16.24
CA VAL A 1281 16.61 23.09 -16.96
C VAL A 1281 17.76 23.35 -16.01
N ALA A 1282 17.47 23.35 -14.71
CA ALA A 1282 18.42 23.29 -13.63
C ALA A 1282 19.43 24.48 -13.71
N ASN A 1283 20.67 24.40 -13.21
CA ASN A 1283 21.14 23.55 -12.10
C ASN A 1283 20.19 23.57 -10.91
N GLY A 1284 20.07 24.71 -10.26
CA GLY A 1284 19.31 24.78 -9.02
C GLY A 1284 17.95 25.44 -9.06
N GLN A 1285 17.28 25.50 -10.21
CA GLN A 1285 16.19 26.45 -10.31
C GLN A 1285 14.91 26.00 -9.63
N VAL A 1286 14.13 25.16 -10.32
CA VAL A 1286 12.98 24.36 -9.86
C VAL A 1286 12.35 23.83 -11.14
N GLY A 1287 11.59 22.74 -11.04
CA GLY A 1287 10.83 22.29 -12.19
C GLY A 1287 9.72 23.24 -12.54
N ILE A 1288 9.40 23.29 -13.84
CA ILE A 1288 8.31 24.11 -14.34
C ILE A 1288 7.06 23.26 -14.41
N PRO A 1289 5.94 23.69 -13.83
CA PRO A 1289 4.76 22.83 -13.78
C PRO A 1289 4.16 22.61 -15.16
N LYS A 1290 3.63 21.41 -15.36
CA LYS A 1290 3.24 20.99 -16.71
C LYS A 1290 1.91 21.61 -17.13
N LEU A 1291 1.06 22.00 -16.18
CA LEU A 1291 -0.22 22.59 -16.57
C LEU A 1291 -0.10 24.05 -16.96
N GLU A 1292 0.76 24.83 -16.31
CA GLU A 1292 0.75 26.25 -16.59
C GLU A 1292 1.31 26.58 -17.97
N VAL A 1293 1.81 25.59 -18.69
CA VAL A 1293 2.43 25.78 -19.99
C VAL A 1293 1.53 25.13 -21.04
N ASP A 1294 1.64 25.62 -22.27
CA ASP A 1294 0.63 25.38 -23.29
C ASP A 1294 0.84 24.15 -24.16
N HIS A 1295 1.87 23.34 -23.91
CA HIS A 1295 2.06 22.12 -24.69
C HIS A 1295 1.92 20.88 -23.81
N ILE A 1296 1.98 19.71 -24.45
CA ILE A 1296 1.55 18.46 -23.86
C ILE A 1296 2.76 17.57 -23.59
N SER A 1297 2.71 16.81 -22.50
CA SER A 1297 3.76 15.87 -22.13
C SER A 1297 3.13 14.50 -21.94
N PHE A 1298 3.52 13.56 -22.80
CA PHE A 1298 2.90 12.24 -22.85
C PHE A 1298 3.55 11.22 -21.94
N SER A 1299 4.49 11.60 -21.10
CA SER A 1299 4.94 10.71 -20.05
C SER A 1299 5.12 11.50 -18.77
N ASN A 1300 4.38 11.12 -17.73
CA ASN A 1300 4.47 11.79 -16.45
C ASN A 1300 3.89 10.90 -15.35
N VAL A 1301 4.19 11.27 -14.12
CA VAL A 1301 3.99 10.40 -12.96
C VAL A 1301 2.53 10.38 -12.54
N VAL A 1302 1.99 9.19 -12.35
CA VAL A 1302 0.68 8.99 -11.74
C VAL A 1302 0.91 8.33 -10.39
N SER A 1303 0.42 8.96 -9.33
CA SER A 1303 0.54 8.38 -8.00
C SER A 1303 -0.52 7.31 -7.86
N MET A 1304 -0.09 6.07 -7.64
CA MET A 1304 -0.97 4.92 -7.73
C MET A 1304 -1.06 4.24 -6.37
N MET A 1305 -2.19 3.60 -6.14
CA MET A 1305 -2.54 3.03 -4.84
C MET A 1305 -2.39 1.52 -4.91
N THR A 1306 -1.53 0.97 -4.04
CA THR A 1306 -1.12 -0.42 -4.15
C THR A 1306 -2.26 -1.34 -3.71
N ALA A 1307 -2.04 -2.65 -3.81
CA ALA A 1307 -3.01 -3.64 -3.37
C ALA A 1307 -3.15 -3.72 -1.85
N ASN A 1308 -2.23 -3.10 -1.12
CA ASN A 1308 -2.34 -3.10 0.34
C ASN A 1308 -3.39 -2.12 0.80
N ILE A 1309 -3.42 -0.93 0.22
CA ILE A 1309 -4.43 0.06 0.55
C ILE A 1309 -5.73 -0.29 -0.17
N ARG A 1310 -6.83 -0.09 0.51
CA ARG A 1310 -8.15 -0.37 -0.04
C ARG A 1310 -9.12 0.68 0.46
N THR A 1311 -10.06 1.03 -0.40
CA THR A 1311 -11.07 2.03 -0.07
C THR A 1311 -12.44 1.47 -0.44
N GLY A 1312 -13.46 2.03 0.20
CA GLY A 1312 -14.83 1.67 -0.14
C GLY A 1312 -15.31 0.35 0.39
N ASP A 1313 -14.44 -0.49 0.96
CA ASP A 1313 -14.91 -1.71 1.57
C ASP A 1313 -15.42 -1.43 2.98
N ASP A 1314 -16.41 -2.21 3.39
CA ASP A 1314 -17.07 -1.99 4.66
C ASP A 1314 -16.27 -2.57 5.82
N MET A 1315 -16.42 -1.95 6.99
CA MET A 1315 -15.63 -2.24 8.17
C MET A 1315 -16.38 -3.25 9.05
N ALA A 1316 -15.73 -3.70 10.11
CA ALA A 1316 -16.28 -4.70 11.03
C ALA A 1316 -16.39 -4.12 12.44
N VAL A 1317 -17.58 -4.23 12.99
CA VAL A 1317 -17.95 -3.72 14.30
C VAL A 1317 -19.05 -4.74 14.58
N GLU A 1318 -19.32 -5.32 15.76
CA GLU A 1318 -19.03 -5.04 17.17
C GLU A 1318 -19.65 -3.78 17.72
N ARG A 1319 -20.97 -3.75 17.71
CA ARG A 1319 -21.73 -2.61 18.22
C ARG A 1319 -22.42 -2.93 19.53
N VAL A 1320 -21.66 -2.86 20.63
CA VAL A 1320 -22.19 -3.15 21.96
C VAL A 1320 -23.52 -2.43 22.17
N ASN A 1321 -24.51 -3.17 22.68
CA ASN A 1321 -25.83 -2.61 22.94
C ASN A 1321 -25.84 -1.75 24.21
N PRO A 1322 -26.86 -0.90 24.33
CA PRO A 1322 -26.99 -0.01 25.51
C PRO A 1322 -27.37 -0.71 26.80
N ASP A 1323 -27.77 -1.97 26.77
CA ASP A 1323 -28.25 -2.68 27.96
C ASP A 1323 -29.56 -2.09 28.46
N ASP A 1324 -29.61 -1.62 29.71
CA ASP A 1324 -30.89 -1.20 30.29
C ASP A 1324 -31.27 0.19 29.79
N VAL A 1325 -32.42 0.27 29.09
CA VAL A 1325 -32.85 1.49 28.44
C VAL A 1325 -33.17 2.57 29.46
N ARG A 1326 -33.58 2.18 30.66
CA ARG A 1326 -33.97 3.17 31.66
C ARG A 1326 -32.77 3.99 32.11
N ALA A 1327 -31.61 3.35 32.23
CA ALA A 1327 -30.41 3.99 32.74
C ALA A 1327 -29.69 4.83 31.70
N ILE A 1328 -30.19 4.87 30.47
CA ILE A 1328 -29.66 5.80 29.49
C ILE A 1328 -29.91 7.22 29.95
N ASN A 1329 -28.85 8.03 29.99
CA ASN A 1329 -28.95 9.44 30.32
C ASN A 1329 -28.68 10.27 29.07
N ILE A 1330 -29.72 10.91 28.55
CA ILE A 1330 -29.61 11.69 27.32
C ILE A 1330 -29.41 13.17 27.60
N ARG A 1331 -29.41 13.57 28.86
CA ARG A 1331 -29.40 14.96 29.26
C ARG A 1331 -27.95 15.40 29.49
N ASN A 1332 -27.78 16.56 30.12
CA ASN A 1332 -26.49 17.27 30.20
C ASN A 1332 -25.31 16.42 30.69
N ALA A 1333 -24.19 16.52 29.97
CA ALA A 1333 -24.08 17.34 28.77
C ALA A 1333 -23.21 16.63 27.76
N ALA B 73 35.74 -51.14 -36.45
CA ALA B 73 34.87 -51.11 -37.62
C ALA B 73 35.48 -50.26 -38.73
N LYS B 74 34.95 -49.10 -39.05
CA LYS B 74 35.68 -48.27 -40.02
C LYS B 74 35.84 -46.84 -39.50
N ILE B 75 34.62 -46.30 -39.43
CA ILE B 75 34.40 -44.99 -39.03
C ILE B 75 34.33 -44.94 -37.58
N ALA B 76 35.23 -43.99 -37.19
CA ALA B 76 35.66 -43.47 -35.92
C ALA B 76 34.54 -42.81 -35.17
N THR B 77 34.36 -43.32 -33.97
CA THR B 77 33.32 -42.95 -33.08
C THR B 77 34.20 -42.41 -31.87
N ALA B 78 33.57 -41.42 -31.26
CA ALA B 78 34.03 -40.78 -30.09
C ALA B 78 33.23 -41.45 -28.95
N SER B 79 33.93 -41.71 -27.90
CA SER B 79 33.45 -42.23 -26.65
C SER B 79 33.58 -41.01 -25.66
N SER B 80 32.84 -41.07 -24.57
CA SER B 80 32.97 -40.10 -23.46
C SER B 80 33.00 -41.02 -22.23
N ALA B 81 33.85 -40.79 -21.27
CA ALA B 81 33.89 -41.57 -20.05
C ALA B 81 33.82 -40.55 -18.93
N ARG B 82 32.99 -40.75 -17.94
CA ARG B 82 32.94 -39.85 -16.81
C ARG B 82 33.51 -40.59 -15.64
N GLN B 83 34.06 -39.93 -14.69
CA GLN B 83 34.52 -40.67 -13.58
C GLN B 83 33.20 -41.10 -12.96
N THR B 84 33.20 -42.09 -12.14
CA THR B 84 31.87 -42.32 -11.64
C THR B 84 31.78 -42.47 -10.21
N ASP B 85 30.59 -42.31 -9.67
CA ASP B 85 30.47 -42.41 -8.22
C ASP B 85 29.66 -43.34 -7.46
N VAL B 86 30.43 -44.00 -6.60
CA VAL B 86 30.07 -44.94 -5.63
C VAL B 86 30.32 -44.27 -4.32
N GLU B 87 29.34 -44.03 -3.47
CA GLU B 87 29.56 -43.55 -2.12
C GLU B 87 28.31 -43.98 -1.43
N LYS B 88 28.42 -44.72 -0.38
CA LYS B 88 27.27 -45.31 0.26
C LYS B 88 27.11 -45.03 1.69
N PRO B 89 25.98 -45.32 2.26
CA PRO B 89 25.79 -45.17 3.67
C PRO B 89 26.76 -46.03 4.35
N ALA B 90 27.48 -45.55 5.37
CA ALA B 90 28.44 -46.38 6.02
C ALA B 90 27.71 -47.49 6.64
N ASP B 91 28.14 -48.70 6.40
CA ASP B 91 27.47 -49.87 6.93
C ASP B 91 27.78 -50.17 8.34
N VAL B 92 26.91 -50.88 9.02
CA VAL B 92 27.21 -51.29 10.38
C VAL B 92 28.09 -52.53 10.36
N THR B 93 29.04 -52.55 11.24
CA THR B 93 29.89 -53.70 11.32
C THR B 93 29.77 -54.17 12.70
N PHE B 94 29.61 -55.45 12.87
CA PHE B 94 29.51 -55.97 14.20
C PHE B 94 30.75 -56.38 14.87
N THR B 95 31.90 -56.16 14.28
CA THR B 95 33.08 -56.68 14.89
C THR B 95 34.19 -55.74 15.39
N ILE B 96 34.58 -55.86 16.62
CA ILE B 96 35.55 -55.00 17.18
C ILE B 96 36.88 -55.25 16.53
N GLU B 97 37.54 -54.25 15.99
CA GLU B 97 38.85 -54.40 15.43
C GLU B 97 39.89 -54.63 16.48
N ASN B 98 39.81 -53.90 17.58
CA ASN B 98 40.77 -53.99 18.65
C ASN B 98 40.23 -54.63 19.89
N VAL B 99 41.05 -54.72 20.92
CA VAL B 99 40.53 -55.26 22.16
C VAL B 99 40.05 -54.21 23.12
N ASP B 100 40.05 -52.99 22.69
CA ASP B 100 39.75 -51.85 23.41
C ASP B 100 38.44 -51.14 22.99
N ASP B 101 37.58 -51.76 22.19
CA ASP B 101 36.36 -51.07 21.79
C ASP B 101 35.19 -51.55 22.40
N VAL B 102 34.22 -50.75 22.23
CA VAL B 102 33.03 -51.09 22.77
C VAL B 102 32.65 -52.11 21.83
N GLY B 103 32.72 -53.33 22.35
CA GLY B 103 32.31 -54.50 21.63
C GLY B 103 30.83 -54.45 21.45
N ILE B 104 30.35 -54.91 20.29
CA ILE B 104 28.97 -54.80 19.96
C ILE B 104 28.04 -55.97 20.16
N MET B 105 28.21 -57.10 19.49
CA MET B 105 27.29 -58.22 19.60
C MET B 105 27.22 -58.69 21.04
N GLN B 106 26.09 -59.10 21.64
CA GLN B 106 26.15 -59.22 23.11
C GLN B 106 26.98 -60.32 23.75
N GLN B 107 28.07 -59.94 24.42
CA GLN B 107 28.99 -60.88 25.00
C GLN B 107 28.28 -61.79 25.91
N LYS B 108 28.76 -63.00 25.96
CA LYS B 108 28.15 -64.00 26.75
C LYS B 108 28.76 -63.81 28.05
N LYS B 109 27.99 -63.14 28.88
CA LYS B 109 28.17 -62.79 30.28
C LYS B 109 27.89 -63.96 31.19
N PRO B 110 28.26 -63.87 32.45
CA PRO B 110 28.04 -64.97 33.37
C PRO B 110 26.63 -65.03 33.88
N PRO B 111 26.22 -66.12 34.49
CA PRO B 111 24.85 -66.22 35.03
C PRO B 111 24.55 -65.23 36.14
N THR B 112 23.36 -64.68 36.35
CA THR B 112 23.07 -63.73 37.43
C THR B 112 21.98 -64.36 38.23
N VAL B 113 22.11 -64.42 39.52
CA VAL B 113 21.08 -64.98 40.33
C VAL B 113 20.69 -63.97 41.35
N VAL B 114 19.42 -63.52 41.33
CA VAL B 114 18.87 -62.57 42.30
C VAL B 114 18.42 -63.26 43.52
N GLN B 115 18.81 -62.71 44.63
CA GLN B 115 18.32 -63.16 45.88
C GLN B 115 17.59 -61.87 46.39
N SER B 116 16.80 -62.14 47.39
CA SER B 116 16.12 -61.06 47.98
C SER B 116 16.20 -61.28 49.41
N ARG B 117 17.15 -60.63 50.03
CA ARG B 117 17.32 -60.63 51.45
C ARG B 117 16.11 -59.87 51.97
N THR B 118 15.54 -60.36 53.04
CA THR B 118 14.41 -59.85 53.78
C THR B 118 14.79 -59.64 55.21
N ASP B 119 14.47 -58.54 55.88
CA ASP B 119 14.85 -58.36 57.29
C ASP B 119 14.22 -59.65 57.74
N VAL B 120 15.09 -60.48 58.29
CA VAL B 120 15.03 -61.88 58.77
C VAL B 120 15.61 -63.15 58.12
N PHE B 121 16.23 -63.14 56.94
CA PHE B 121 17.00 -64.26 56.31
C PHE B 121 16.91 -65.66 56.91
N ASN B 122 18.01 -66.43 57.05
CA ASN B 122 18.33 -67.82 57.44
C ASN B 122 19.34 -68.37 56.44
N GLU B 123 20.39 -67.64 56.13
CA GLU B 123 21.38 -68.01 55.14
C GLU B 123 22.20 -69.23 55.36
N GLN B 124 22.51 -70.05 54.33
CA GLN B 124 23.39 -71.21 54.50
C GLN B 124 24.44 -71.80 53.52
N PHE B 125 24.79 -71.21 52.39
CA PHE B 125 25.88 -71.73 51.52
C PHE B 125 25.81 -73.20 51.16
N ALA B 126 24.62 -73.51 50.76
CA ALA B 126 24.21 -74.78 50.35
C ALA B 126 25.00 -75.19 49.11
N ASN B 127 25.17 -74.28 48.18
CA ASN B 127 25.92 -74.55 47.01
C ASN B 127 27.06 -73.61 46.70
N GLU B 128 26.81 -72.34 46.64
CA GLU B 128 27.85 -71.41 46.29
C GLU B 128 28.62 -71.71 45.00
N ALA B 129 27.94 -71.52 43.89
CA ALA B 129 28.48 -71.60 42.55
C ALA B 129 29.84 -72.17 42.34
N LEU B 130 30.88 -71.37 42.64
CA LEU B 130 32.34 -71.55 42.48
C LEU B 130 32.78 -70.86 41.24
N HIS B 131 31.95 -70.79 40.23
CA HIS B 131 32.23 -70.02 39.05
C HIS B 131 31.97 -68.57 39.28
N PRO B 132 32.39 -67.67 38.43
CA PRO B 132 32.13 -66.30 38.75
C PRO B 132 30.73 -66.11 38.46
N MET B 133 29.98 -66.06 39.52
CA MET B 133 28.56 -65.91 39.51
C MET B 133 28.29 -64.64 40.19
N THR B 134 27.48 -63.82 39.53
CA THR B 134 27.09 -62.49 39.97
C THR B 134 25.78 -62.56 40.66
N LYS B 135 25.62 -61.94 41.81
CA LYS B 135 24.38 -61.98 42.52
C LYS B 135 23.76 -60.63 42.77
N VAL B 136 22.65 -60.27 42.12
CA VAL B 136 22.10 -58.98 42.36
C VAL B 136 20.79 -58.92 43.08
N ILE B 137 20.94 -58.42 44.32
CA ILE B 137 20.13 -58.39 45.56
C ILE B 137 18.72 -58.02 45.59
N PHE B 138 18.27 -57.24 44.66
CA PHE B 138 16.89 -56.85 44.55
C PHE B 138 16.41 -57.46 43.30
N ASN B 139 15.37 -58.22 43.35
CA ASN B 139 14.80 -58.70 42.13
C ASN B 139 14.08 -57.53 41.53
N GLY B 140 14.25 -57.32 40.24
CA GLY B 140 13.53 -56.28 39.55
C GLY B 140 14.20 -55.04 39.05
N LEU B 141 15.50 -55.04 38.89
CA LEU B 141 16.15 -53.79 38.54
C LEU B 141 16.85 -53.66 37.26
N ASP B 142 16.12 -53.07 36.34
CA ASP B 142 16.64 -52.74 35.00
C ASP B 142 16.33 -51.35 34.58
N VAL B 143 15.61 -50.71 35.42
CA VAL B 143 15.12 -49.47 35.11
C VAL B 143 16.20 -48.57 34.67
N ASN B 144 15.94 -48.04 33.50
CA ASN B 144 16.57 -47.03 32.70
C ASN B 144 16.05 -47.25 31.36
N THR B 145 14.84 -46.76 31.28
CA THR B 145 13.99 -46.93 30.15
C THR B 145 14.04 -45.86 29.10
N GLU B 146 14.14 -44.61 29.52
CA GLU B 146 14.14 -43.53 28.59
C GLU B 146 15.27 -43.68 27.59
N VAL B 147 15.01 -43.44 26.33
CA VAL B 147 16.04 -43.54 25.37
C VAL B 147 16.17 -42.15 24.80
N GLN B 148 17.41 -41.72 24.74
CA GLN B 148 17.71 -40.44 24.33
C GLN B 148 18.21 -40.56 22.92
N PRO B 149 17.37 -40.31 21.95
CA PRO B 149 17.77 -40.53 20.58
C PRO B 149 18.70 -39.45 20.26
N LEU B 150 19.95 -39.78 20.07
CA LEU B 150 20.92 -38.74 19.88
C LEU B 150 20.65 -37.97 18.70
N SER B 151 21.06 -36.75 18.77
CA SER B 151 20.58 -35.77 17.84
C SER B 151 20.67 -35.90 16.41
N ASP B 152 21.69 -36.48 15.83
CA ASP B 152 21.81 -36.53 14.35
C ASP B 152 21.94 -35.32 13.43
N ASP B 153 23.14 -34.69 13.47
CA ASP B 153 23.47 -33.56 12.65
C ASP B 153 24.59 -33.80 11.67
N PHE B 154 25.03 -35.03 11.46
CA PHE B 154 26.02 -35.37 10.39
C PHE B 154 25.50 -36.48 9.50
N LYS B 155 26.14 -36.81 8.40
CA LYS B 155 25.59 -37.89 7.57
C LYS B 155 26.50 -38.91 7.05
N GLN B 156 27.16 -39.72 7.88
CA GLN B 156 28.25 -40.57 7.36
C GLN B 156 28.10 -41.39 6.19
N ILE B 157 28.84 -41.01 5.20
CA ILE B 157 28.91 -41.65 3.93
C ILE B 157 30.29 -42.00 3.80
N SER B 158 30.48 -43.28 3.60
CA SER B 158 31.72 -43.97 3.46
C SER B 158 32.71 -43.80 2.31
N ASP B 159 32.33 -43.78 1.06
CA ASP B 159 33.31 -43.61 -0.01
C ASP B 159 32.94 -42.27 -0.53
N PRO B 160 33.76 -41.26 -0.35
CA PRO B 160 33.36 -39.88 -0.63
C PRO B 160 33.18 -39.52 -2.06
N LYS B 161 32.39 -38.51 -2.41
CA LYS B 161 32.14 -38.15 -3.77
C LYS B 161 32.96 -37.00 -4.28
N GLY B 162 32.64 -35.79 -3.90
CA GLY B 162 33.47 -34.67 -4.25
C GLY B 162 32.99 -33.77 -5.29
N TYR B 163 33.41 -32.54 -5.17
CA TYR B 163 32.95 -31.52 -6.04
C TYR B 163 33.38 -31.46 -7.50
N LEU B 164 34.61 -31.76 -7.85
CA LEU B 164 35.23 -31.65 -9.17
C LEU B 164 35.62 -33.03 -9.71
N THR B 165 35.03 -33.38 -10.86
CA THR B 165 35.27 -34.69 -11.48
C THR B 165 35.92 -34.56 -12.86
N TYR B 166 36.18 -35.70 -13.50
CA TYR B 166 36.84 -35.71 -14.80
C TYR B 166 35.93 -36.24 -15.91
N SER B 167 35.57 -35.35 -16.84
CA SER B 167 34.76 -35.74 -17.99
C SER B 167 35.64 -35.85 -19.22
N VAL B 168 36.03 -37.08 -19.57
CA VAL B 168 36.95 -37.30 -20.66
C VAL B 168 36.25 -37.65 -21.98
N LYS B 169 36.47 -36.82 -22.99
CA LYS B 169 35.96 -37.07 -24.33
C LYS B 169 36.94 -37.95 -25.10
N TYR B 170 36.60 -39.22 -25.27
CA TYR B 170 37.48 -40.19 -25.92
C TYR B 170 37.48 -40.09 -27.44
N GLU B 171 38.57 -40.54 -28.05
CA GLU B 171 38.65 -40.71 -29.49
C GLU B 171 38.73 -42.20 -29.78
N ASP B 172 38.35 -42.89 -30.95
CA ASP B 172 38.20 -44.35 -31.11
C ASP B 172 38.98 -44.92 -32.30
N GLN B 173 39.43 -43.63 -32.58
CA GLN B 173 40.28 -44.09 -33.68
C GLN B 173 41.79 -43.98 -33.36
N PHE B 174 42.64 -44.14 -32.43
CA PHE B 174 44.02 -43.98 -31.98
C PHE B 174 44.40 -45.05 -30.95
N THR B 175 44.59 -46.28 -31.43
CA THR B 175 44.95 -47.39 -30.56
C THR B 175 46.42 -47.78 -30.73
N LYS B 176 46.99 -48.38 -29.70
CA LYS B 176 48.39 -48.81 -29.75
C LYS B 176 48.51 -50.23 -30.27
N LYS B 177 49.66 -50.86 -30.02
CA LYS B 177 49.91 -52.23 -30.47
C LYS B 177 50.89 -52.94 -29.54
N ASP B 178 50.74 -52.73 -28.24
CA ASP B 178 51.60 -53.34 -27.25
C ASP B 178 50.96 -53.35 -25.87
N LYS B 179 49.87 -54.11 -25.74
CA LYS B 179 49.16 -54.20 -24.47
C LYS B 179 50.11 -54.47 -23.31
N LEU B 180 50.03 -53.63 -22.29
CA LEU B 180 50.89 -53.76 -21.11
C LEU B 180 50.17 -54.49 -19.98
N ARG B 181 50.46 -55.78 -19.84
CA ARG B 181 49.83 -56.59 -18.80
C ARG B 181 50.61 -56.52 -17.49
N ALA B 182 50.00 -55.93 -16.47
CA ALA B 182 50.63 -55.80 -15.16
C ALA B 182 49.99 -56.75 -14.15
N SER B 183 50.74 -57.06 -13.09
CA SER B 183 50.25 -57.95 -12.05
C SER B 183 48.93 -57.44 -11.47
N GLU B 184 48.18 -58.35 -10.85
CA GLU B 184 46.90 -58.00 -10.24
C GLU B 184 47.00 -56.71 -9.45
N ALA B 185 47.46 -56.82 -8.21
CA ALA B 185 47.61 -55.67 -7.33
C ALA B 185 48.27 -54.52 -8.10
N ASP B 186 49.60 -54.70 -8.64
CA ASP B 186 50.10 -53.72 -9.61
C ASP B 186 48.95 -53.15 -10.43
N ASP B 187 47.85 -53.90 -10.48
CA ASP B 187 46.65 -53.49 -11.20
C ASP B 187 45.74 -52.61 -10.34
N ARG B 188 45.33 -53.13 -9.18
CA ARG B 188 44.27 -52.53 -8.36
C ARG B 188 44.48 -51.06 -7.99
N ILE B 189 45.65 -50.75 -7.45
CA ILE B 189 45.97 -49.38 -7.00
C ILE B 189 45.96 -48.39 -8.17
N VAL B 190 46.67 -48.73 -9.25
CA VAL B 190 46.66 -47.95 -10.47
C VAL B 190 45.89 -48.73 -11.55
N GLY B 191 44.57 -48.76 -11.39
CA GLY B 191 43.69 -49.56 -12.23
C GLY B 191 42.64 -48.76 -13.00
N PRO B 192 41.62 -48.22 -12.27
CA PRO B 192 40.58 -47.43 -12.91
C PRO B 192 41.09 -46.11 -13.52
N THR B 193 42.25 -45.65 -13.05
CA THR B 193 42.88 -44.44 -13.56
C THR B 193 43.48 -44.62 -14.96
N VAL B 194 43.82 -45.86 -15.30
CA VAL B 194 44.32 -46.20 -16.63
C VAL B 194 43.17 -46.23 -17.64
N ASN B 195 41.99 -46.63 -17.17
CA ASN B 195 40.79 -46.71 -18.01
C ASN B 195 39.97 -45.43 -18.06
N LEU B 196 40.59 -44.32 -17.67
CA LEU B 196 40.00 -42.99 -17.82
C LEU B 196 40.90 -42.19 -18.77
N PHE B 197 42.12 -42.68 -18.95
CA PHE B 197 43.08 -42.12 -19.88
C PHE B 197 43.51 -43.17 -20.91
N LYS B 198 42.52 -43.77 -21.57
CA LYS B 198 42.76 -44.76 -22.62
C LYS B 198 43.56 -44.13 -23.76
N TYR B 199 44.50 -44.89 -24.31
CA TYR B 199 45.39 -44.39 -25.35
C TYR B 199 44.61 -43.82 -26.54
N GLY B 200 44.74 -42.51 -26.73
CA GLY B 200 44.05 -41.81 -27.81
C GLY B 200 42.86 -40.99 -27.34
N ALA B 201 42.99 -40.35 -26.19
CA ALA B 201 41.96 -39.47 -25.65
C ALA B 201 42.23 -38.02 -26.07
N ALA B 202 41.21 -37.39 -26.65
CA ALA B 202 41.35 -36.04 -27.20
C ALA B 202 41.53 -34.97 -26.13
N VAL B 203 40.53 -34.79 -25.27
CA VAL B 203 40.59 -33.80 -24.19
C VAL B 203 40.04 -34.35 -22.88
N VAL B 204 40.73 -34.05 -21.79
CA VAL B 204 40.35 -34.50 -20.45
C VAL B 204 40.23 -33.34 -19.46
N ASN B 205 39.05 -32.73 -19.40
CA ASN B 205 38.81 -31.53 -18.59
C ASN B 205 38.04 -31.75 -17.29
N ILE B 206 38.11 -30.77 -16.40
CA ILE B 206 37.46 -30.83 -15.09
C ILE B 206 36.38 -29.75 -14.91
N ASP B 207 35.37 -30.08 -14.12
CA ASP B 207 34.24 -29.17 -13.88
C ASP B 207 33.42 -29.59 -12.66
N LEU B 208 32.25 -29.00 -12.49
CA LEU B 208 31.30 -29.38 -11.44
C LEU B 208 30.83 -30.82 -11.63
N ASN B 209 30.61 -31.51 -10.52
CA ASN B 209 30.11 -32.88 -10.54
C ASN B 209 28.65 -32.93 -10.99
N ARG B 210 28.38 -33.81 -11.95
CA ARG B 210 27.04 -34.05 -12.46
C ARG B 210 26.15 -34.72 -11.40
N ASP B 211 26.79 -35.35 -10.42
CA ASP B 211 26.07 -36.14 -9.41
C ASP B 211 25.73 -35.33 -8.14
N PHE B 212 26.74 -34.90 -7.41
CA PHE B 212 26.54 -34.14 -6.18
C PHE B 212 25.35 -33.19 -6.32
N PHE B 213 25.48 -32.22 -7.22
CA PHE B 213 24.41 -31.25 -7.45
C PHE B 213 23.34 -31.82 -8.36
N ASP B 214 22.97 -33.08 -8.12
CA ASP B 214 21.94 -33.75 -8.92
C ASP B 214 20.74 -32.84 -9.14
N THR B 215 19.98 -33.13 -10.19
CA THR B 215 18.79 -32.34 -10.52
C THR B 215 17.89 -32.16 -9.30
N ALA B 216 18.15 -32.95 -8.26
CA ALA B 216 17.37 -32.88 -7.02
C ALA B 216 17.44 -31.48 -6.40
N THR B 217 18.65 -30.94 -6.31
CA THR B 217 18.85 -29.61 -5.74
C THR B 217 18.74 -28.51 -6.79
N GLY B 218 18.09 -28.83 -7.91
CA GLY B 218 17.91 -27.87 -8.98
C GLY B 218 19.16 -27.70 -9.83
N ILE B 219 20.29 -28.18 -9.31
CA ILE B 219 21.56 -28.09 -10.02
C ILE B 219 21.56 -28.93 -11.29
N ASP B 220 21.76 -28.27 -12.42
CA ASP B 220 21.79 -28.96 -13.72
C ASP B 220 22.89 -28.41 -14.61
N LEU B 221 23.99 -29.14 -14.69
CA LEU B 221 25.13 -28.73 -15.52
C LEU B 221 25.28 -29.63 -16.74
N THR B 222 24.19 -29.81 -17.48
CA THR B 222 24.19 -30.63 -18.68
C THR B 222 25.01 -29.99 -19.79
N LYS B 223 25.31 -28.71 -19.63
CA LYS B 223 26.09 -27.97 -20.63
C LYS B 223 27.50 -27.71 -20.13
N GLY B 224 27.64 -27.44 -18.83
CA GLY B 224 28.92 -27.16 -18.24
C GLY B 224 28.85 -26.15 -17.12
N ILE B 225 27.77 -25.39 -17.10
CA ILE B 225 27.56 -24.37 -16.07
C ILE B 225 26.38 -24.72 -15.18
N PRO B 226 26.52 -24.47 -13.88
CA PRO B 226 25.45 -24.76 -12.92
C PRO B 226 24.21 -23.88 -13.16
N LEU B 227 23.65 -24.70 -13.90
CA LEU B 227 22.43 -23.98 -14.25
C LEU B 227 21.25 -24.39 -13.36
N VAL B 228 20.58 -23.18 -12.69
CA VAL B 228 19.37 -23.40 -11.90
C VAL B 228 18.17 -22.82 -12.65
N GLN B 229 16.97 -23.32 -12.34
CA GLN B 229 15.75 -22.85 -12.98
C GLN B 229 14.80 -22.23 -11.96
N ASP B 230 15.09 -22.43 -10.68
CA ASP B 230 14.26 -21.90 -9.61
C ASP B 230 15.09 -21.08 -8.63
N LEU B 231 15.22 -19.78 -8.90
CA LEU B 231 15.98 -18.89 -8.04
C LEU B 231 15.62 -17.43 -8.32
N LEU B 232 16.38 -16.80 -9.20
CA LEU B 232 16.14 -15.41 -9.56
C LEU B 232 15.14 -15.30 -10.71
N VAL B 233 14.09 -16.11 -10.65
CA VAL B 233 13.07 -16.12 -11.70
C VAL B 233 12.60 -14.70 -12.01
N PRO B 234 12.01 -14.52 -13.19
CA PRO B 234 11.50 -13.20 -13.60
C PRO B 234 10.61 -12.58 -12.54
N ILE B 235 9.54 -11.92 -12.98
CA ILE B 235 8.60 -11.29 -12.06
C ILE B 235 7.16 -11.45 -12.53
N GLY B 236 6.69 -10.49 -13.32
CA GLY B 236 5.33 -10.52 -13.83
C GLY B 236 5.27 -11.08 -15.24
N VAL B 237 6.18 -11.99 -15.55
CA VAL B 237 6.23 -12.61 -16.87
C VAL B 237 6.90 -13.98 -16.83
N THR B 238 6.76 -14.74 -17.90
CA THR B 238 7.35 -16.07 -17.98
C THR B 238 8.86 -16.00 -18.18
N ALA B 239 9.54 -17.11 -17.89
CA ALA B 239 10.99 -17.16 -18.04
C ALA B 239 11.39 -17.35 -19.49
N GLY B 240 12.69 -17.20 -19.77
CA GLY B 240 13.20 -17.36 -21.12
C GLY B 240 13.76 -18.74 -21.38
N ALA B 241 13.00 -19.55 -22.11
CA ALA B 241 13.43 -20.91 -22.43
C ALA B 241 14.89 -21.14 -22.06
N GLU B 242 15.68 -20.08 -22.14
CA GLU B 242 17.08 -20.10 -21.73
C GLU B 242 17.51 -18.71 -21.28
N GLN B 243 18.17 -18.65 -20.12
CA GLN B 243 18.65 -17.38 -19.57
C GLN B 243 20.05 -17.49 -18.95
N SER B 244 20.84 -16.43 -19.09
CA SER B 244 22.17 -16.36 -18.50
C SER B 244 22.10 -16.25 -16.99
N ALA B 245 21.05 -15.14 -16.99
CA ALA B 245 20.77 -15.07 -15.55
C ALA B 245 20.67 -16.45 -14.91
N GLU B 246 20.35 -17.46 -15.72
CA GLU B 246 20.26 -18.85 -15.27
C GLU B 246 21.64 -19.44 -14.92
N TYR B 247 22.65 -18.58 -14.87
CA TYR B 247 24.02 -18.98 -14.57
C TYR B 247 24.53 -18.31 -13.29
N VAL B 248 24.31 -17.00 -13.18
CA VAL B 248 24.69 -16.24 -11.98
C VAL B 248 23.77 -16.63 -10.82
N SER B 249 22.76 -17.43 -11.14
CA SER B 249 21.84 -18.00 -10.16
C SER B 249 22.21 -19.44 -9.84
N GLY B 250 22.78 -20.13 -10.82
CA GLY B 250 23.26 -21.51 -10.65
C GLY B 250 24.59 -21.56 -9.93
N LEU B 251 25.42 -20.55 -10.17
CA LEU B 251 26.72 -20.43 -9.49
C LEU B 251 26.52 -19.99 -8.04
N LEU B 252 25.39 -19.32 -7.78
CA LEU B 252 25.00 -18.94 -6.43
C LEU B 252 24.35 -20.11 -5.70
N MET B 253 23.92 -21.12 -6.47
CA MET B 253 23.26 -22.30 -5.93
C MET B 253 24.24 -23.43 -5.60
N VAL B 254 25.32 -23.52 -6.39
CA VAL B 254 26.40 -24.49 -6.12
C VAL B 254 27.20 -24.09 -4.89
N LEU B 255 27.12 -22.81 -4.54
CA LEU B 255 27.76 -22.25 -3.34
C LEU B 255 26.92 -22.54 -2.09
N PHE B 256 25.64 -22.78 -2.29
CA PHE B 256 24.73 -23.13 -1.20
C PHE B 256 24.95 -24.57 -0.73
N LYS B 257 25.08 -25.48 -1.70
CA LYS B 257 25.23 -26.92 -1.42
C LYS B 257 26.53 -27.28 -0.70
N VAL B 258 27.62 -26.61 -1.09
CA VAL B 258 28.94 -26.83 -0.49
C VAL B 258 29.00 -26.31 0.97
N MET B 259 28.16 -25.31 1.26
CA MET B 259 28.10 -24.69 2.58
C MET B 259 27.30 -25.52 3.58
N THR B 260 26.17 -26.09 3.12
CA THR B 260 25.30 -26.89 3.97
C THR B 260 25.66 -28.38 3.96
N ASP B 261 26.96 -28.66 3.88
CA ASP B 261 27.50 -30.02 3.82
C ASP B 261 27.66 -30.62 5.22
N ASN B 262 27.60 -31.95 5.31
CA ASN B 262 27.81 -32.66 6.58
C ASN B 262 28.09 -34.15 6.36
N ARG B 263 29.36 -34.49 6.22
CA ARG B 263 29.78 -35.87 5.95
C ARG B 263 31.07 -36.24 6.68
N LEU B 264 31.10 -37.45 7.23
CA LEU B 264 32.26 -37.94 7.95
C LEU B 264 32.88 -39.16 7.26
N VAL B 265 33.84 -38.91 6.38
CA VAL B 265 34.50 -39.98 5.64
C VAL B 265 34.85 -41.15 6.55
N ILE B 266 34.11 -42.24 6.44
CA ILE B 266 34.36 -43.43 7.24
C ILE B 266 35.25 -44.42 6.51
N VAL B 267 36.09 -45.12 7.25
CA VAL B 267 37.01 -46.10 6.67
C VAL B 267 36.31 -47.44 6.47
N GLY B 268 36.27 -47.89 5.22
CA GLY B 268 35.67 -49.17 4.87
C GLY B 268 36.25 -49.74 3.59
N GLU B 269 36.35 -51.07 3.54
CA GLU B 269 36.81 -51.83 2.36
C GLU B 269 38.34 -51.97 2.21
N THR B 270 39.10 -51.19 2.96
CA THR B 270 40.56 -51.13 2.83
C THR B 270 41.26 -52.48 2.91
N THR B 271 42.22 -52.71 2.03
CA THR B 271 42.98 -53.96 2.00
C THR B 271 44.46 -53.72 1.74
N THR B 272 45.30 -54.03 2.71
CA THR B 272 46.73 -53.86 2.58
C THR B 272 47.31 -54.77 1.51
N PRO B 273 48.35 -54.22 0.74
CA PRO B 273 48.86 -55.14 -0.27
C PRO B 273 50.18 -55.79 0.17
N MET B 274 50.87 -56.43 -0.76
CA MET B 274 52.14 -57.09 -0.45
C MET B 274 53.27 -56.54 -1.32
N SER B 275 54.35 -56.13 -0.67
CA SER B 275 55.51 -55.58 -1.37
C SER B 275 55.87 -56.44 -2.58
N ASN B 276 55.68 -57.74 -2.46
CA ASN B 276 55.98 -58.67 -3.55
C ASN B 276 55.06 -58.51 -4.76
N THR B 277 53.91 -57.88 -4.55
CA THR B 277 52.90 -57.74 -5.59
C THR B 277 52.64 -56.29 -5.99
N LEU B 278 53.71 -55.52 -6.20
CA LEU B 278 53.63 -54.15 -6.69
C LEU B 278 54.92 -53.74 -7.39
N SER B 279 54.37 -52.96 -8.64
CA SER B 279 55.51 -52.38 -9.33
C SER B 279 56.21 -51.38 -8.41
N THR B 280 57.49 -51.33 -7.80
CA THR B 280 58.31 -50.45 -6.95
C THR B 280 57.95 -48.96 -7.12
N VAL B 281 57.16 -48.67 -8.15
CA VAL B 281 56.70 -47.31 -8.42
C VAL B 281 55.39 -47.02 -7.69
N VAL B 282 54.49 -48.00 -7.66
CA VAL B 282 53.18 -47.86 -7.03
C VAL B 282 53.22 -48.18 -5.53
N ASN B 283 54.40 -48.50 -5.02
CA ASN B 283 54.58 -48.91 -3.63
C ASN B 283 54.86 -47.76 -2.66
N ASN B 284 55.91 -46.99 -2.95
CA ASN B 284 56.30 -45.86 -2.11
C ASN B 284 55.37 -44.64 -2.28
N VAL B 285 54.20 -44.89 -2.84
CA VAL B 285 53.16 -43.88 -3.02
C VAL B 285 51.95 -44.23 -2.15
N LEU B 286 52.37 -45.50 -2.22
CA LEU B 286 51.28 -45.99 -1.38
C LEU B 286 51.71 -46.02 0.10
N ARG B 287 50.87 -45.45 0.96
CA ARG B 287 51.11 -45.44 2.40
C ARG B 287 50.42 -46.62 3.09
N THR B 288 51.01 -47.80 2.96
CA THR B 288 50.54 -49.04 3.63
C THR B 288 49.18 -49.54 3.15
N THR B 289 48.12 -48.77 3.42
CA THR B 289 46.75 -49.18 3.13
C THR B 289 46.01 -48.17 2.26
N TYR B 290 45.58 -48.60 1.08
CA TYR B 290 44.74 -47.79 0.20
C TYR B 290 43.25 -48.08 0.40
N HIS B 291 42.39 -47.31 -0.24
CA HIS B 291 40.96 -47.29 0.11
C HIS B 291 40.04 -48.17 -0.76
N ASN B 292 40.62 -49.10 -1.53
CA ASN B 292 39.86 -50.04 -2.38
C ASN B 292 39.11 -49.36 -3.53
N ASN B 293 38.22 -48.42 -3.19
CA ASN B 293 37.46 -47.66 -4.18
C ASN B 293 38.19 -46.37 -4.58
N VAL B 294 39.43 -46.61 -4.91
CA VAL B 294 40.36 -45.59 -5.24
C VAL B 294 39.87 -44.83 -6.44
N GLY B 295 40.17 -43.58 -6.53
CA GLY B 295 39.72 -42.73 -7.61
C GLY B 295 40.69 -42.68 -8.74
N VAL B 296 40.56 -41.68 -9.58
CA VAL B 296 41.49 -41.53 -10.62
C VAL B 296 42.31 -40.36 -10.32
N ASN B 297 43.60 -40.50 -10.47
CA ASN B 297 44.47 -39.41 -10.28
C ASN B 297 45.49 -39.44 -11.37
N PRO B 298 45.55 -38.47 -12.26
CA PRO B 298 46.49 -38.48 -13.31
C PRO B 298 47.75 -38.12 -12.56
N ALA B 299 48.56 -39.15 -12.25
CA ALA B 299 49.82 -39.27 -11.47
C ALA B 299 49.92 -40.63 -10.88
N LEU B 300 48.78 -41.22 -10.69
CA LEU B 300 48.78 -42.60 -10.30
C LEU B 300 49.31 -43.37 -11.45
N LEU B 301 49.20 -42.93 -12.68
CA LEU B 301 49.75 -43.59 -13.80
C LEU B 301 51.17 -43.17 -14.10
N ARG B 302 52.07 -43.30 -13.17
CA ARG B 302 53.43 -42.88 -13.36
C ARG B 302 54.14 -43.69 -14.32
N ASP B 303 53.87 -44.97 -14.34
CA ASP B 303 54.56 -45.83 -15.25
C ASP B 303 53.70 -46.70 -16.11
N PHE B 304 52.41 -46.57 -16.04
CA PHE B 304 51.56 -47.45 -16.82
C PHE B 304 51.02 -46.94 -18.09
N THR B 305 50.98 -45.65 -18.30
CA THR B 305 50.49 -45.12 -19.51
C THR B 305 51.39 -45.56 -20.54
N GLN B 306 50.80 -45.85 -21.66
CA GLN B 306 51.53 -46.25 -22.79
C GLN B 306 51.87 -45.11 -23.68
N VAL B 307 51.79 -43.90 -23.18
CA VAL B 307 52.05 -42.65 -23.86
C VAL B 307 53.39 -42.06 -23.45
N ASN B 308 54.37 -42.10 -24.32
CA ASN B 308 55.69 -41.74 -23.91
C ASN B 308 55.96 -40.37 -23.37
N TRP B 309 55.42 -39.33 -23.97
CA TRP B 309 55.56 -38.01 -23.44
C TRP B 309 54.88 -37.95 -22.09
N LEU B 310 53.76 -38.62 -21.83
CA LEU B 310 53.09 -38.51 -20.55
C LEU B 310 53.96 -39.03 -19.56
N ASN B 311 54.63 -40.16 -19.76
CA ASN B 311 55.57 -40.58 -18.73
C ASN B 311 56.64 -39.63 -18.50
N ARG B 312 57.32 -39.07 -19.49
CA ARG B 312 58.38 -38.14 -19.29
C ARG B 312 57.86 -37.02 -18.44
N ASP B 313 56.69 -36.49 -18.70
CA ASP B 313 56.11 -35.44 -17.88
C ASP B 313 55.56 -35.67 -16.49
N ILE B 314 54.80 -36.73 -16.24
CA ILE B 314 54.37 -37.01 -14.91
C ILE B 314 55.60 -37.32 -14.16
N THR B 315 56.52 -38.12 -14.66
CA THR B 315 57.69 -38.41 -13.92
C THR B 315 58.45 -37.19 -13.66
N ASN B 316 58.62 -36.23 -14.58
CA ASN B 316 59.37 -35.06 -14.17
C ASN B 316 58.69 -34.35 -13.05
N MET B 317 57.38 -34.19 -13.11
CA MET B 317 56.66 -33.59 -11.99
C MET B 317 56.63 -34.29 -10.70
N LEU B 318 56.75 -35.59 -10.63
CA LEU B 318 56.67 -36.19 -9.32
C LEU B 318 57.98 -36.24 -8.70
N GLN B 319 58.97 -36.53 -9.48
CA GLN B 319 60.30 -36.69 -9.01
C GLN B 319 61.06 -35.48 -8.55
N GLN B 320 60.61 -34.25 -8.77
CA GLN B 320 61.40 -33.11 -8.33
C GLN B 320 61.26 -32.55 -6.86
N ALA B 321 60.52 -33.29 -6.04
CA ALA B 321 60.30 -32.89 -4.65
C ALA B 321 59.13 -31.92 -4.54
N GLY B 322 58.88 -31.18 -5.60
CA GLY B 322 57.80 -30.21 -5.62
C GLY B 322 56.52 -30.76 -5.02
N THR B 323 55.99 -31.81 -5.64
CA THR B 323 54.76 -32.44 -5.15
C THR B 323 54.93 -33.95 -5.03
N LYS B 324 54.78 -34.45 -3.81
CA LYS B 324 54.93 -35.85 -3.57
C LYS B 324 53.56 -36.37 -3.50
N TYR B 325 53.28 -37.39 -4.28
CA TYR B 325 51.98 -37.91 -4.32
C TYR B 325 51.96 -39.23 -3.71
N GLY B 326 51.11 -39.47 -2.75
CA GLY B 326 50.91 -40.76 -2.13
C GLY B 326 49.44 -41.02 -1.88
N LEU B 327 49.00 -42.25 -1.84
CA LEU B 327 47.60 -42.52 -1.64
C LEU B 327 47.39 -43.66 -0.79
N GLY B 328 46.78 -43.55 0.37
CA GLY B 328 46.58 -44.70 1.24
C GLY B 328 46.40 -44.29 2.67
N LEU B 329 46.92 -44.97 3.68
CA LEU B 329 46.89 -44.51 5.10
C LEU B 329 47.87 -43.44 5.36
N THR B 330 47.78 -42.76 6.48
CA THR B 330 48.75 -41.71 6.83
C THR B 330 48.79 -41.48 8.30
N GLU B 331 49.82 -40.79 8.75
CA GLU B 331 49.92 -40.58 10.15
C GLU B 331 49.88 -39.12 10.38
N THR B 332 48.67 -38.61 10.39
CA THR B 332 48.34 -37.23 10.63
C THR B 332 48.47 -36.92 12.12
N ARG B 333 48.54 -35.65 12.46
CA ARG B 333 48.62 -35.28 13.84
C ARG B 333 47.40 -35.72 14.50
N LEU B 334 46.23 -35.41 13.96
CA LEU B 334 45.06 -35.90 14.66
C LEU B 334 45.01 -37.41 14.54
N ASP B 335 45.99 -38.09 15.12
CA ASP B 335 46.17 -39.57 14.99
C ASP B 335 46.08 -39.97 16.36
N TYR B 336 45.14 -40.86 16.54
CA TYR B 336 44.72 -41.52 17.72
C TYR B 336 43.63 -41.36 18.65
N VAL B 337 42.93 -40.25 18.50
CA VAL B 337 41.72 -40.01 19.28
C VAL B 337 40.74 -41.16 19.05
N ARG B 338 39.45 -40.87 18.98
CA ARG B 338 38.46 -41.91 18.72
C ARG B 338 37.01 -41.43 18.82
N LEU B 339 36.79 -40.35 19.57
CA LEU B 339 35.43 -39.90 19.84
C LEU B 339 34.63 -41.06 20.42
N VAL B 340 34.34 -42.04 19.56
CA VAL B 340 33.69 -43.28 19.98
C VAL B 340 34.45 -44.42 19.32
N LYS B 341 34.91 -44.15 18.10
CA LYS B 341 35.76 -45.05 17.35
C LYS B 341 36.99 -44.26 16.87
N THR B 342 38.13 -44.83 16.68
CA THR B 342 39.30 -44.01 16.30
C THR B 342 39.30 -43.60 14.86
N ILE B 343 39.62 -42.32 14.77
CA ILE B 343 39.84 -41.44 13.65
C ILE B 343 41.19 -41.70 13.01
N VAL B 344 41.23 -41.94 11.72
CA VAL B 344 42.45 -42.14 10.98
C VAL B 344 42.46 -41.22 9.77
N GLY B 345 43.65 -40.95 9.32
CA GLY B 345 43.82 -40.03 8.26
C GLY B 345 44.40 -40.75 7.12
N HIS B 346 43.47 -41.01 6.25
CA HIS B 346 43.63 -41.75 5.14
C HIS B 346 43.38 -40.88 4.05
N ALA B 347 44.36 -40.84 3.15
CA ALA B 347 44.46 -39.94 2.02
C ALA B 347 43.96 -40.28 0.69
N LEU B 348 42.82 -39.73 0.36
CA LEU B 348 42.10 -40.03 -0.83
C LEU B 348 42.21 -39.28 -2.07
N ASN B 349 41.83 -39.90 -3.16
CA ASN B 349 41.85 -39.19 -4.42
C ASN B 349 40.63 -38.35 -4.72
N ILE B 350 40.24 -37.41 -3.88
CA ILE B 350 39.12 -36.51 -4.21
C ILE B 350 39.60 -35.13 -4.20
N ASP B 351 38.97 -34.25 -4.95
CA ASP B 351 39.39 -32.89 -5.17
C ASP B 351 39.56 -32.14 -3.92
N HIS B 352 40.34 -31.13 -3.85
CA HIS B 352 40.45 -30.54 -2.56
C HIS B 352 39.38 -29.72 -1.88
N PHE B 353 38.31 -29.28 -2.51
CA PHE B 353 37.28 -28.60 -1.77
C PHE B 353 36.56 -29.57 -0.97
N ALA B 354 36.26 -30.71 -1.54
CA ALA B 354 35.57 -31.74 -0.91
C ALA B 354 36.34 -32.21 0.20
N ALA B 355 37.63 -32.41 0.09
CA ALA B 355 38.45 -32.82 1.20
C ALA B 355 38.44 -31.76 2.21
N SER B 356 38.49 -30.49 1.86
CA SER B 356 38.46 -29.46 2.86
C SER B 356 37.19 -29.52 3.63
N VAL B 357 36.02 -29.65 3.05
CA VAL B 357 34.77 -29.81 3.78
C VAL B 357 34.63 -31.10 4.51
N LEU B 358 35.10 -32.23 3.99
CA LEU B 358 35.01 -33.49 4.73
C LEU B 358 35.84 -33.31 5.91
N ASN B 359 37.03 -32.73 5.80
CA ASN B 359 37.83 -32.47 6.91
C ASN B 359 37.24 -31.50 7.87
N ILE B 360 36.59 -30.40 7.50
CA ILE B 360 36.03 -29.46 8.49
C ILE B 360 34.98 -30.11 9.24
N ASN B 361 34.16 -30.92 8.60
CA ASN B 361 33.08 -31.54 9.28
C ASN B 361 33.70 -32.44 10.20
N LEU B 362 34.84 -33.02 10.00
CA LEU B 362 35.22 -33.97 11.09
C LEU B 362 35.62 -33.34 12.34
N ARG B 363 36.38 -32.30 12.21
CA ARG B 363 36.84 -31.57 13.32
C ARG B 363 35.72 -31.01 14.12
N ALA B 364 34.64 -30.53 13.57
CA ALA B 364 33.53 -30.03 14.38
C ALA B 364 32.97 -31.10 15.25
N LEU B 365 32.80 -32.28 14.74
CA LEU B 365 32.26 -33.39 15.50
C LEU B 365 33.10 -33.93 16.49
N MET B 366 34.30 -33.47 16.55
CA MET B 366 35.19 -33.92 17.57
C MET B 366 35.59 -32.78 18.48
N GLU B 367 35.57 -31.58 17.91
CA GLU B 367 35.92 -30.37 18.64
C GLU B 367 34.92 -30.02 19.73
N ALA B 368 33.64 -30.17 19.39
CA ALA B 368 32.57 -29.87 20.32
C ALA B 368 32.57 -30.91 21.42
N ASN B 369 32.29 -30.49 22.65
CA ASN B 369 32.25 -31.43 23.75
C ASN B 369 30.81 -31.63 24.20
N VAL B 370 30.34 -32.86 24.09
CA VAL B 370 28.98 -33.19 24.49
C VAL B 370 29.06 -34.30 25.54
N THR B 371 28.43 -34.07 26.68
CA THR B 371 28.45 -35.07 27.74
C THR B 371 27.04 -35.53 28.11
N ALA B 372 26.85 -36.85 28.10
CA ALA B 372 25.56 -37.43 28.47
C ALA B 372 24.84 -36.59 29.52
N ASP B 373 25.73 -35.81 30.11
CA ASP B 373 25.38 -34.80 31.06
C ASP B 373 24.69 -33.67 30.39
N ASP B 374 25.02 -33.32 29.18
CA ASP B 374 24.31 -32.25 28.51
C ASP B 374 22.92 -32.64 28.30
N ARG B 375 22.68 -33.85 27.89
CA ARG B 375 21.36 -34.31 27.72
C ARG B 375 20.71 -34.37 28.99
N ILE B 376 21.31 -34.77 30.09
CA ILE B 376 20.64 -34.79 31.37
C ILE B 376 20.27 -33.42 31.77
N LYS B 377 21.10 -32.41 31.52
CA LYS B 377 20.77 -31.12 31.92
C LYS B 377 19.61 -30.69 31.09
N ALA B 378 19.56 -30.98 29.81
CA ALA B 378 18.44 -30.61 29.02
C ALA B 378 17.24 -31.29 29.50
N LEU B 379 17.21 -32.54 29.94
CA LEU B 379 16.01 -33.06 30.54
C LEU B 379 15.60 -32.39 31.90
N GLN B 380 16.44 -32.03 32.83
CA GLN B 380 15.79 -31.55 34.01
C GLN B 380 15.05 -30.31 33.71
N ALA B 381 15.39 -29.55 32.69
CA ALA B 381 14.63 -28.40 32.38
C ALA B 381 13.24 -28.76 31.99
N HIS B 382 13.01 -29.74 31.15
CA HIS B 382 11.65 -30.10 30.76
C HIS B 382 10.95 -31.05 31.62
N SER B 383 11.56 -31.50 32.66
CA SER B 383 10.95 -32.39 33.57
C SER B 383 10.64 -31.61 34.73
N MET B 384 9.48 -31.82 35.27
CA MET B 384 8.86 -31.11 36.37
C MET B 384 9.77 -31.01 37.51
N ILE B 385 9.86 -29.88 38.14
CA ILE B 385 10.84 -29.57 39.15
C ILE B 385 10.91 -30.55 40.27
N SER B 386 12.12 -30.86 40.71
CA SER B 386 12.55 -31.79 41.77
C SER B 386 12.68 -33.23 41.51
N THR B 387 12.61 -33.57 40.23
CA THR B 387 12.84 -34.88 39.65
C THR B 387 14.33 -35.23 39.69
N GLN B 388 14.74 -36.50 39.77
CA GLN B 388 16.13 -36.85 39.83
C GLN B 388 16.39 -37.78 38.70
N PHE B 389 17.34 -37.54 37.81
CA PHE B 389 17.68 -38.43 36.70
C PHE B 389 18.99 -39.09 37.00
N HIS B 390 19.10 -40.40 36.74
CA HIS B 390 20.27 -41.23 37.07
C HIS B 390 20.92 -42.11 36.04
N GLY B 391 22.10 -42.69 36.19
CA GLY B 391 22.45 -43.55 35.06
C GLY B 391 23.83 -43.33 34.48
N PRO B 392 23.88 -43.24 33.17
CA PRO B 392 25.14 -43.18 32.52
C PRO B 392 26.00 -42.19 33.21
N ASN B 393 27.28 -42.47 33.20
CA ASN B 393 28.20 -41.60 33.81
C ASN B 393 28.11 -40.34 33.14
N GLN B 394 27.97 -39.27 33.86
CA GLN B 394 27.80 -37.97 33.26
C GLN B 394 29.12 -37.49 32.81
N GLY B 395 29.36 -37.63 31.53
CA GLY B 395 30.64 -37.30 30.98
C GLY B 395 31.16 -38.39 30.08
N ALA B 396 30.20 -39.01 29.44
CA ALA B 396 30.38 -40.00 28.46
C ALA B 396 30.07 -39.25 27.22
N LEU B 397 30.97 -39.06 26.28
CA LEU B 397 30.68 -38.31 25.06
C LEU B 397 29.74 -39.03 24.16
N ARG B 398 28.94 -38.23 23.45
CA ARG B 398 27.81 -38.58 22.58
C ARG B 398 27.54 -39.24 21.22
N PRO B 399 28.18 -38.99 20.12
CA PRO B 399 28.71 -37.77 19.71
C PRO B 399 27.84 -37.11 18.70
N GLU B 400 27.51 -35.89 19.01
CA GLU B 400 26.70 -35.03 18.20
C GLU B 400 27.22 -33.62 18.35
N LEU B 401 26.89 -32.86 17.36
CA LEU B 401 27.27 -31.53 17.43
C LEU B 401 26.60 -31.02 18.60
N ALA B 402 27.37 -30.27 19.39
CA ALA B 402 26.86 -29.67 20.62
C ALA B 402 25.83 -28.59 20.32
N PHE B 403 24.59 -28.83 20.74
CA PHE B 403 23.51 -27.87 20.53
C PHE B 403 23.96 -26.45 20.83
N ASP B 404 24.37 -25.72 19.79
CA ASP B 404 24.83 -24.35 19.94
C ASP B 404 23.74 -23.47 20.56
N HIS B 405 24.12 -22.68 21.56
CA HIS B 405 23.19 -21.79 22.23
C HIS B 405 23.08 -20.47 21.53
N ASP B 406 24.19 -20.00 21.00
CA ASP B 406 24.23 -18.72 20.30
C ASP B 406 23.48 -18.81 18.97
N HIS B 407 23.86 -19.77 18.13
CA HIS B 407 23.22 -19.95 16.84
C HIS B 407 21.73 -19.94 16.94
N ILE B 408 21.20 -20.64 17.94
CA ILE B 408 19.83 -20.75 18.11
C ILE B 408 19.26 -19.50 18.51
N ILE B 409 19.88 -18.71 19.35
CA ILE B 409 19.31 -17.44 19.78
C ILE B 409 19.21 -16.46 18.69
N ARG B 410 20.20 -16.28 17.83
CA ARG B 410 20.09 -15.33 16.76
C ARG B 410 19.04 -15.75 15.86
N CYS B 411 18.96 -17.02 15.52
CA CYS B 411 17.91 -17.48 14.65
C CYS B 411 16.54 -17.37 15.26
N LEU B 412 16.33 -17.59 16.55
CA LEU B 412 15.00 -17.42 17.15
C LEU B 412 14.61 -15.98 17.09
N MET B 413 15.56 -15.08 17.31
CA MET B 413 15.25 -13.70 17.22
C MET B 413 14.86 -13.43 15.82
N LEU B 414 15.58 -13.89 14.83
CA LEU B 414 15.19 -13.63 13.46
C LEU B 414 13.83 -14.18 13.12
N ALA B 415 13.52 -15.41 13.55
CA ALA B 415 12.23 -15.95 13.22
C ALA B 415 11.19 -15.15 13.85
N ALA B 416 11.30 -14.69 15.08
CA ALA B 416 10.25 -13.83 15.64
C ALA B 416 10.11 -12.61 14.88
N ALA B 417 11.13 -11.99 14.37
CA ALA B 417 10.88 -10.81 13.62
C ALA B 417 10.10 -11.02 12.42
N ASN B 418 10.40 -12.00 11.59
CA ASN B 418 9.65 -12.27 10.35
C ASN B 418 8.66 -13.32 10.20
N TYR B 419 8.78 -14.42 10.90
CA TYR B 419 7.85 -15.52 10.73
C TYR B 419 6.78 -15.33 11.76
N PRO B 420 5.55 -15.10 11.37
CA PRO B 420 4.46 -14.91 12.31
C PRO B 420 4.08 -16.11 13.15
N ARG B 421 4.11 -17.24 12.50
CA ARG B 421 3.67 -18.41 13.11
C ARG B 421 4.49 -18.80 14.26
N LEU B 422 5.65 -18.21 14.49
CA LEU B 422 6.57 -18.60 15.55
C LEU B 422 6.04 -18.45 16.86
N GLU B 423 5.28 -17.42 17.11
CA GLU B 423 4.64 -17.28 18.37
C GLU B 423 3.71 -18.38 18.51
N GLY B 424 2.89 -18.66 17.52
CA GLY B 424 1.95 -19.74 17.64
C GLY B 424 2.64 -21.07 17.84
N ILE B 425 3.78 -21.35 17.24
CA ILE B 425 4.47 -22.57 17.42
C ILE B 425 4.96 -22.76 18.80
N ILE B 426 5.52 -21.75 19.38
CA ILE B 426 5.94 -21.81 20.72
C ILE B 426 4.75 -21.96 21.57
N VAL B 427 3.63 -21.28 21.37
CA VAL B 427 2.43 -21.51 22.21
C VAL B 427 1.90 -22.90 22.04
N GLN B 428 2.00 -23.47 20.87
CA GLN B 428 1.59 -24.82 20.62
C GLN B 428 2.43 -25.83 21.36
N ILE B 429 3.72 -25.71 21.56
CA ILE B 429 4.39 -26.77 22.31
C ILE B 429 4.00 -26.82 23.74
N ASN B 430 3.84 -25.67 24.38
CA ASN B 430 3.50 -25.69 25.76
C ASN B 430 2.08 -25.71 26.18
N THR B 431 1.17 -25.42 25.27
CA THR B 431 -0.21 -25.67 25.51
C THR B 431 -0.37 -27.16 25.46
N GLY B 432 0.32 -27.86 24.59
CA GLY B 432 0.36 -29.27 24.57
C GLY B 432 0.96 -29.73 25.85
N TYR B 433 2.00 -29.13 26.41
CA TYR B 433 2.45 -29.56 27.73
C TYR B 433 1.45 -29.39 28.78
N VAL B 434 0.70 -28.31 28.88
CA VAL B 434 -0.30 -28.21 29.95
C VAL B 434 -1.35 -29.22 29.77
N ALA B 435 -1.75 -29.54 28.54
CA ALA B 435 -2.76 -30.54 28.29
C ALA B 435 -2.29 -31.84 28.70
N SER B 436 -1.04 -32.14 28.48
CA SER B 436 -0.45 -33.34 28.90
C SER B 436 -0.39 -33.44 30.31
N ALA B 437 -0.07 -32.38 30.97
CA ALA B 437 0.21 -32.39 32.37
C ALA B 437 -0.87 -32.79 33.20
N ASN B 438 -2.09 -32.74 32.68
CA ASN B 438 -3.33 -33.08 33.34
C ASN B 438 -3.58 -32.30 34.54
N VAL B 439 -3.65 -31.00 34.41
CA VAL B 439 -3.89 -30.26 35.57
C VAL B 439 -5.07 -29.35 35.76
N ILE B 440 -5.97 -29.22 34.84
CA ILE B 440 -7.22 -28.43 34.93
C ILE B 440 -8.14 -29.32 34.03
N ARG B 441 -9.39 -29.23 34.24
CA ARG B 441 -10.33 -29.93 33.43
C ARG B 441 -11.65 -29.20 33.52
N PRO B 442 -12.59 -29.49 32.66
CA PRO B 442 -13.86 -28.82 32.67
C PRO B 442 -14.90 -29.80 32.97
N VAL B 443 -15.74 -29.52 33.92
CA VAL B 443 -16.78 -30.39 34.30
C VAL B 443 -18.13 -29.76 33.87
N SER B 444 -19.15 -30.56 33.53
CA SER B 444 -20.45 -30.08 33.09
C SER B 444 -21.31 -29.19 33.95
N GLU B 445 -21.35 -29.43 35.27
CA GLU B 445 -21.97 -28.60 36.31
C GLU B 445 -21.46 -27.22 36.52
N LYS B 446 -22.31 -26.25 36.75
CA LYS B 446 -21.86 -24.93 37.15
C LYS B 446 -22.49 -24.67 38.46
N ARG B 447 -21.62 -24.24 39.36
CA ARG B 447 -21.74 -23.79 40.76
C ARG B 447 -20.87 -22.56 41.08
N TYR B 448 -21.26 -21.52 40.11
CA TYR B 448 -20.48 -20.28 40.31
C TYR B 448 -21.01 -19.44 41.47
N PHE B 449 -21.15 -18.14 40.87
CA PHE B 449 -21.69 -17.06 41.68
C PHE B 449 -22.76 -17.46 42.70
N PRO B 450 -24.09 -18.00 42.19
CA PRO B 450 -25.28 -18.33 42.96
C PRO B 450 -25.16 -18.19 44.48
N GLU B 451 -24.41 -19.09 45.11
CA GLU B 451 -24.22 -19.04 46.56
C GLU B 451 -25.39 -19.71 47.25
N ASN B 452 -26.13 -20.49 46.48
CA ASN B 452 -27.28 -21.21 47.00
C ASN B 452 -28.52 -20.31 47.15
N LEU B 453 -29.49 -20.48 46.26
CA LEU B 453 -30.72 -19.69 46.32
C LEU B 453 -30.99 -18.89 45.05
N GLU B 454 -29.96 -18.67 44.25
CA GLU B 454 -30.12 -17.92 43.00
C GLU B 454 -31.35 -18.36 42.24
N GLN B 455 -31.94 -17.48 41.43
CA GLN B 455 -33.20 -17.83 40.70
C GLN B 455 -34.44 -17.26 41.42
N ASN B 456 -34.26 -16.04 41.92
CA ASN B 456 -35.13 -15.26 42.70
C ASN B 456 -35.26 -13.92 41.97
N GLN B 457 -36.31 -13.19 41.76
CA GLN B 457 -36.11 -11.94 40.99
C GLN B 457 -35.02 -10.81 41.35
N SER B 458 -34.75 -10.48 42.62
CA SER B 458 -33.73 -9.45 42.94
C SER B 458 -32.29 -9.86 42.43
N ALA B 459 -32.13 -11.12 42.66
CA ALA B 459 -31.09 -11.85 42.16
C ALA B 459 -31.14 -11.88 40.67
N ALA B 460 -32.27 -11.77 39.92
CA ALA B 460 -32.19 -11.85 38.48
C ALA B 460 -31.38 -10.82 38.01
N ARG B 461 -31.52 -9.57 38.44
CA ARG B 461 -30.50 -8.65 37.82
C ARG B 461 -29.04 -8.97 38.14
N LEU B 462 -28.79 -9.34 39.40
CA LEU B 462 -27.36 -9.73 39.65
C LEU B 462 -26.89 -10.89 38.83
N VAL B 463 -27.74 -11.88 38.67
CA VAL B 463 -27.50 -13.09 37.93
C VAL B 463 -27.25 -12.80 36.52
N SER B 464 -28.01 -11.98 35.87
CA SER B 464 -27.74 -11.73 34.46
C SER B 464 -26.39 -11.10 34.20
N ALA B 465 -25.94 -10.25 35.08
CA ALA B 465 -24.66 -9.65 34.94
C ALA B 465 -23.62 -10.69 35.10
N VAL B 466 -23.76 -11.63 35.99
CA VAL B 466 -22.74 -12.68 36.14
C VAL B 466 -22.74 -13.80 35.16
N LYS B 467 -23.61 -13.72 34.19
CA LYS B 467 -23.83 -14.74 33.19
C LYS B 467 -23.58 -14.33 31.83
N ALA B 468 -23.53 -13.05 31.59
CA ALA B 468 -23.01 -12.54 30.39
C ALA B 468 -21.53 -12.84 30.48
N ARG B 469 -20.90 -12.60 31.62
CA ARG B 469 -19.57 -12.90 31.85
C ARG B 469 -19.29 -14.31 32.39
N ALA B 470 -19.55 -15.36 31.65
CA ALA B 470 -19.19 -16.70 32.07
C ALA B 470 -18.93 -17.56 30.87
N SER B 471 -17.72 -17.56 30.45
CA SER B 471 -17.31 -18.38 29.40
C SER B 471 -17.53 -19.84 29.78
N GLU B 472 -17.73 -20.69 28.80
CA GLU B 472 -17.81 -22.11 29.03
C GLU B 472 -16.46 -22.66 29.05
N ALA B 473 -16.24 -23.54 29.98
CA ALA B 473 -14.96 -24.12 30.12
C ALA B 473 -14.92 -24.97 28.91
N ASP B 474 -13.94 -24.71 28.11
CA ASP B 474 -13.76 -25.47 26.91
C ASP B 474 -12.31 -25.83 26.79
N ILE B 475 -11.87 -26.76 27.60
CA ILE B 475 -10.57 -27.35 27.47
C ILE B 475 -9.34 -26.80 26.74
N SER B 476 -9.45 -26.44 25.47
CA SER B 476 -8.39 -25.91 24.72
C SER B 476 -8.29 -24.46 24.87
N SER B 477 -9.23 -23.78 25.52
CA SER B 477 -8.96 -22.35 25.74
C SER B 477 -8.43 -22.15 27.10
N ILE B 478 -8.70 -23.05 28.04
CA ILE B 478 -8.17 -22.93 29.36
C ILE B 478 -6.74 -23.15 29.30
N HIS B 479 -6.28 -24.12 28.52
CA HIS B 479 -4.87 -24.42 28.35
C HIS B 479 -4.23 -23.27 27.70
N LEU B 480 -4.84 -22.61 26.78
CA LEU B 480 -4.23 -21.49 26.19
C LEU B 480 -3.99 -20.40 27.15
N ALA B 481 -4.90 -20.16 28.09
CA ALA B 481 -4.70 -19.13 29.10
C ALA B 481 -3.53 -19.45 29.94
N ILE B 482 -3.36 -20.70 30.31
CA ILE B 482 -2.23 -21.11 31.10
C ILE B 482 -0.96 -21.01 30.33
N ALA B 483 -0.99 -21.29 29.05
CA ALA B 483 0.17 -21.24 28.23
C ALA B 483 0.48 -19.89 27.69
N ARG B 484 -0.30 -18.87 28.00
CA ARG B 484 0.13 -17.55 27.62
C ARG B 484 0.88 -17.25 28.83
N GLU B 485 0.58 -17.92 29.84
CA GLU B 485 1.22 -17.39 31.04
C GLU B 485 2.74 -17.42 30.96
N VAL B 486 3.41 -18.35 30.31
CA VAL B 486 4.84 -18.29 30.30
C VAL B 486 5.54 -18.30 28.95
N SER B 487 4.84 -17.92 27.91
CA SER B 487 5.30 -17.98 26.55
C SER B 487 5.60 -16.66 25.92
N PRO B 488 6.54 -16.56 25.02
CA PRO B 488 6.95 -15.31 24.43
C PRO B 488 5.90 -14.50 23.77
N MET B 489 5.82 -13.21 23.86
CA MET B 489 4.77 -12.45 23.17
C MET B 489 5.37 -11.69 22.05
N PHE B 490 4.85 -12.00 20.88
CA PHE B 490 5.37 -11.45 19.66
C PHE B 490 4.83 -10.25 19.09
N ASN B 491 3.54 -10.03 19.11
CA ASN B 491 2.95 -8.72 18.81
C ASN B 491 2.07 -8.43 19.95
N VAL B 492 2.14 -7.28 20.58
CA VAL B 492 1.45 -6.97 21.81
C VAL B 492 0.00 -7.20 21.73
N HIS B 493 -0.61 -7.80 22.75
CA HIS B 493 -2.01 -8.08 22.63
C HIS B 493 -2.86 -7.60 23.67
N GLU B 494 -4.10 -7.19 23.37
CA GLU B 494 -4.99 -6.57 24.36
C GLU B 494 -6.37 -7.07 24.53
N LEU B 495 -7.04 -6.86 25.65
CA LEU B 495 -8.34 -7.54 25.88
C LEU B 495 -9.51 -7.49 24.92
N LYS B 496 -10.34 -8.48 24.86
CA LYS B 496 -11.46 -8.37 23.98
C LYS B 496 -12.28 -7.56 24.86
N LYS B 497 -12.50 -6.29 24.55
CA LYS B 497 -13.15 -5.43 25.55
C LYS B 497 -14.52 -5.63 26.06
N ILE B 498 -14.63 -5.33 27.33
CA ILE B 498 -15.89 -5.42 27.94
C ILE B 498 -16.27 -4.02 28.03
N ALA B 499 -17.27 -3.64 27.31
CA ALA B 499 -17.69 -2.33 27.47
C ALA B 499 -18.81 -2.54 28.33
N GLU B 500 -18.61 -2.23 29.58
CA GLU B 500 -19.65 -2.22 30.57
C GLU B 500 -19.47 -0.91 31.26
N SER B 501 -20.53 -0.17 31.52
CA SER B 501 -20.47 1.15 32.12
C SER B 501 -20.61 1.39 33.63
N PHE B 502 -20.51 0.39 34.45
CA PHE B 502 -20.57 0.55 35.86
C PHE B 502 -21.76 1.28 36.45
N GLU B 503 -22.91 1.06 35.89
CA GLU B 503 -24.11 1.68 36.40
C GLU B 503 -24.84 1.05 37.50
N ASP B 504 -24.47 -0.20 37.78
CA ASP B 504 -24.96 -0.97 38.94
C ASP B 504 -23.95 -1.83 39.78
N PRO B 505 -24.48 -2.39 40.84
CA PRO B 505 -23.68 -3.17 41.72
C PRO B 505 -23.09 -4.41 40.99
N SER B 506 -23.77 -4.80 39.93
CA SER B 506 -23.29 -5.88 39.10
C SER B 506 -22.05 -5.60 38.23
N SER B 507 -21.74 -4.34 38.14
CA SER B 507 -20.53 -3.90 37.64
C SER B 507 -19.46 -4.07 38.71
N ILE B 508 -19.84 -4.51 39.87
CA ILE B 508 -18.75 -4.88 40.63
C ILE B 508 -18.14 -6.09 40.00
N VAL B 509 -18.89 -6.91 39.25
CA VAL B 509 -18.39 -8.12 38.67
C VAL B 509 -17.30 -7.93 37.72
N VAL B 510 -17.35 -6.93 36.86
CA VAL B 510 -16.27 -6.73 35.98
C VAL B 510 -15.06 -6.36 36.73
N VAL B 511 -15.11 -5.51 37.73
CA VAL B 511 -13.89 -5.19 38.38
C VAL B 511 -13.35 -6.43 38.91
N LEU B 512 -14.15 -7.28 39.51
CA LEU B 512 -13.63 -8.48 40.05
C LEU B 512 -13.05 -9.42 39.08
N GLU B 513 -13.45 -9.49 37.84
CA GLU B 513 -12.83 -10.37 36.91
C GLU B 513 -11.45 -9.91 36.60
N PHE B 514 -11.21 -8.62 36.53
CA PHE B 514 -9.88 -8.13 36.40
C PHE B 514 -9.14 -8.47 37.65
N ILE B 515 -9.69 -8.42 38.85
CA ILE B 515 -8.92 -8.81 40.03
C ILE B 515 -8.56 -10.24 39.94
N LEU B 516 -9.48 -11.09 39.52
CA LEU B 516 -9.16 -12.50 39.39
C LEU B 516 -8.14 -12.69 38.33
N PHE B 517 -8.20 -11.97 37.23
CA PHE B 517 -7.31 -12.15 36.16
C PHE B 517 -5.97 -11.80 36.61
N ALA B 518 -5.75 -10.74 37.39
CA ALA B 518 -4.40 -10.47 37.85
C ALA B 518 -3.92 -11.51 38.79
N LEU B 519 -4.80 -12.01 39.62
CA LEU B 519 -4.38 -13.05 40.54
C LEU B 519 -3.87 -14.28 39.79
N PHE B 520 -4.65 -14.90 38.96
CA PHE B 520 -4.22 -16.09 38.34
C PHE B 520 -3.15 -16.03 37.34
N PHE B 521 -3.16 -15.04 36.45
CA PHE B 521 -2.08 -14.90 35.49
C PHE B 521 -1.49 -13.56 35.70
N PRO B 522 -0.25 -13.37 36.03
CA PRO B 522 0.23 -12.07 36.21
C PRO B 522 0.98 -11.62 35.08
N THR B 523 1.77 -12.45 34.47
CA THR B 523 2.49 -11.87 33.38
C THR B 523 1.53 -11.34 32.41
N GLU B 524 0.60 -12.19 32.09
CA GLU B 524 -0.42 -11.99 31.13
C GLU B 524 -1.22 -10.82 31.44
N PHE B 525 -1.59 -10.56 32.66
CA PHE B 525 -2.35 -9.38 33.03
C PHE B 525 -1.64 -8.19 32.72
N ASN B 526 -0.37 -8.16 32.90
CA ASN B 526 0.41 -6.99 32.67
C ASN B 526 0.54 -6.51 31.29
N ARG B 527 0.44 -7.36 30.29
CA ARG B 527 0.52 -6.92 28.91
C ARG B 527 -0.63 -6.13 28.50
N ILE B 528 -1.76 -6.45 29.04
CA ILE B 528 -2.92 -5.74 28.69
C ILE B 528 -3.36 -4.78 29.71
N LYS B 529 -2.58 -4.51 30.73
CA LYS B 529 -2.99 -3.68 31.80
C LYS B 529 -3.31 -2.30 31.43
N GLY B 530 -2.88 -1.82 30.31
CA GLY B 530 -3.32 -0.51 29.90
C GLY B 530 -4.78 -0.54 29.64
N ASP B 531 -5.31 -1.53 28.97
CA ASP B 531 -6.73 -1.62 28.69
C ASP B 531 -7.54 -1.79 29.84
N ILE B 532 -7.06 -2.51 30.81
CA ILE B 532 -7.75 -2.66 32.03
C ILE B 532 -7.78 -1.34 32.68
N GLN B 533 -6.72 -0.53 32.65
CA GLN B 533 -6.76 0.80 33.18
C GLN B 533 -7.75 1.57 32.47
N ASN B 534 -8.00 1.44 31.23
CA ASN B 534 -9.10 2.19 30.71
C ASN B 534 -10.44 1.93 31.28
N VAL B 535 -10.82 0.68 31.33
CA VAL B 535 -12.12 0.32 31.86
C VAL B 535 -12.23 0.49 33.34
N LEU B 536 -11.17 0.24 34.07
CA LEU B 536 -11.17 0.48 35.49
C LEU B 536 -11.34 1.93 35.70
N LEU B 537 -10.75 2.85 34.92
CA LEU B 537 -11.00 4.27 35.12
C LEU B 537 -12.39 4.56 34.95
N LEU B 538 -13.05 4.01 33.95
CA LEU B 538 -14.48 4.27 33.82
C LEU B 538 -15.24 3.88 35.11
N PHE B 539 -14.97 2.73 35.68
CA PHE B 539 -15.55 2.35 36.94
C PHE B 539 -15.20 3.32 38.03
N PHE B 540 -13.96 3.78 38.14
CA PHE B 540 -13.59 4.68 39.18
C PHE B 540 -14.31 5.92 39.13
N SER B 541 -14.65 6.49 37.99
CA SER B 541 -15.50 7.64 38.08
C SER B 541 -16.97 7.36 38.22
N ARG B 542 -17.54 6.44 37.48
CA ARG B 542 -19.01 6.31 37.50
C ARG B 542 -19.60 5.98 38.76
N TRP B 543 -18.60 5.58 39.53
CA TRP B 543 -18.65 5.02 40.86
C TRP B 543 -17.84 5.66 42.01
N TYR B 544 -16.69 6.28 41.83
CA TYR B 544 -15.93 7.02 42.90
C TYR B 544 -15.56 8.36 42.29
N PRO B 545 -16.52 9.23 42.14
CA PRO B 545 -16.31 10.47 41.46
C PRO B 545 -15.32 11.32 42.03
N VAL B 546 -15.35 11.56 43.31
CA VAL B 546 -14.44 12.53 43.86
C VAL B 546 -13.03 12.22 43.73
N GLU B 547 -12.76 10.97 44.06
CA GLU B 547 -11.44 10.39 44.10
C GLU B 547 -10.85 10.35 42.84
N TYR B 548 -11.63 9.98 41.84
CA TYR B 548 -11.13 9.89 40.52
C TYR B 548 -10.82 11.21 40.08
N GLY B 549 -11.59 12.25 40.38
CA GLY B 549 -11.26 13.59 39.96
C GLY B 549 -9.90 13.95 40.47
N ILE B 550 -9.57 13.70 41.73
CA ILE B 550 -8.17 13.99 42.11
C ILE B 550 -7.10 13.12 41.40
N PHE B 551 -7.34 11.84 41.31
CA PHE B 551 -6.42 10.96 40.67
C PHE B 551 -6.24 11.29 39.26
N ILE B 552 -7.28 11.65 38.52
CA ILE B 552 -7.11 11.95 37.12
C ILE B 552 -6.35 13.16 36.98
N GLN B 553 -6.63 14.16 37.78
CA GLN B 553 -5.82 15.39 37.67
C GLN B 553 -4.34 15.18 37.94
N ARG B 554 -3.92 14.23 38.73
CA ARG B 554 -2.48 14.06 38.95
C ARG B 554 -1.79 13.48 37.81
N GLY B 555 -2.52 12.93 36.87
CA GLY B 555 -1.98 12.41 35.66
C GLY B 555 -2.40 11.03 35.48
N ALA B 556 -2.82 10.69 34.27
CA ALA B 556 -3.23 9.33 34.03
C ALA B 556 -2.15 8.48 33.58
N THR B 557 -0.97 8.99 33.32
CA THR B 557 0.21 8.24 32.83
C THR B 557 1.58 8.85 33.30
N TYR B 558 2.59 8.06 33.26
CA TYR B 558 3.83 8.55 33.60
C TYR B 558 4.93 7.81 33.01
N THR B 559 6.05 8.46 32.90
CA THR B 559 7.23 7.81 32.44
C THR B 559 8.20 7.95 33.47
N ILE B 560 8.84 6.86 33.84
CA ILE B 560 9.81 6.78 34.91
C ILE B 560 11.16 6.78 34.38
N ASN B 561 11.87 7.83 34.61
CA ASN B 561 13.21 7.86 34.19
C ASN B 561 13.93 8.73 35.17
N ALA B 562 14.93 9.44 34.70
CA ALA B 562 15.77 10.29 35.50
C ALA B 562 16.50 9.52 36.59
N ALA B 563 16.93 8.30 36.22
CA ALA B 563 17.59 7.42 37.13
C ALA B 563 16.76 7.27 38.39
N GLY B 564 15.50 6.88 38.20
CA GLY B 564 14.48 6.63 39.23
C GLY B 564 13.49 7.76 39.50
N GLU B 565 12.31 7.37 39.90
CA GLU B 565 11.20 8.31 40.22
C GLU B 565 10.19 8.44 39.10
N PHE B 566 8.92 8.71 39.40
CA PHE B 566 7.88 8.56 38.41
C PHE B 566 7.34 9.92 38.17
N GLU B 567 7.18 10.37 36.94
CA GLU B 567 6.59 11.67 36.70
C GLU B 567 5.21 11.63 36.01
N PHE B 568 4.12 12.07 36.64
CA PHE B 568 2.82 12.00 36.01
C PHE B 568 2.32 13.29 35.40
N SER B 569 2.07 13.15 34.11
CA SER B 569 1.71 14.22 33.23
C SER B 569 0.26 14.37 33.26
N GLY B 570 -0.24 15.48 33.76
CA GLY B 570 -1.66 15.61 33.97
C GLY B 570 -2.52 15.82 32.75
N ARG B 571 -2.78 14.74 32.09
CA ARG B 571 -3.68 14.70 30.98
C ARG B 571 -4.35 13.38 31.08
N ASN B 572 -5.66 13.31 31.04
CA ASN B 572 -6.29 12.02 31.09
C ASN B 572 -6.46 11.67 29.64
N GLU B 573 -5.86 10.60 29.23
CA GLU B 573 -5.96 10.14 27.88
C GLU B 573 -6.50 8.73 27.95
N LYS B 574 -6.17 7.91 26.98
CA LYS B 574 -6.60 6.58 27.12
C LYS B 574 -5.55 5.65 26.57
N TRP B 575 -5.41 4.49 27.14
CA TRP B 575 -4.31 3.69 26.77
C TRP B 575 -4.17 3.27 25.39
N ASP B 576 -5.15 2.67 24.78
CA ASP B 576 -5.00 2.20 23.40
C ASP B 576 -4.06 1.02 23.07
N GLN B 577 -2.78 1.08 23.44
CA GLN B 577 -1.70 0.08 23.22
C GLN B 577 -0.78 0.29 22.12
N SER B 578 -1.03 1.25 21.34
CA SER B 578 0.01 1.54 20.39
C SER B 578 1.22 1.94 21.21
N LEU B 579 1.03 2.40 22.43
CA LEU B 579 2.05 2.77 23.31
C LEU B 579 2.32 1.78 24.42
N TYR B 580 2.08 0.50 24.22
CA TYR B 580 2.53 -0.46 25.24
C TYR B 580 3.97 -0.46 25.20
N LEU B 581 4.52 -0.44 24.01
CA LEU B 581 5.94 -0.52 23.86
C LEU B 581 6.61 0.76 24.05
N SER B 582 5.92 1.83 24.40
CA SER B 582 6.56 3.10 24.61
C SER B 582 7.11 3.30 26.00
N GLU B 583 7.17 4.49 26.50
CA GLU B 583 7.74 4.60 27.84
C GLU B 583 6.70 4.95 28.85
N HIS B 584 5.43 4.95 28.48
CA HIS B 584 4.26 5.30 29.24
C HIS B 584 3.81 4.14 30.09
N PHE B 585 3.57 4.49 31.32
CA PHE B 585 2.95 3.56 32.19
C PHE B 585 1.52 4.15 32.35
N PRO B 586 0.79 3.27 33.01
CA PRO B 586 -0.54 3.45 33.45
C PRO B 586 -0.49 3.87 34.91
N ALA B 587 -1.08 5.04 35.07
CA ALA B 587 -1.13 5.80 36.28
C ALA B 587 -1.75 5.03 37.30
N LEU B 588 -2.85 4.38 37.00
CA LEU B 588 -3.57 3.58 37.93
C LEU B 588 -2.74 2.46 38.48
N PHE B 589 -1.85 1.90 37.74
CA PHE B 589 -1.09 0.75 38.27
C PHE B 589 0.21 0.95 38.90
N SER B 590 0.64 2.18 39.00
CA SER B 590 1.90 2.65 39.52
C SER B 590 2.12 2.40 40.91
N ASP B 591 1.05 2.64 41.62
CA ASP B 591 0.82 2.48 43.02
C ASP B 591 1.25 3.55 43.92
N VAL B 592 2.00 4.52 43.47
CA VAL B 592 2.46 5.49 44.41
C VAL B 592 1.30 6.11 45.03
N PRO B 593 1.25 6.29 46.33
CA PRO B 593 0.07 6.92 46.97
C PRO B 593 -0.32 8.35 46.60
N LEU B 594 -1.59 8.72 46.65
CA LEU B 594 -2.02 10.10 46.26
C LEU B 594 -2.18 10.96 47.48
N ALA B 595 -3.18 11.82 47.51
CA ALA B 595 -3.43 12.63 48.65
C ALA B 595 -4.85 12.33 48.81
N GLY B 596 -5.71 13.08 48.16
CA GLY B 596 -7.12 12.84 48.32
C GLY B 596 -7.71 11.49 47.91
N ALA B 597 -7.19 10.93 46.85
CA ALA B 597 -7.62 9.70 46.25
C ALA B 597 -6.94 8.48 46.75
N ASN B 598 -6.66 8.51 48.03
CA ASN B 598 -6.01 7.39 48.58
C ASN B 598 -6.85 6.18 48.62
N THR B 599 -8.16 6.33 48.58
CA THR B 599 -9.01 5.14 48.44
C THR B 599 -8.88 4.42 47.10
N ILE B 600 -8.70 5.13 46.00
CA ILE B 600 -8.50 4.47 44.72
C ILE B 600 -7.22 3.76 44.78
N ILE B 601 -6.17 4.33 45.38
CA ILE B 601 -4.95 3.61 45.55
C ILE B 601 -5.21 2.39 46.38
N ALA B 602 -6.17 2.25 47.27
CA ALA B 602 -6.34 0.89 47.84
C ALA B 602 -6.74 -0.22 46.88
N ILE B 603 -7.78 -0.01 46.06
CA ILE B 603 -8.29 -0.98 45.07
C ILE B 603 -7.24 -1.31 44.00
N MET B 604 -6.48 -0.31 43.68
CA MET B 604 -5.35 -0.46 42.84
C MET B 604 -4.36 -1.40 43.47
N ARG B 605 -4.15 -1.44 44.79
CA ARG B 605 -3.24 -2.43 45.37
C ARG B 605 -3.86 -3.73 45.65
N LEU B 606 -5.12 -3.90 45.33
CA LEU B 606 -5.76 -5.21 45.23
C LEU B 606 -5.28 -5.86 44.03
N PHE B 607 -4.76 -5.28 42.97
CA PHE B 607 -4.28 -6.14 41.86
C PHE B 607 -2.84 -6.08 42.06
N THR B 608 -2.22 -7.17 42.40
CA THR B 608 -0.81 -7.20 42.50
C THR B 608 -0.50 -8.65 42.49
N PRO B 609 0.42 -9.09 41.69
CA PRO B 609 0.76 -10.48 41.57
C PRO B 609 1.23 -11.06 42.84
N GLN B 610 0.82 -12.28 43.16
CA GLN B 610 1.25 -12.85 44.39
C GLN B 610 2.58 -13.53 44.49
N GLY B 611 2.90 -14.43 43.62
CA GLY B 611 4.20 -15.06 43.74
C GLY B 611 5.48 -14.32 43.41
N PHE B 612 6.55 -14.90 43.88
CA PHE B 612 7.87 -14.40 43.66
C PHE B 612 8.32 -14.62 42.27
N LEU B 613 9.32 -13.88 41.86
CA LEU B 613 9.90 -13.93 40.57
C LEU B 613 11.10 -14.71 40.74
N ARG B 614 11.24 -15.84 40.06
CA ARG B 614 12.34 -16.75 40.26
C ARG B 614 13.27 -16.75 39.19
N THR B 615 14.56 -16.67 39.46
CA THR B 615 15.55 -16.82 38.38
C THR B 615 15.50 -18.25 37.99
N ASP B 616 15.47 -18.56 36.72
CA ASP B 616 15.35 -19.94 36.27
C ASP B 616 16.57 -20.83 35.92
N ASP B 617 17.19 -21.31 36.98
CA ASP B 617 18.43 -21.98 36.94
C ASP B 617 18.55 -23.17 36.17
N LEU B 618 17.52 -23.98 36.04
CA LEU B 618 17.67 -25.16 35.25
C LEU B 618 18.02 -24.80 33.83
N ALA B 619 17.35 -23.85 33.21
CA ALA B 619 17.62 -23.47 31.85
C ALA B 619 18.90 -22.78 31.59
N ILE B 620 19.33 -21.95 32.50
CA ILE B 620 20.61 -21.34 32.39
C ILE B 620 21.67 -22.46 32.53
N ALA B 621 21.47 -23.44 33.39
CA ALA B 621 22.33 -24.60 33.48
C ALA B 621 22.28 -25.45 32.26
N ALA B 622 21.30 -25.36 31.42
CA ALA B 622 21.28 -26.27 30.33
C ALA B 622 21.56 -25.68 29.01
N ASN B 623 22.11 -24.47 29.00
CA ASN B 623 22.45 -23.83 27.77
C ASN B 623 21.28 -23.58 26.89
N PHE B 624 20.18 -23.25 27.48
CA PHE B 624 19.00 -22.92 26.74
C PHE B 624 19.14 -21.52 26.23
N PRO B 625 18.51 -21.21 25.14
CA PRO B 625 18.77 -19.95 24.56
C PRO B 625 17.95 -18.89 25.18
N ARG B 626 18.50 -17.91 25.90
CA ARG B 626 17.69 -16.86 26.53
C ARG B 626 18.06 -15.46 26.18
N ALA B 627 17.14 -14.63 25.74
CA ALA B 627 17.39 -13.24 25.44
C ALA B 627 17.58 -12.25 26.60
N SER B 628 17.02 -12.54 27.75
CA SER B 628 16.96 -11.61 28.82
C SER B 628 18.29 -11.07 29.31
N ARG B 629 19.27 -11.98 29.36
CA ARG B 629 20.65 -11.83 29.93
C ARG B 629 20.66 -12.09 31.43
N ASN B 630 19.51 -12.23 31.98
CA ASN B 630 19.50 -12.54 33.33
C ASN B 630 18.10 -12.96 33.37
N PRO B 631 17.75 -14.24 33.11
CA PRO B 631 16.36 -14.80 33.01
C PRO B 631 15.58 -14.88 34.31
N GLN B 632 14.38 -14.42 34.44
CA GLN B 632 13.55 -14.51 35.69
C GLN B 632 12.17 -14.96 34.95
N THR B 633 11.26 -15.23 35.82
CA THR B 633 9.92 -15.36 35.44
C THR B 633 9.04 -15.22 36.64
N TYR B 634 7.91 -14.53 36.54
CA TYR B 634 7.03 -14.46 37.65
C TYR B 634 6.41 -15.80 37.78
N ILE B 635 6.13 -16.20 39.00
CA ILE B 635 5.56 -17.48 39.22
C ILE B 635 4.15 -17.90 39.44
N PRO B 636 3.12 -17.12 39.42
CA PRO B 636 2.57 -16.25 40.40
C PRO B 636 2.20 -16.77 41.72
N TYR B 637 1.67 -17.96 41.90
CA TYR B 637 1.33 -18.44 43.20
C TYR B 637 2.41 -19.24 43.74
N THR B 638 2.80 -19.00 44.96
CA THR B 638 3.89 -19.70 45.62
C THR B 638 4.01 -21.17 46.03
N ASN B 639 2.97 -21.81 46.59
CA ASN B 639 2.83 -23.18 47.18
C ASN B 639 2.92 -23.10 48.66
N GLN B 640 1.93 -23.66 49.36
CA GLN B 640 1.67 -23.58 50.79
C GLN B 640 2.64 -24.11 51.73
N ARG B 641 2.70 -23.43 52.87
CA ARG B 641 3.62 -23.69 53.99
C ARG B 641 3.01 -24.11 55.35
N GLY B 642 1.76 -23.79 55.59
CA GLY B 642 1.13 -24.12 56.85
C GLY B 642 0.36 -25.39 56.80
N THR B 643 0.00 -25.90 57.96
CA THR B 643 -0.77 -27.12 58.02
C THR B 643 -2.06 -26.97 57.39
N VAL B 644 -2.71 -25.83 57.54
CA VAL B 644 -3.94 -25.55 56.96
C VAL B 644 -3.88 -24.07 56.82
N THR B 645 -3.10 -23.51 55.92
CA THR B 645 -3.10 -22.08 55.78
C THR B 645 -3.35 -21.39 54.56
N ASN B 646 -3.00 -21.93 53.43
CA ASN B 646 -3.21 -21.24 52.21
C ASN B 646 -2.90 -19.83 51.99
N GLU B 647 -1.68 -19.46 51.67
CA GLU B 647 -1.41 -18.05 51.49
C GLU B 647 -2.26 -17.43 50.43
N PHE B 648 -2.44 -18.12 49.32
CA PHE B 648 -3.22 -17.58 48.22
C PHE B 648 -4.66 -17.37 48.56
N ALA B 649 -5.30 -18.33 49.22
CA ALA B 649 -6.67 -18.19 49.55
C ALA B 649 -6.86 -17.08 50.48
N SER B 650 -5.98 -16.88 51.44
CA SER B 650 -6.13 -15.79 52.35
C SER B 650 -6.07 -14.51 51.63
N ARG B 651 -5.16 -14.34 50.67
CA ARG B 651 -5.17 -13.07 49.93
C ARG B 651 -6.47 -12.90 49.24
N PHE B 652 -7.01 -13.90 48.58
CA PHE B 652 -8.30 -13.68 47.94
C PHE B 652 -9.40 -13.37 48.88
N ARG B 653 -9.46 -13.92 50.06
CA ARG B 653 -10.49 -13.59 51.03
C ARG B 653 -10.41 -12.18 51.33
N THR B 654 -9.22 -11.64 51.62
CA THR B 654 -9.16 -10.18 51.86
C THR B 654 -9.63 -9.42 50.68
N ILE B 655 -9.19 -9.73 49.47
CA ILE B 655 -9.68 -8.98 48.31
C ILE B 655 -11.15 -9.07 48.15
N VAL B 656 -11.78 -10.22 48.35
CA VAL B 656 -13.21 -10.34 48.14
C VAL B 656 -14.06 -9.94 49.27
N ALA B 657 -13.45 -9.31 50.27
CA ALA B 657 -14.18 -8.86 51.44
C ALA B 657 -13.87 -7.39 51.75
N THR B 658 -12.60 -7.09 51.97
CA THR B 658 -12.17 -5.73 52.25
C THR B 658 -12.50 -4.82 51.08
N LEU B 659 -12.57 -5.40 49.88
CA LEU B 659 -12.90 -4.64 48.69
C LEU B 659 -14.41 -4.46 48.55
N ALA B 660 -15.16 -5.44 49.02
CA ALA B 660 -16.62 -5.39 48.96
C ALA B 660 -17.13 -4.02 49.41
N ASN B 661 -16.59 -3.52 50.51
CA ASN B 661 -16.97 -2.21 51.04
C ASN B 661 -17.25 -1.17 49.95
N VAL B 662 -17.23 -1.91 48.92
CA VAL B 662 -17.44 -1.03 47.76
C VAL B 662 -18.84 -1.25 47.18
N VAL B 663 -19.48 -2.36 47.84
CA VAL B 663 -20.83 -2.71 47.42
C VAL B 663 -21.84 -2.39 48.51
N ASN B 664 -21.29 -2.36 49.69
CA ASN B 664 -22.03 -2.09 50.85
C ASN B 664 -21.98 -0.70 51.30
N GLU B 665 -21.47 0.11 50.43
CA GLU B 665 -21.24 1.51 50.61
C GLU B 665 -21.34 2.24 49.29
N ARG B 666 -22.02 1.68 48.34
CA ARG B 666 -22.18 2.36 47.07
C ARG B 666 -23.53 2.87 47.05
N ALA B 667 -23.73 4.12 46.71
CA ALA B 667 -25.06 4.66 46.78
C ALA B 667 -25.83 4.44 45.61
N VAL B 668 -26.72 3.49 45.67
CA VAL B 668 -27.65 3.29 44.58
C VAL B 668 -28.79 4.27 44.75
N GLN B 669 -29.48 4.62 43.68
CA GLN B 669 -30.61 5.50 43.82
C GLN B 669 -31.77 4.84 43.20
N ASP B 670 -32.21 3.74 43.75
CA ASP B 670 -33.35 3.04 43.24
C ASP B 670 -33.86 2.00 44.07
N ASP B 671 -35.15 1.73 44.06
CA ASP B 671 -35.60 0.54 44.82
C ASP B 671 -35.11 -0.56 44.09
N MET B 672 -34.52 -1.58 44.62
CA MET B 672 -34.17 -2.70 43.71
C MET B 672 -32.79 -2.71 43.11
N GLN B 673 -32.20 -1.55 43.04
CA GLN B 673 -30.80 -1.52 42.84
C GLN B 673 -30.21 -1.78 44.24
N LYS B 674 -30.90 -1.44 45.33
CA LYS B 674 -30.61 -1.75 46.66
C LYS B 674 -30.72 -3.23 46.81
N ALA B 675 -31.72 -3.86 46.18
CA ALA B 675 -31.88 -5.28 46.20
C ALA B 675 -30.74 -5.88 45.53
N THR B 676 -30.30 -5.38 44.41
CA THR B 676 -29.19 -6.01 43.78
C THR B 676 -27.98 -5.90 44.58
N ARG B 677 -27.78 -4.84 45.29
CA ARG B 677 -26.59 -4.68 46.08
C ARG B 677 -26.43 -5.76 47.08
N SER B 678 -27.48 -6.16 47.76
CA SER B 678 -27.37 -7.28 48.64
C SER B 678 -27.07 -8.52 47.89
N CYS B 679 -27.68 -8.74 46.75
CA CYS B 679 -27.37 -9.95 45.97
C CYS B 679 -25.93 -9.97 45.59
N THR B 680 -25.33 -8.87 45.19
CA THR B 680 -23.93 -8.89 44.95
C THR B 680 -23.09 -9.13 46.13
N LYS B 681 -23.37 -8.63 47.33
CA LYS B 681 -22.53 -9.02 48.46
C LYS B 681 -22.63 -10.48 48.68
N GLN B 682 -23.79 -11.13 48.58
CA GLN B 682 -23.79 -12.59 48.77
C GLN B 682 -23.04 -13.27 47.72
N TRP B 683 -23.13 -12.83 46.49
CA TRP B 683 -22.34 -13.45 45.45
C TRP B 683 -20.87 -13.31 45.81
N LEU B 684 -20.35 -12.20 46.31
CA LEU B 684 -18.98 -12.11 46.71
C LEU B 684 -18.70 -13.11 47.78
N ARG B 685 -19.56 -13.31 48.78
CA ARG B 685 -19.28 -14.33 49.81
C ARG B 685 -19.22 -15.75 49.28
N HIS B 686 -20.13 -16.17 48.43
CA HIS B 686 -20.01 -17.52 47.90
C HIS B 686 -18.79 -17.62 47.10
N LEU B 687 -18.48 -16.61 46.35
CA LEU B 687 -17.38 -16.68 45.46
C LEU B 687 -16.08 -16.88 46.19
N GLU B 688 -15.90 -16.29 47.36
CA GLU B 688 -14.74 -16.59 48.11
C GLU B 688 -14.61 -18.00 48.58
N THR B 689 -15.67 -18.69 48.96
CA THR B 689 -15.62 -20.13 49.28
C THR B 689 -15.23 -20.98 48.10
N GLN B 690 -15.68 -20.63 46.91
CA GLN B 690 -15.24 -21.39 45.77
C GLN B 690 -13.76 -21.31 45.64
N PHE B 691 -13.26 -20.14 45.90
CA PHE B 691 -11.89 -19.90 45.78
C PHE B 691 -11.08 -20.75 46.70
N ASP B 692 -11.46 -21.10 47.90
CA ASP B 692 -10.69 -21.98 48.73
C ASP B 692 -10.40 -23.36 48.18
N ASN B 693 -11.40 -24.02 47.64
CA ASN B 693 -11.17 -25.32 47.04
C ASN B 693 -10.16 -25.18 45.87
N ILE B 694 -10.47 -24.20 45.03
CA ILE B 694 -9.58 -24.09 43.91
C ILE B 694 -8.23 -23.52 44.24
N ALA B 695 -8.08 -22.81 45.34
CA ALA B 695 -6.86 -22.25 45.73
C ALA B 695 -5.94 -23.27 46.03
N VAL B 696 -6.34 -24.32 46.75
CA VAL B 696 -5.31 -25.36 46.98
C VAL B 696 -4.92 -25.95 45.72
N ALA B 697 -5.84 -26.23 44.80
CA ALA B 697 -5.39 -26.82 43.52
C ALA B 697 -4.50 -25.97 42.75
N HIS B 698 -4.68 -24.67 42.77
CA HIS B 698 -3.78 -23.78 42.12
C HIS B 698 -2.50 -23.61 42.71
N THR B 699 -2.36 -23.56 44.02
CA THR B 699 -1.04 -23.28 44.57
C THR B 699 -0.25 -24.49 44.70
N ASP B 700 -0.73 -25.63 44.30
CA ASP B 700 0.32 -26.71 44.43
C ASP B 700 1.06 -27.48 43.30
N HIS B 701 0.13 -27.79 42.44
CA HIS B 701 0.29 -28.39 41.20
C HIS B 701 0.39 -27.34 40.23
N LEU B 702 -0.47 -26.36 40.24
CA LEU B 702 -0.37 -25.36 39.22
C LEU B 702 0.88 -24.56 39.25
N SER B 703 1.34 -24.17 40.39
CA SER B 703 2.51 -23.44 40.42
C SER B 703 3.62 -24.26 39.93
N VAL B 704 3.66 -25.52 40.27
CA VAL B 704 4.74 -26.39 39.84
C VAL B 704 4.78 -26.53 38.37
N VAL B 705 3.67 -26.65 37.67
CA VAL B 705 3.69 -26.74 36.26
C VAL B 705 4.29 -25.51 35.72
N TYR B 706 3.93 -24.33 36.17
CA TYR B 706 4.52 -23.13 35.71
C TYR B 706 5.95 -23.02 35.98
N ALA B 707 6.41 -23.46 37.13
CA ALA B 707 7.76 -23.38 37.47
C ALA B 707 8.48 -24.19 36.57
N THR B 708 8.08 -25.41 36.19
CA THR B 708 8.86 -26.16 35.24
C THR B 708 8.91 -25.46 34.00
N MET B 709 7.77 -25.15 33.42
CA MET B 709 7.61 -24.62 32.10
C MET B 709 8.29 -23.36 31.91
N SER B 710 8.54 -22.65 32.96
CA SER B 710 9.25 -21.43 32.90
C SER B 710 10.61 -21.67 32.32
N ASN B 711 11.20 -22.83 32.46
CA ASN B 711 12.47 -22.97 31.81
C ASN B 711 12.55 -24.13 30.92
N PHE B 712 11.77 -24.03 29.88
CA PHE B 712 11.70 -24.86 28.72
C PHE B 712 12.54 -24.20 27.66
N MET B 713 12.93 -24.90 26.64
CA MET B 713 13.76 -24.31 25.61
C MET B 713 13.25 -23.22 24.75
N LEU B 714 12.03 -23.26 24.34
CA LEU B 714 11.57 -22.20 23.57
C LEU B 714 10.78 -21.18 24.31
N ASN B 715 10.63 -21.23 25.62
CA ASN B 715 9.99 -20.13 26.29
C ASN B 715 11.20 -19.37 26.49
N PHE B 716 11.44 -18.34 25.71
CA PHE B 716 12.70 -17.65 25.83
C PHE B 716 12.81 -16.16 26.03
N THR B 717 11.77 -15.53 26.46
CA THR B 717 11.93 -14.16 26.88
C THR B 717 11.75 -14.12 28.40
N ASN B 718 11.87 -12.97 29.02
CA ASN B 718 11.49 -12.88 30.41
C ASN B 718 10.48 -11.79 30.23
N ASN B 719 9.26 -12.22 30.39
CA ASN B 719 8.11 -11.39 30.26
C ASN B 719 7.61 -10.80 31.46
N PHE B 720 8.21 -11.14 32.59
CA PHE B 720 7.69 -10.88 33.89
C PHE B 720 7.22 -9.59 34.14
N SER B 721 5.99 -9.57 34.56
CA SER B 721 5.56 -8.35 35.03
C SER B 721 6.14 -8.75 36.35
N GLY B 722 7.45 -8.62 36.63
CA GLY B 722 7.93 -8.88 37.98
C GLY B 722 7.19 -7.85 38.84
N ASN B 723 7.21 -6.61 38.42
CA ASN B 723 6.48 -5.59 39.12
C ASN B 723 5.66 -4.74 38.25
N HIS B 724 4.39 -4.60 38.49
CA HIS B 724 3.53 -3.84 37.62
C HIS B 724 3.89 -2.43 37.46
N ALA B 725 4.35 -1.83 38.51
CA ALA B 725 4.69 -0.46 38.52
C ALA B 725 5.72 -0.11 37.58
N THR B 726 6.74 -0.91 37.34
CA THR B 726 7.80 -0.55 36.40
C THR B 726 8.40 -1.61 35.40
N PHE B 727 7.65 -2.14 34.46
CA PHE B 727 8.18 -3.11 33.55
C PHE B 727 7.91 -2.82 32.09
N LYS B 728 8.90 -2.81 31.22
CA LYS B 728 8.68 -2.59 29.80
C LYS B 728 9.46 -3.73 29.18
N PRO B 729 8.96 -4.41 28.19
CA PRO B 729 9.61 -5.60 27.71
C PRO B 729 10.74 -5.33 26.79
N ASP B 730 11.86 -4.88 27.34
CA ASP B 730 13.13 -4.54 26.62
C ASP B 730 13.22 -4.20 25.14
N GLN B 731 12.84 -5.17 24.35
CA GLN B 731 12.79 -5.09 22.91
C GLN B 731 13.89 -4.88 21.94
N TYR B 732 14.29 -5.93 21.26
CA TYR B 732 15.25 -5.88 20.23
C TYR B 732 14.61 -5.64 18.87
N VAL B 733 15.38 -5.13 17.95
CA VAL B 733 15.04 -4.81 16.58
C VAL B 733 16.09 -5.33 15.64
N ILE B 734 15.79 -5.63 14.39
CA ILE B 734 16.82 -6.07 13.47
C ILE B 734 17.14 -4.97 12.52
N THR B 735 18.10 -4.12 12.85
CA THR B 735 18.40 -3.00 12.01
C THR B 735 19.62 -3.23 11.37
N SER B 736 19.62 -2.92 10.09
CA SER B 736 20.79 -3.05 9.30
C SER B 736 21.28 -1.72 8.80
N PRO B 737 22.50 -1.69 8.33
CA PRO B 737 23.11 -0.54 7.73
C PRO B 737 22.44 -0.10 6.54
N GLU B 738 21.86 -0.95 5.73
CA GLU B 738 21.25 -0.51 4.46
C GLU B 738 19.85 0.00 4.55
N GLY B 739 19.30 0.08 5.74
CA GLY B 739 17.97 0.66 5.91
C GLY B 739 16.78 -0.21 5.91
N SER B 740 16.81 -1.12 6.84
CA SER B 740 15.76 -2.05 7.09
C SER B 740 15.54 -2.08 8.57
N TYR B 741 14.30 -2.19 9.01
CA TYR B 741 14.06 -2.15 10.40
C TYR B 741 12.92 -2.91 10.78
N LYS B 742 13.08 -4.15 11.21
CA LYS B 742 11.96 -4.98 11.56
C LYS B 742 12.07 -5.33 12.97
N PRO B 743 11.33 -4.69 13.81
CA PRO B 743 11.40 -4.89 15.22
C PRO B 743 10.81 -6.19 15.61
N ILE B 744 11.38 -6.83 16.62
CA ILE B 744 10.95 -8.12 17.10
C ILE B 744 9.67 -8.21 17.74
N ILE B 745 9.28 -7.35 18.66
CA ILE B 745 8.00 -7.43 19.32
C ILE B 745 7.29 -6.20 18.95
N GLU B 746 6.19 -6.21 18.21
CA GLU B 746 5.47 -4.94 17.96
C GLU B 746 4.03 -5.09 17.74
N ARG B 747 3.32 -4.01 17.97
CA ARG B 747 1.92 -3.90 17.96
C ARG B 747 1.23 -3.94 16.71
N GLN B 748 0.18 -4.71 16.67
CA GLN B 748 -0.67 -4.76 15.52
C GLN B 748 -1.97 -5.33 15.86
N GLY B 749 -2.95 -5.02 15.05
CA GLY B 749 -4.25 -5.55 15.30
C GLY B 749 -4.19 -7.04 15.22
N GLU B 750 -5.15 -7.67 15.84
CA GLU B 750 -5.12 -9.09 15.96
C GLU B 750 -5.01 -9.86 14.73
N THR B 751 -4.09 -10.77 14.73
CA THR B 751 -3.73 -11.66 13.71
C THR B 751 -4.62 -12.82 13.56
N VAL B 752 -4.42 -13.58 12.50
CA VAL B 752 -5.30 -14.65 12.19
C VAL B 752 -5.43 -15.71 13.21
N ASP B 753 -4.35 -16.39 13.60
CA ASP B 753 -4.52 -17.44 14.59
C ASP B 753 -4.98 -16.74 15.78
N GLY B 754 -6.03 -17.20 16.46
CA GLY B 754 -6.58 -16.39 17.54
C GLY B 754 -5.89 -16.40 18.86
N LEU B 755 -4.62 -15.99 18.86
CA LEU B 755 -3.67 -15.98 19.90
C LEU B 755 -3.55 -14.61 20.51
N THR B 756 -3.72 -13.59 19.66
CA THR B 756 -3.55 -12.10 19.85
C THR B 756 -4.35 -11.30 20.76
N ILE B 757 -5.60 -11.62 20.89
CA ILE B 757 -6.48 -10.91 21.75
C ILE B 757 -6.86 -11.82 22.79
N ILE B 758 -6.69 -11.42 24.03
CA ILE B 758 -7.02 -12.27 25.13
C ILE B 758 -8.23 -11.85 25.76
N ASP B 759 -9.20 -12.73 25.67
CA ASP B 759 -10.54 -12.56 26.23
C ASP B 759 -10.29 -12.74 27.64
N THR B 760 -10.74 -11.81 28.42
CA THR B 760 -10.39 -11.80 29.80
C THR B 760 -11.25 -12.50 30.71
N SER B 761 -12.31 -13.16 30.20
CA SER B 761 -13.34 -13.84 31.01
C SER B 761 -13.13 -15.28 31.30
N ILE B 762 -11.98 -15.72 30.90
CA ILE B 762 -11.54 -17.07 31.11
C ILE B 762 -11.38 -17.41 32.56
N VAL B 763 -11.29 -16.39 33.40
CA VAL B 763 -11.10 -16.50 34.79
C VAL B 763 -12.23 -17.16 35.40
N TRP B 764 -13.46 -16.87 35.00
CA TRP B 764 -14.61 -17.56 35.60
C TRP B 764 -14.68 -19.03 35.40
N PRO B 765 -14.46 -19.57 34.21
CA PRO B 765 -14.47 -20.99 34.05
C PRO B 765 -13.39 -21.56 34.84
N ILE B 766 -12.17 -21.02 34.88
CA ILE B 766 -11.14 -21.64 35.70
C ILE B 766 -11.36 -21.57 37.16
N LEU B 767 -12.22 -20.72 37.71
CA LEU B 767 -12.62 -20.79 39.13
C LEU B 767 -13.89 -21.61 39.37
N CYS B 768 -14.74 -21.99 38.38
CA CYS B 768 -16.10 -22.72 38.59
C CYS B 768 -16.67 -23.96 37.82
N GLN B 769 -15.92 -24.37 36.90
CA GLN B 769 -16.34 -25.39 36.12
C GLN B 769 -15.05 -26.13 35.89
N CYS B 770 -14.36 -26.43 36.94
CA CYS B 770 -13.14 -27.04 36.72
C CYS B 770 -12.73 -27.82 37.88
N THR B 771 -12.14 -28.96 37.63
CA THR B 771 -11.64 -29.77 38.70
C THR B 771 -10.24 -30.08 38.50
N TYR B 772 -9.47 -30.10 39.58
CA TYR B 772 -8.06 -30.35 39.50
C TYR B 772 -7.81 -31.77 39.92
N PRO B 773 -6.75 -32.06 40.66
CA PRO B 773 -6.45 -33.31 41.29
C PRO B 773 -6.18 -32.57 42.51
N LEU B 774 -7.21 -32.56 43.32
CA LEU B 774 -7.31 -31.60 44.35
C LEU B 774 -6.21 -31.36 45.25
N VAL B 775 -5.41 -32.36 45.67
CA VAL B 775 -4.22 -32.10 46.53
C VAL B 775 -3.02 -31.83 45.59
N GLU B 790 -1.56 -40.73 41.05
CA GLU B 790 -2.51 -39.67 41.01
C GLU B 790 -2.09 -38.60 40.07
N ILE B 791 -1.17 -37.77 40.50
CA ILE B 791 -0.65 -36.70 39.72
C ILE B 791 0.23 -37.29 38.70
N VAL B 792 0.17 -36.79 37.49
CA VAL B 792 1.00 -37.32 36.45
C VAL B 792 2.02 -36.33 36.09
N TYR B 793 3.27 -36.75 36.06
CA TYR B 793 4.39 -35.96 35.63
C TYR B 793 4.70 -36.39 34.23
N PRO B 794 5.11 -35.48 33.40
CA PRO B 794 5.26 -35.77 32.01
C PRO B 794 6.64 -35.83 31.62
N ASP B 795 6.98 -36.70 30.71
CA ASP B 795 8.38 -36.82 30.33
C ASP B 795 8.94 -35.64 29.76
N PRO B 796 10.13 -35.49 30.18
CA PRO B 796 10.94 -34.46 29.67
C PRO B 796 11.04 -34.69 28.23
N SER B 797 11.08 -35.91 27.84
CA SER B 797 11.28 -36.16 26.48
C SER B 797 10.31 -35.69 25.48
N THR B 798 9.05 -35.56 25.78
CA THR B 798 8.17 -35.17 24.71
C THR B 798 8.35 -33.81 24.28
N THR B 799 8.39 -32.92 25.22
CA THR B 799 8.63 -31.55 24.90
C THR B 799 10.01 -31.24 24.53
N LEU B 800 10.98 -31.95 25.05
CA LEU B 800 12.33 -31.67 24.74
C LEU B 800 12.50 -31.94 23.33
N SER B 801 12.07 -33.08 22.85
CA SER B 801 12.17 -33.36 21.45
C SER B 801 11.33 -32.44 20.67
N GLN B 802 10.15 -32.07 21.13
CA GLN B 802 9.28 -31.22 20.34
C GLN B 802 9.92 -29.94 20.09
N SER B 803 10.47 -29.35 21.12
CA SER B 803 11.11 -28.07 20.96
C SER B 803 12.39 -28.20 20.19
N LEU B 804 13.10 -29.32 20.30
CA LEU B 804 14.32 -29.49 19.53
C LEU B 804 14.03 -29.51 18.11
N SER B 805 12.99 -30.22 17.71
CA SER B 805 12.65 -30.23 16.32
C SER B 805 12.25 -28.83 15.93
N VAL B 806 11.49 -28.08 16.73
CA VAL B 806 11.13 -26.73 16.32
C VAL B 806 12.35 -25.87 16.10
N ALA B 807 13.39 -25.96 16.91
CA ALA B 807 14.62 -25.22 16.66
C ALA B 807 15.26 -25.65 15.39
N GLN B 808 15.30 -26.92 15.11
CA GLN B 808 15.81 -27.40 13.84
C GLN B 808 15.02 -26.85 12.69
N VAL B 809 13.71 -26.82 12.78
CA VAL B 809 12.84 -26.32 11.73
C VAL B 809 13.08 -24.88 11.52
N LEU B 810 13.24 -24.14 12.58
CA LEU B 810 13.50 -22.74 12.46
C LEU B 810 14.78 -22.54 11.81
N SER B 811 15.74 -23.36 12.05
CA SER B 811 16.93 -23.05 11.35
C SER B 811 16.67 -23.10 9.94
N LYS B 812 16.04 -24.10 9.35
CA LYS B 812 15.87 -24.09 7.90
C LYS B 812 15.14 -22.91 7.26
N LEU B 813 14.10 -22.34 7.79
CA LEU B 813 13.44 -21.20 7.19
C LEU B 813 14.36 -20.03 7.09
N THR B 814 14.95 -19.81 8.23
CA THR B 814 15.87 -18.78 8.36
C THR B 814 17.07 -19.00 7.48
N LEU B 815 17.57 -20.22 7.22
CA LEU B 815 18.70 -20.39 6.38
C LEU B 815 18.46 -19.90 5.06
N PRO B 816 17.33 -20.16 4.37
CA PRO B 816 17.24 -19.52 3.08
C PRO B 816 17.25 -18.11 3.07
N ASP B 817 16.51 -17.50 3.97
CA ASP B 817 16.55 -16.05 3.90
C ASP B 817 17.90 -15.43 4.23
N ALA B 818 18.56 -15.99 5.22
CA ALA B 818 19.84 -15.46 5.62
C ALA B 818 20.84 -15.59 4.54
N PHE B 819 20.88 -16.71 3.90
CA PHE B 819 21.86 -16.91 2.85
C PHE B 819 21.65 -16.03 1.67
N ILE B 820 20.39 -15.83 1.26
CA ILE B 820 20.17 -15.03 0.05
C ILE B 820 20.61 -13.68 0.24
N ASN B 821 20.35 -13.09 1.42
CA ASN B 821 20.77 -11.73 1.47
C ASN B 821 22.18 -11.60 1.96
N MET B 822 22.75 -12.64 2.53
CA MET B 822 24.17 -12.61 2.81
C MET B 822 24.86 -12.51 1.48
N ILE B 823 24.48 -13.19 0.42
CA ILE B 823 25.14 -13.00 -0.85
C ILE B 823 24.95 -11.60 -1.41
N LEU B 824 23.76 -11.03 -1.37
CA LEU B 824 23.54 -9.69 -1.88
C LEU B 824 23.70 -8.63 -0.84
N SER B 825 24.83 -8.63 -0.19
CA SER B 825 25.15 -7.69 0.80
C SER B 825 26.63 -7.53 0.92
N GLY B 826 27.29 -7.43 -0.20
CA GLY B 826 28.71 -7.32 -0.18
C GLY B 826 29.06 -8.54 0.54
N GLY B 827 29.73 -8.34 1.64
CA GLY B 827 30.13 -9.35 2.55
C GLY B 827 31.52 -8.97 2.36
N ASP B 828 31.98 -8.04 3.19
CA ASP B 828 33.36 -7.53 3.26
C ASP B 828 34.02 -6.89 2.04
N SER B 829 33.24 -6.41 1.12
CA SER B 829 33.69 -5.80 -0.06
C SER B 829 33.52 -4.35 0.20
N VAL B 830 34.60 -3.58 0.15
CA VAL B 830 34.46 -2.18 0.32
C VAL B 830 34.70 -1.44 -1.00
N VAL B 831 35.37 -2.02 -1.95
CA VAL B 831 35.63 -1.31 -3.20
C VAL B 831 36.27 0.05 -3.08
N MET B 832 37.43 0.07 -2.50
CA MET B 832 38.23 1.24 -2.36
C MET B 832 38.97 1.53 -3.64
N ARG B 833 39.24 2.80 -3.91
CA ARG B 833 40.02 3.22 -5.05
C ARG B 833 41.27 3.83 -4.50
N THR B 834 42.37 3.50 -5.12
CA THR B 834 43.61 4.07 -4.69
C THR B 834 44.04 5.02 -5.72
N TYR B 835 44.46 6.18 -5.31
CA TYR B 835 44.87 7.20 -6.23
C TYR B 835 46.41 7.32 -6.27
N GLN B 836 46.97 7.41 -7.47
CA GLN B 836 48.41 7.53 -7.63
C GLN B 836 48.87 8.98 -7.46
N THR B 837 49.43 9.29 -6.30
CA THR B 837 49.92 10.64 -6.02
C THR B 837 50.99 11.06 -7.02
N GLU B 838 50.76 10.77 -8.29
CA GLU B 838 51.71 11.13 -9.34
C GLU B 838 52.92 10.21 -9.32
N ALA B 839 54.02 10.67 -9.90
CA ALA B 839 55.25 9.89 -9.94
C ALA B 839 55.12 8.72 -10.92
N ASP B 840 55.82 7.63 -10.64
CA ASP B 840 55.78 6.44 -11.49
C ASP B 840 54.70 5.39 -11.32
N ASP B 841 53.69 5.76 -10.53
CA ASP B 841 52.55 4.96 -10.13
C ASP B 841 52.84 3.65 -9.42
N ASP B 842 52.15 2.59 -9.90
CA ASP B 842 52.08 1.15 -9.59
C ASP B 842 50.74 0.37 -9.70
N LEU B 843 49.63 1.04 -9.39
CA LEU B 843 48.31 0.43 -9.13
C LEU B 843 48.26 -0.01 -7.59
N ASP B 844 49.35 0.24 -6.89
CA ASP B 844 49.39 0.33 -5.45
C ASP B 844 49.76 1.82 -5.20
N GLU B 845 50.64 2.14 -4.25
CA GLU B 845 50.89 3.53 -3.79
C GLU B 845 49.52 4.05 -3.41
N GLY B 846 49.20 5.23 -3.88
CA GLY B 846 47.89 5.79 -3.71
C GLY B 846 47.52 6.29 -2.34
N ILE B 847 46.35 6.84 -2.25
CA ILE B 847 45.74 7.24 -1.03
C ILE B 847 44.37 6.69 -1.26
N ARG B 848 43.88 5.81 -0.40
CA ARG B 848 42.60 5.07 -0.57
C ARG B 848 41.40 5.80 -0.01
N MET B 849 40.39 6.03 -0.85
CA MET B 849 39.13 6.66 -0.45
C MET B 849 38.11 5.46 -0.40
N THR B 850 37.07 5.63 0.32
CA THR B 850 35.99 4.75 0.24
C THR B 850 34.84 5.64 0.37
N THR B 851 33.87 5.42 -0.49
CA THR B 851 32.65 6.18 -0.52
C THR B 851 32.03 5.93 0.81
N TYR B 852 31.53 6.96 1.44
CA TYR B 852 31.14 6.86 2.86
C TYR B 852 30.30 5.72 3.10
N ASP B 853 29.29 5.42 2.30
CA ASP B 853 28.43 4.32 2.61
C ASP B 853 29.05 2.95 2.68
N GLN B 854 30.03 2.70 1.86
CA GLN B 854 30.70 1.46 1.96
C GLN B 854 31.29 1.43 3.34
N TYR B 855 31.92 2.51 3.74
CA TYR B 855 32.43 2.61 5.05
C TYR B 855 31.36 2.56 5.98
N LEU B 856 30.19 3.15 5.82
CA LEU B 856 29.19 3.14 6.83
C LEU B 856 28.78 1.83 7.26
N SER B 857 28.34 0.99 6.35
CA SER B 857 27.92 -0.29 6.79
C SER B 857 29.04 -1.15 7.33
N HIS B 858 30.08 -1.29 6.51
CA HIS B 858 31.05 -2.26 6.95
C HIS B 858 31.85 -1.79 8.10
N ILE B 859 32.27 -0.58 7.91
CA ILE B 859 33.18 -0.14 8.87
C ILE B 859 32.60 0.22 10.09
N ARG B 860 31.42 0.84 10.03
CA ARG B 860 30.93 1.30 11.29
C ARG B 860 30.57 0.22 12.15
N GLU B 861 29.90 -0.79 11.59
CA GLU B 861 29.48 -1.80 12.52
C GLU B 861 30.59 -2.53 13.09
N ARG B 862 31.60 -2.86 12.31
CA ARG B 862 32.67 -3.66 12.88
C ARG B 862 33.42 -2.90 13.87
N LEU B 863 33.64 -1.66 13.59
CA LEU B 863 34.38 -0.81 14.47
C LEU B 863 33.70 -0.54 15.76
N HIS B 864 32.41 -0.34 15.79
CA HIS B 864 31.70 -0.01 17.03
C HIS B 864 31.73 -0.94 18.14
N ILE B 865 31.68 -2.20 17.78
CA ILE B 865 31.62 -3.38 18.56
C ILE B 865 32.86 -3.81 19.20
N THR B 866 33.96 -3.20 18.81
CA THR B 866 35.27 -3.50 19.35
C THR B 866 35.40 -2.09 19.81
N ASN B 867 34.73 -1.76 20.91
CA ASN B 867 34.52 -0.38 21.27
C ASN B 867 35.72 0.50 21.34
N VAL B 868 35.64 1.51 20.48
CA VAL B 868 36.64 2.50 20.14
C VAL B 868 36.00 3.78 19.66
N PRO B 869 36.78 4.83 19.58
CA PRO B 869 36.29 6.16 19.24
C PRO B 869 36.34 6.47 17.73
N ASP B 870 35.24 6.87 17.16
CA ASP B 870 35.03 6.96 15.74
C ASP B 870 36.05 7.62 14.93
N PRO B 871 36.83 6.79 14.28
CA PRO B 871 37.94 7.31 13.54
C PRO B 871 37.73 8.80 13.45
N ILE B 872 38.77 9.57 13.73
CA ILE B 872 38.77 11.04 13.74
C ILE B 872 38.46 11.71 12.43
N TYR B 873 37.86 12.88 12.43
CA TYR B 873 37.54 13.63 11.20
C TYR B 873 38.76 14.40 10.69
N ILE B 874 38.92 14.63 9.38
CA ILE B 874 40.16 15.25 8.85
C ILE B 874 40.16 16.65 8.19
N THR B 875 40.74 17.61 8.92
CA THR B 875 40.96 19.11 8.74
C THR B 875 40.65 19.81 10.15
N GLY B 876 40.29 21.10 10.39
CA GLY B 876 40.17 22.33 9.58
C GLY B 876 41.49 22.69 8.89
N ALA B 877 42.59 22.31 9.54
CA ALA B 877 43.96 22.40 9.09
C ALA B 877 44.51 21.07 8.51
N SER B 878 45.39 20.43 9.28
CA SER B 878 46.12 19.21 9.00
C SER B 878 45.97 18.25 10.18
N THR B 879 47.12 17.64 10.57
CA THR B 879 47.51 16.72 11.68
C THR B 879 48.59 15.73 11.28
N PRO B 880 48.51 15.24 10.07
CA PRO B 880 49.45 14.24 9.55
C PRO B 880 50.07 13.43 10.68
N ASP B 881 50.00 13.95 11.91
CA ASP B 881 50.55 13.26 13.07
C ASP B 881 49.47 12.49 13.82
N GLN B 882 48.44 13.31 14.07
CA GLN B 882 47.22 12.98 14.76
C GLN B 882 46.37 11.98 13.99
N ILE B 883 46.78 11.71 12.74
CA ILE B 883 46.25 10.60 11.99
C ILE B 883 46.79 9.41 12.79
N ALA B 884 48.06 9.38 13.18
CA ALA B 884 48.63 8.34 14.05
C ALA B 884 47.96 8.36 15.43
N ALA B 885 47.63 9.54 15.92
CA ALA B 885 46.95 9.65 17.21
C ALA B 885 45.65 8.95 17.14
N SER B 886 44.91 9.19 16.07
CA SER B 886 43.62 8.58 15.95
C SER B 886 43.62 7.23 15.45
N VAL B 887 44.73 6.77 14.92
CA VAL B 887 44.77 5.39 14.49
C VAL B 887 45.43 4.51 15.52
N GLN B 888 46.13 5.10 16.43
CA GLN B 888 46.60 4.27 17.49
C GLN B 888 45.40 3.96 18.35
N ALA B 889 44.61 4.98 18.62
CA ALA B 889 43.46 4.80 19.44
C ALA B 889 42.42 3.99 18.79
N THR B 890 42.08 4.25 17.56
CA THR B 890 41.04 3.42 16.91
C THR B 890 41.46 2.13 16.19
N HIS B 891 42.58 1.50 16.42
CA HIS B 891 42.91 0.20 15.79
C HIS B 891 42.70 -0.24 14.31
N VAL B 892 41.98 0.51 13.48
CA VAL B 892 41.62 0.18 12.14
C VAL B 892 42.41 0.97 11.08
N ALA B 893 42.63 2.24 11.36
CA ALA B 893 43.35 3.21 10.55
C ALA B 893 42.64 3.81 9.40
N VAL B 894 41.34 3.75 9.46
CA VAL B 894 40.48 4.44 8.55
C VAL B 894 40.36 5.86 9.08
N VAL B 895 40.37 6.86 8.22
CA VAL B 895 40.21 8.21 8.65
C VAL B 895 39.05 8.72 7.84
N LEU B 896 38.12 9.35 8.54
CA LEU B 896 36.89 9.87 8.07
C LEU B 896 36.99 11.31 7.71
N TYR B 897 36.50 11.71 6.51
CA TYR B 897 36.74 13.03 5.94
C TYR B 897 35.66 14.14 6.13
N GLN B 898 36.03 15.31 5.61
CA GLN B 898 35.41 16.54 5.96
C GLN B 898 35.96 17.72 5.23
N SER B 899 35.73 18.91 5.77
CA SER B 899 36.18 20.11 5.09
C SER B 899 37.65 20.45 4.96
N GLY B 900 37.97 21.06 3.81
CA GLY B 900 39.31 21.54 3.52
C GLY B 900 39.97 20.76 2.44
N VAL B 901 41.26 21.04 2.25
CA VAL B 901 42.14 20.44 1.29
C VAL B 901 43.19 19.81 2.16
N ILE B 902 43.32 18.49 2.08
CA ILE B 902 44.16 17.72 3.01
C ILE B 902 45.55 18.25 3.03
N ASN B 903 46.08 18.46 4.22
CA ASN B 903 47.39 19.05 4.33
C ASN B 903 48.49 18.34 3.58
N GLY B 904 49.31 19.11 2.90
CA GLY B 904 50.36 18.51 2.10
C GLY B 904 51.42 17.65 2.77
N SER B 905 51.95 18.09 3.90
CA SER B 905 52.91 17.28 4.62
C SER B 905 52.21 16.02 5.13
N ALA B 906 50.98 16.13 5.61
CA ALA B 906 50.25 14.96 6.11
C ALA B 906 49.54 14.12 5.07
N SER B 907 49.52 14.54 3.81
CA SER B 907 48.94 13.71 2.76
C SER B 907 49.79 12.50 2.65
N THR B 908 51.07 12.77 2.59
CA THR B 908 52.01 11.70 2.50
C THR B 908 51.97 10.80 3.68
N TYR B 909 51.66 11.28 4.87
CA TYR B 909 51.53 10.38 6.01
C TYR B 909 50.46 9.34 5.74
N LEU B 910 49.34 9.76 5.17
CA LEU B 910 48.25 8.85 4.85
C LEU B 910 48.65 7.86 3.78
N ARG B 911 49.23 8.36 2.70
CA ARG B 911 49.67 7.52 1.58
C ARG B 911 50.88 6.68 1.98
N GLU B 912 51.52 7.05 3.08
CA GLU B 912 52.69 6.34 3.57
C GLU B 912 52.35 5.46 4.77
N ASN B 913 51.06 5.20 4.95
CA ASN B 913 50.60 4.37 6.06
C ASN B 913 49.30 3.64 5.74
N GLU B 914 48.90 3.69 4.46
CA GLU B 914 47.69 3.02 4.02
C GLU B 914 46.47 3.27 4.85
N VAL B 915 46.15 4.49 5.18
CA VAL B 915 44.95 4.67 5.95
C VAL B 915 43.86 4.95 5.02
N LEU B 916 42.81 4.18 5.06
CA LEU B 916 41.69 4.44 4.20
C LEU B 916 41.15 5.73 4.55
N VAL B 917 40.72 6.40 3.54
CA VAL B 917 40.05 7.64 3.73
C VAL B 917 38.74 7.45 3.12
N VAL B 918 37.73 7.65 3.95
CA VAL B 918 36.38 7.53 3.53
C VAL B 918 35.97 8.85 2.95
N MET B 919 35.33 8.88 1.82
CA MET B 919 34.86 10.15 1.26
C MET B 919 33.36 10.14 1.15
N PRO B 920 32.73 11.28 1.30
CA PRO B 920 31.29 11.35 1.16
C PRO B 920 30.86 10.99 -0.29
N ASP B 921 31.64 11.44 -1.23
CA ASP B 921 31.43 11.20 -2.60
C ASP B 921 32.70 11.43 -3.37
N TYR B 922 32.76 10.96 -4.58
CA TYR B 922 33.96 11.36 -5.23
C TYR B 922 33.80 11.96 -6.54
N TYR B 923 33.46 13.24 -6.50
CA TYR B 923 33.32 14.14 -7.66
C TYR B 923 34.64 14.36 -8.34
N ASP B 924 35.63 14.44 -7.49
CA ASP B 924 37.02 14.47 -7.77
C ASP B 924 37.70 14.00 -6.44
N VAL B 925 38.77 13.23 -6.54
CA VAL B 925 39.52 12.96 -5.34
C VAL B 925 40.50 14.13 -5.08
N VAL B 926 40.80 14.78 -6.20
CA VAL B 926 41.62 15.93 -6.41
C VAL B 926 41.14 17.25 -5.86
N SER B 927 39.84 17.50 -5.90
CA SER B 927 39.35 18.77 -5.40
C SER B 927 39.67 18.86 -3.92
N ARG B 928 39.49 17.78 -3.14
CA ARG B 928 39.85 17.72 -1.73
C ARG B 928 41.31 17.73 -1.44
N PHE B 929 42.08 16.87 -2.07
CA PHE B 929 43.52 16.81 -1.75
C PHE B 929 44.23 17.99 -2.28
N ALA B 930 45.23 18.46 -1.56
CA ALA B 930 45.92 19.60 -2.05
C ALA B 930 47.04 18.91 -2.66
N ASN B 931 47.01 18.88 -3.96
CA ASN B 931 48.09 18.23 -4.65
C ASN B 931 49.31 19.05 -4.47
N ALA B 932 50.45 18.46 -4.07
CA ALA B 932 51.61 19.32 -4.00
C ALA B 932 52.04 19.69 -5.39
N ASN B 933 52.33 18.67 -6.21
CA ASN B 933 52.75 18.88 -7.58
C ASN B 933 52.36 17.72 -8.49
N LEU B 934 52.63 16.50 -8.03
CA LEU B 934 52.32 15.31 -8.81
C LEU B 934 50.81 15.17 -9.00
N GLN B 935 50.37 15.34 -10.25
CA GLN B 935 48.95 15.23 -10.57
C GLN B 935 48.32 14.02 -9.92
N MET B 936 48.10 14.10 -8.60
CA MET B 936 47.52 13.03 -7.87
C MET B 936 46.05 12.92 -8.23
N ASN B 937 45.61 13.60 -9.21
CA ASN B 937 44.17 13.57 -9.38
C ASN B 937 43.70 12.65 -10.48
N ASN B 938 43.20 13.28 -11.50
CA ASN B 938 42.74 12.63 -12.60
C ASN B 938 43.95 12.44 -13.63
N ASN B 939 45.12 13.05 -13.38
CA ASN B 939 46.30 12.68 -14.19
C ASN B 939 46.96 11.29 -13.94
N ARG B 940 46.96 10.84 -12.68
CA ARG B 940 47.38 9.50 -12.31
C ARG B 940 46.12 8.71 -12.02
N TYR B 941 45.40 8.35 -13.10
CA TYR B 941 44.10 7.68 -13.02
C TYR B 941 43.96 6.71 -11.85
N HIS B 942 43.11 7.09 -10.89
CA HIS B 942 42.84 6.25 -9.75
C HIS B 942 42.55 4.85 -10.21
N GLU B 943 42.58 3.90 -9.28
CA GLU B 943 42.38 2.53 -9.62
C GLU B 943 41.50 1.88 -8.54
N SER B 944 40.37 1.28 -8.94
CA SER B 944 39.37 0.66 -8.05
C SER B 944 39.54 -0.81 -7.77
N VAL B 945 39.84 -1.17 -6.55
CA VAL B 945 39.94 -2.54 -6.23
C VAL B 945 39.06 -2.85 -5.07
N LEU B 946 39.27 -4.02 -4.46
CA LEU B 946 38.54 -4.51 -3.30
C LEU B 946 39.26 -4.63 -1.96
N GLU B 947 38.81 -3.91 -0.96
CA GLU B 947 39.47 -3.86 0.30
C GLU B 947 39.65 -5.01 1.14
N ILE B 948 38.64 -5.83 1.29
CA ILE B 948 38.63 -7.06 2.02
C ILE B 948 38.64 -7.14 3.54
N ALA B 949 38.42 -6.07 4.31
CA ALA B 949 38.32 -6.19 5.79
C ALA B 949 39.38 -7.03 6.54
N ASP B 950 40.60 -6.97 6.07
CA ASP B 950 41.74 -7.52 6.76
C ASP B 950 42.43 -6.39 7.60
N ILE B 951 41.91 -5.17 7.54
CA ILE B 951 42.36 -4.08 8.36
C ILE B 951 42.10 -4.33 9.80
N PHE B 952 40.97 -4.94 10.08
CA PHE B 952 40.61 -5.29 11.40
C PHE B 952 41.45 -6.29 12.15
N ASP B 953 41.72 -7.44 11.52
CA ASP B 953 42.43 -8.53 12.16
C ASP B 953 41.66 -9.44 13.21
N GLN B 954 40.38 -9.64 12.95
CA GLN B 954 39.47 -10.40 13.84
C GLN B 954 39.07 -11.89 13.78
N ALA B 955 38.26 -12.18 14.75
CA ALA B 955 37.80 -13.51 14.92
C ALA B 955 36.35 -13.62 14.73
N ASP B 956 35.66 -13.30 15.80
CA ASP B 956 34.25 -13.37 15.84
C ASP B 956 33.76 -12.33 14.80
N PHE B 957 34.31 -11.10 14.74
CA PHE B 957 33.98 -10.15 13.65
C PHE B 957 34.69 -10.66 12.37
N ILE B 958 34.40 -10.27 11.15
CA ILE B 958 35.04 -10.87 9.92
C ILE B 958 34.74 -12.32 9.70
N GLN B 959 33.79 -12.56 8.81
CA GLN B 959 33.34 -13.88 8.50
C GLN B 959 33.50 -14.29 7.03
N THR B 960 32.83 -13.63 6.06
CA THR B 960 32.97 -14.04 4.63
C THR B 960 34.10 -13.34 3.96
N SER B 961 34.71 -13.92 2.94
CA SER B 961 35.86 -13.31 2.25
C SER B 961 35.50 -12.38 1.17
N ASP B 962 36.31 -12.04 0.19
CA ASP B 962 35.74 -11.16 -0.92
C ASP B 962 35.02 -11.87 -2.07
N ALA B 963 34.96 -13.18 -1.94
CA ALA B 963 34.32 -14.03 -2.88
C ALA B 963 32.88 -13.63 -3.01
N VAL B 964 32.19 -13.47 -1.88
CA VAL B 964 30.80 -13.05 -1.90
C VAL B 964 30.61 -11.81 -2.77
N ARG B 965 31.63 -10.97 -2.81
CA ARG B 965 31.60 -9.76 -3.61
C ARG B 965 31.40 -10.10 -5.08
N GLN B 966 32.37 -10.76 -5.67
CA GLN B 966 32.29 -11.17 -7.07
C GLN B 966 30.94 -11.82 -7.37
N LEU B 967 30.41 -12.52 -6.37
CA LEU B 967 29.14 -13.15 -6.50
C LEU B 967 28.03 -12.13 -6.58
N ARG B 968 28.02 -11.09 -5.77
CA ARG B 968 26.95 -10.08 -5.86
C ARG B 968 27.06 -9.40 -7.19
N ALA B 969 28.26 -9.08 -7.61
CA ALA B 969 28.50 -8.45 -8.89
C ALA B 969 27.99 -9.18 -10.11
N LEU B 970 27.94 -10.49 -10.09
CA LEU B 970 27.30 -11.23 -11.15
C LEU B 970 25.76 -11.17 -11.29
N MET B 971 25.05 -11.06 -10.20
CA MET B 971 23.59 -11.07 -10.27
C MET B 971 22.86 -9.80 -10.54
N PRO B 972 21.90 -9.85 -11.42
CA PRO B 972 21.11 -8.71 -11.84
C PRO B 972 20.41 -8.02 -10.72
N THR B 973 20.25 -6.71 -10.75
CA THR B 973 19.66 -6.04 -9.61
C THR B 973 18.30 -6.49 -9.35
N LEU B 974 18.10 -6.94 -8.13
CA LEU B 974 16.85 -7.45 -7.73
C LEU B 974 15.96 -6.36 -7.24
N SER B 975 14.68 -6.63 -7.25
CA SER B 975 13.69 -5.73 -6.80
C SER B 975 13.35 -6.23 -5.46
N THR B 976 12.10 -6.49 -5.16
CA THR B 976 11.74 -7.03 -3.88
C THR B 976 10.90 -8.20 -4.11
N SER B 977 9.96 -8.12 -4.97
CA SER B 977 9.32 -9.33 -5.09
C SER B 977 10.30 -10.31 -5.58
N GLN B 978 11.25 -9.95 -6.42
CA GLN B 978 12.29 -10.78 -6.93
C GLN B 978 13.18 -11.33 -5.91
N ILE B 979 13.51 -10.65 -4.84
CA ILE B 979 14.28 -11.28 -3.77
C ILE B 979 13.45 -12.30 -3.10
N ARG B 980 12.19 -12.09 -2.84
CA ARG B 980 11.38 -13.11 -2.23
C ARG B 980 11.16 -14.25 -3.15
N HIS B 981 11.13 -13.99 -4.45
CA HIS B 981 10.94 -15.03 -5.44
C HIS B 981 12.12 -15.98 -5.44
N ALA B 982 13.31 -15.40 -5.46
CA ALA B 982 14.53 -16.20 -5.45
C ALA B 982 14.68 -16.94 -4.12
N ILE B 983 14.34 -16.25 -3.03
CA ILE B 983 14.41 -16.84 -1.70
C ILE B 983 13.34 -17.91 -1.52
N GLU B 984 12.15 -17.64 -2.04
CA GLU B 984 11.04 -18.58 -1.96
C GLU B 984 11.39 -19.89 -2.68
N ARG B 985 12.02 -19.76 -3.85
CA ARG B 985 12.41 -20.92 -4.63
C ARG B 985 13.39 -21.79 -3.87
N ILE B 986 14.27 -21.16 -3.10
CA ILE B 986 15.26 -21.88 -2.31
C ILE B 986 14.61 -22.60 -1.12
N ALA B 987 13.50 -22.04 -0.64
CA ALA B 987 12.78 -22.63 0.48
C ALA B 987 12.14 -23.95 0.09
N GLN B 988 11.61 -24.01 -1.12
CA GLN B 988 10.97 -25.23 -1.63
C GLN B 988 11.99 -26.22 -2.14
N ILE B 989 13.11 -25.71 -2.65
CA ILE B 989 14.17 -26.55 -3.18
C ILE B 989 14.77 -27.42 -2.10
N THR B 990 14.58 -27.03 -0.85
CA THR B 990 15.10 -27.78 0.29
C THR B 990 14.02 -28.38 1.19
N ASP B 991 12.97 -28.92 0.56
CA ASP B 991 11.90 -29.59 1.30
C ASP B 991 11.48 -28.86 2.58
N VAL B 992 11.29 -27.56 2.48
CA VAL B 992 10.83 -26.76 3.61
C VAL B 992 9.86 -25.70 3.09
N ASP B 993 8.68 -25.59 3.71
CA ASP B 993 7.67 -24.68 3.20
C ASP B 993 7.62 -23.51 4.10
N SER B 994 7.45 -22.38 3.46
CA SER B 994 7.50 -21.11 4.09
C SER B 994 6.28 -20.39 3.63
N THR B 995 5.12 -20.82 4.08
CA THR B 995 3.90 -20.27 3.58
C THR B 995 3.78 -18.81 3.89
N ASP B 996 4.19 -18.41 5.07
CA ASP B 996 4.28 -16.98 5.43
C ASP B 996 5.66 -16.71 5.96
N TYR B 997 6.33 -15.69 5.57
CA TYR B 997 7.60 -15.34 6.05
C TYR B 997 7.56 -13.88 5.75
N GLY B 998 7.91 -13.11 6.68
CA GLY B 998 8.03 -11.78 6.28
C GLY B 998 6.68 -11.31 6.32
N LYS B 999 5.81 -11.87 5.58
CA LYS B 999 4.55 -11.22 5.69
C LYS B 999 3.92 -11.42 6.93
N LEU B 1000 3.07 -10.49 7.24
CA LEU B 1000 2.31 -10.55 8.42
C LEU B 1000 0.95 -10.57 8.07
N THR B 1001 0.25 -11.59 8.52
CA THR B 1001 -1.16 -11.88 8.25
C THR B 1001 -2.01 -11.41 9.33
N LEU B 1002 -3.08 -10.74 9.03
CA LEU B 1002 -3.95 -10.20 10.05
C LEU B 1002 -5.38 -10.51 9.75
N ARG B 1003 -6.23 -10.37 10.70
CA ARG B 1003 -7.64 -10.58 10.42
C ARG B 1003 -8.38 -9.57 9.61
N PHE B 1004 -8.25 -8.28 9.88
CA PHE B 1004 -9.06 -7.31 9.13
C PHE B 1004 -8.47 -6.51 8.01
N LEU B 1005 -7.24 -6.76 7.62
CA LEU B 1005 -6.59 -6.09 6.54
C LEU B 1005 -6.04 -6.98 5.53
N GLY B 1006 -6.35 -8.25 5.64
CA GLY B 1006 -5.82 -9.27 4.71
C GLY B 1006 -4.36 -9.52 4.96
N THR B 1007 -3.64 -10.21 4.09
CA THR B 1007 -2.23 -10.51 4.34
C THR B 1007 -1.23 -9.58 3.72
N LEU B 1008 -0.41 -9.00 4.55
CA LEU B 1008 0.52 -7.98 4.16
C LEU B 1008 1.85 -8.59 4.01
N THR B 1009 2.59 -8.12 3.05
CA THR B 1009 3.86 -8.72 2.77
C THR B 1009 4.94 -7.76 2.88
N ARG B 1010 6.01 -8.08 3.57
CA ARG B 1010 7.11 -7.21 3.69
C ARG B 1010 8.28 -7.70 2.94
N SER B 1011 9.16 -6.81 2.59
CA SER B 1011 10.35 -7.21 1.89
C SER B 1011 11.21 -7.96 2.82
N LEU B 1012 11.89 -8.95 2.27
CA LEU B 1012 12.73 -9.75 3.05
C LEU B 1012 14.14 -9.32 2.96
N LYS B 1013 14.49 -8.19 2.37
CA LYS B 1013 15.91 -7.84 2.34
C LYS B 1013 16.38 -7.04 3.48
N MET B 1014 17.12 -7.72 4.32
CA MET B 1014 17.75 -7.20 5.48
C MET B 1014 19.12 -7.56 5.10
N GLN B 1015 19.93 -6.65 4.57
CA GLN B 1015 21.26 -7.02 4.15
C GLN B 1015 22.12 -7.38 5.26
N ASN B 1016 22.56 -6.45 6.08
CA ASN B 1016 23.41 -6.84 7.19
C ASN B 1016 22.61 -6.46 8.34
N ALA B 1017 22.03 -7.41 9.01
CA ALA B 1017 21.23 -7.03 10.09
C ALA B 1017 21.79 -7.49 11.35
N GLN B 1018 21.54 -6.73 12.41
CA GLN B 1018 22.05 -7.09 13.73
C GLN B 1018 20.98 -6.89 14.80
N ILE B 1019 20.93 -7.81 15.77
CA ILE B 1019 19.95 -7.74 16.84
C ILE B 1019 20.38 -6.73 17.90
N ARG B 1020 19.98 -5.47 17.71
CA ARG B 1020 20.33 -4.41 18.65
C ARG B 1020 19.07 -3.78 19.25
N ARG B 1021 19.08 -3.59 20.56
CA ARG B 1021 17.94 -2.98 21.26
C ARG B 1021 17.58 -1.57 20.88
N ILE B 1022 16.28 -1.36 20.79
CA ILE B 1022 15.68 -0.16 20.37
C ILE B 1022 14.99 0.40 21.56
N ARG B 1023 15.26 1.65 21.84
CA ARG B 1023 14.78 2.41 22.96
C ARG B 1023 13.55 3.26 22.68
N PRO B 1024 12.48 3.08 23.43
CA PRO B 1024 11.14 3.62 23.26
C PRO B 1024 10.72 4.50 22.10
N ASP B 1025 11.42 5.55 21.86
CA ASP B 1025 11.25 6.38 20.68
C ASP B 1025 11.30 5.62 19.39
N GLY B 1026 11.71 4.34 19.34
CA GLY B 1026 11.92 3.57 18.06
C GLY B 1026 13.25 3.84 17.37
N THR B 1027 14.16 4.25 18.16
CA THR B 1027 15.45 4.60 17.69
C THR B 1027 16.40 3.48 18.06
N VAL B 1028 17.54 3.41 17.44
CA VAL B 1028 18.45 2.32 17.66
C VAL B 1028 19.55 2.62 18.63
N LEU B 1029 19.72 1.78 19.63
CA LEU B 1029 20.80 1.91 20.58
C LEU B 1029 22.04 1.19 20.14
N ARG B 1030 23.14 1.25 20.89
CA ARG B 1030 24.34 0.56 20.48
C ARG B 1030 24.43 -0.82 21.07
N TYR B 1031 25.59 -1.45 20.99
CA TYR B 1031 25.70 -2.72 21.60
C TYR B 1031 26.17 -2.61 23.04
N ASP B 1032 25.55 -1.51 23.44
CA ASP B 1032 25.89 -1.02 24.72
C ASP B 1032 25.83 -2.26 25.50
N ASP B 1033 26.94 -2.52 26.08
CA ASP B 1033 27.05 -3.65 26.92
C ASP B 1033 26.50 -3.38 28.28
N GLN B 1034 26.30 -4.49 28.98
CA GLN B 1034 25.70 -4.63 30.30
C GLN B 1034 24.21 -4.61 30.27
N ILE B 1035 23.62 -4.64 29.09
CA ILE B 1035 22.20 -4.69 28.99
C ILE B 1035 21.69 -5.84 28.15
N ASP B 1036 22.46 -6.32 27.18
CA ASP B 1036 22.02 -7.42 26.32
C ASP B 1036 23.06 -8.47 26.16
N ILE B 1037 22.67 -9.69 25.83
CA ILE B 1037 23.61 -10.78 25.77
C ILE B 1037 24.47 -10.85 24.57
N GLU B 1038 25.51 -11.62 24.83
CA GLU B 1038 26.71 -11.81 24.07
C GLU B 1038 26.47 -12.25 22.75
N ALA B 1039 25.71 -13.34 22.63
CA ALA B 1039 25.44 -13.95 21.34
C ALA B 1039 24.65 -13.01 20.44
N PHE B 1040 24.35 -11.83 20.96
CA PHE B 1040 23.59 -10.84 20.21
C PHE B 1040 24.47 -9.65 19.84
N ARG B 1041 25.77 -9.82 19.94
CA ARG B 1041 26.67 -8.78 19.62
C ARG B 1041 26.81 -8.70 18.17
N TRP B 1042 27.02 -9.80 17.49
CA TRP B 1042 27.30 -9.72 16.09
C TRP B 1042 26.71 -10.48 14.86
N SER B 1043 26.79 -11.79 14.75
CA SER B 1043 26.65 -12.50 13.41
C SER B 1043 25.57 -12.45 12.41
N ARG B 1044 26.04 -12.85 11.21
CA ARG B 1044 25.56 -12.93 9.78
C ARG B 1044 24.34 -13.77 9.41
N TYR B 1045 24.02 -14.56 10.40
CA TYR B 1045 22.93 -15.50 10.55
C TYR B 1045 23.10 -16.93 10.26
N PHE B 1046 24.34 -17.37 10.08
CA PHE B 1046 24.63 -18.77 9.77
C PHE B 1046 24.97 -19.55 11.04
N LEU B 1047 25.15 -20.86 10.90
CA LEU B 1047 25.48 -21.71 12.03
C LEU B 1047 26.58 -21.10 12.89
N ASP B 1048 27.31 -20.15 12.31
CA ASP B 1048 28.40 -19.48 13.01
C ASP B 1048 29.36 -20.49 13.63
N GLU B 1049 29.81 -21.45 12.83
CA GLU B 1049 30.73 -22.48 13.30
C GLU B 1049 30.98 -23.54 12.23
N LEU B 1050 29.90 -24.21 11.82
CA LEU B 1050 30.00 -25.23 10.84
C LEU B 1050 29.60 -24.65 9.53
N ARG B 1051 28.55 -23.89 9.49
CA ARG B 1051 28.07 -23.35 8.25
C ARG B 1051 28.94 -22.39 7.63
N LEU B 1052 29.46 -21.44 8.35
CA LEU B 1052 30.33 -20.47 7.76
C LEU B 1052 31.63 -21.02 7.33
N ARG B 1053 32.13 -22.06 7.94
CA ARG B 1053 33.37 -22.66 7.50
C ARG B 1053 33.14 -23.34 6.17
N ARG B 1054 32.02 -24.00 6.08
CA ARG B 1054 31.63 -24.66 4.90
C ARG B 1054 31.45 -23.60 3.84
N LEU B 1055 30.83 -22.49 4.15
CA LEU B 1055 30.66 -21.43 3.21
C LEU B 1055 31.93 -20.83 2.78
N SER B 1056 32.98 -20.73 3.61
CA SER B 1056 34.23 -20.19 3.06
C SER B 1056 34.77 -21.11 1.97
N VAL B 1057 34.71 -22.40 2.20
CA VAL B 1057 35.15 -23.36 1.17
C VAL B 1057 34.27 -23.30 -0.05
N GLY B 1058 32.98 -23.06 0.13
CA GLY B 1058 32.09 -22.94 -0.99
C GLY B 1058 32.48 -21.74 -1.77
N LEU B 1059 32.78 -20.64 -1.08
CA LEU B 1059 33.19 -19.41 -1.75
C LEU B 1059 34.39 -19.64 -2.65
N ARG B 1060 35.36 -20.41 -2.15
CA ARG B 1060 36.55 -20.73 -2.92
C ARG B 1060 36.21 -21.50 -4.18
N LEU B 1061 35.29 -22.44 -4.05
CA LEU B 1061 34.84 -23.25 -5.19
C LEU B 1061 34.15 -22.38 -6.24
N ILE B 1062 33.30 -21.47 -5.77
CA ILE B 1062 32.59 -20.56 -6.66
C ILE B 1062 33.39 -19.49 -7.29
N THR B 1063 34.62 -19.38 -6.94
CA THR B 1063 35.38 -18.38 -7.57
C THR B 1063 36.59 -18.88 -8.29
N ASN B 1064 36.76 -20.19 -8.34
CA ASN B 1064 37.83 -20.92 -8.98
C ASN B 1064 37.60 -20.77 -10.38
N PRO B 1065 38.57 -20.38 -11.14
CA PRO B 1065 38.33 -20.09 -12.54
C PRO B 1065 38.55 -21.23 -13.47
N ARG B 1066 38.15 -22.40 -13.05
CA ARG B 1066 38.03 -23.56 -13.88
C ARG B 1066 36.60 -23.95 -13.76
N ILE B 1067 35.70 -22.99 -13.68
CA ILE B 1067 34.27 -23.07 -13.49
C ILE B 1067 33.65 -21.77 -14.03
N ALA B 1068 34.43 -20.83 -14.52
CA ALA B 1068 33.98 -19.62 -15.01
C ALA B 1068 33.79 -19.87 -16.45
N ARG B 1069 32.85 -20.73 -16.68
CA ARG B 1069 32.64 -21.26 -17.96
C ARG B 1069 31.49 -20.79 -18.78
N ARG B 1070 30.93 -19.63 -18.47
CA ARG B 1070 29.93 -19.06 -19.30
C ARG B 1070 30.69 -17.88 -19.64
N PHE B 1071 31.25 -17.90 -20.84
CA PHE B 1071 32.08 -16.85 -21.39
C PHE B 1071 31.35 -15.85 -22.19
N ASP B 1072 31.79 -14.62 -22.35
CA ASP B 1072 31.08 -13.68 -23.19
C ASP B 1072 31.95 -13.05 -24.18
N GLY B 1073 31.34 -12.49 -25.20
CA GLY B 1073 31.99 -11.77 -26.28
C GLY B 1073 32.56 -12.71 -27.24
N VAL B 1074 32.01 -12.80 -28.43
CA VAL B 1074 32.50 -13.68 -29.48
C VAL B 1074 32.76 -12.83 -30.68
N ARG B 1075 33.94 -12.95 -31.23
CA ARG B 1075 34.41 -12.17 -32.42
C ARG B 1075 34.32 -12.96 -33.60
N ILE B 1076 33.67 -12.46 -34.65
CA ILE B 1076 33.45 -13.15 -35.92
C ILE B 1076 34.19 -12.46 -37.01
N MET B 1077 35.07 -13.13 -37.71
CA MET B 1077 35.91 -12.61 -38.76
C MET B 1077 36.10 -13.69 -39.72
N TYR B 1078 35.89 -13.50 -41.01
CA TYR B 1078 35.90 -14.59 -41.96
C TYR B 1078 37.16 -14.78 -42.55
N LEU B 1079 37.88 -15.79 -42.07
CA LEU B 1079 39.20 -16.10 -42.58
C LEU B 1079 39.27 -17.52 -43.14
N THR B 1080 39.71 -17.66 -44.38
CA THR B 1080 39.81 -18.96 -45.02
C THR B 1080 41.01 -19.75 -44.48
N ASP B 1081 41.02 -19.97 -43.17
CA ASP B 1081 42.11 -20.70 -42.53
C ASP B 1081 41.56 -21.76 -41.57
N ASP B 1082 42.46 -22.56 -41.00
CA ASP B 1082 42.07 -23.61 -40.07
C ASP B 1082 43.05 -23.71 -38.91
N ASP B 1083 42.58 -24.24 -37.79
CA ASP B 1083 43.41 -24.40 -36.61
C ASP B 1083 43.34 -25.82 -36.07
N PRO B 1084 44.21 -26.11 -35.00
CA PRO B 1084 44.11 -27.49 -34.52
C PRO B 1084 43.28 -27.60 -33.25
N ASP B 1085 42.93 -26.45 -32.67
CA ASP B 1085 42.13 -26.41 -31.44
C ASP B 1085 41.08 -25.35 -31.24
N PRO B 1086 40.60 -25.25 -30.02
CA PRO B 1086 39.71 -24.20 -29.65
C PRO B 1086 40.56 -23.08 -29.17
N ASP B 1087 39.89 -22.15 -28.58
CA ASP B 1087 40.51 -20.92 -28.11
C ASP B 1087 41.55 -20.23 -28.92
N PHE B 1088 41.33 -20.06 -30.20
CA PHE B 1088 42.33 -19.41 -31.00
C PHE B 1088 41.72 -18.17 -31.47
N VAL B 1089 41.72 -17.13 -30.68
CA VAL B 1089 41.16 -15.87 -31.11
C VAL B 1089 42.07 -15.20 -32.14
N PRO B 1090 41.80 -15.28 -33.44
CA PRO B 1090 42.67 -14.70 -34.45
C PRO B 1090 42.79 -13.28 -34.21
N ASP B 1091 43.98 -12.76 -34.11
CA ASP B 1091 44.13 -11.33 -33.82
C ASP B 1091 43.87 -10.55 -35.04
N VAL B 1092 43.35 -9.34 -34.81
CA VAL B 1092 43.00 -8.36 -35.84
C VAL B 1092 44.23 -8.00 -36.54
N PRO B 1093 44.15 -7.82 -37.82
CA PRO B 1093 45.32 -7.53 -38.62
C PRO B 1093 46.07 -6.29 -38.37
N GLU B 1094 46.78 -5.99 -39.37
CA GLU B 1094 47.46 -4.72 -39.34
C GLU B 1094 46.72 -3.40 -39.49
N GLY B 1095 46.16 -3.13 -40.66
CA GLY B 1095 45.53 -1.85 -40.90
C GLY B 1095 44.11 -1.66 -40.46
N TYR B 1096 43.49 -2.71 -40.02
CA TYR B 1096 42.15 -2.65 -39.58
C TYR B 1096 41.98 -1.58 -38.50
N VAL B 1097 41.17 -0.55 -38.77
CA VAL B 1097 40.86 0.63 -37.97
C VAL B 1097 39.66 0.44 -37.13
N ALA B 1098 39.61 0.93 -35.92
CA ALA B 1098 38.51 0.56 -35.08
C ALA B 1098 37.14 1.27 -34.97
N VAL B 1099 36.42 1.50 -36.06
CA VAL B 1099 35.09 2.10 -36.03
C VAL B 1099 34.27 1.28 -35.17
N GLN B 1100 33.81 1.87 -34.08
CA GLN B 1100 33.04 1.17 -33.06
C GLN B 1100 31.66 1.30 -33.37
N TYR B 1101 30.98 0.21 -33.53
CA TYR B 1101 29.67 0.23 -34.03
C TYR B 1101 28.74 0.95 -33.31
N ALA B 1102 28.46 2.11 -33.82
CA ALA B 1102 27.34 2.89 -33.37
C ALA B 1102 26.16 2.55 -34.28
N HIS B 1103 25.09 3.27 -34.16
CA HIS B 1103 23.89 2.90 -34.89
C HIS B 1103 23.49 3.75 -36.00
N ARG B 1104 24.18 4.84 -36.14
CA ARG B 1104 23.86 5.85 -37.05
C ARG B 1104 24.87 6.08 -38.09
N LEU B 1105 25.71 5.09 -38.34
CA LEU B 1105 26.63 5.25 -39.44
C LEU B 1105 26.33 4.12 -40.35
N PHE B 1106 25.07 3.93 -40.69
CA PHE B 1106 24.68 2.82 -41.48
C PHE B 1106 23.38 3.32 -41.93
N SER B 1107 23.43 4.21 -42.90
CA SER B 1107 22.27 4.90 -43.33
C SER B 1107 21.62 4.30 -44.51
N SER B 1108 21.12 5.09 -45.43
CA SER B 1108 20.43 4.54 -46.54
C SER B 1108 20.44 5.21 -47.90
N SER B 1109 21.58 5.60 -48.43
CA SER B 1109 21.75 6.25 -49.72
C SER B 1109 21.38 5.54 -51.04
N LEU B 1110 21.68 6.16 -52.17
CA LEU B 1110 21.31 5.63 -53.46
C LEU B 1110 22.47 5.50 -54.34
N ALA B 1111 23.11 4.35 -54.36
CA ALA B 1111 24.31 4.12 -55.13
C ALA B 1111 23.99 3.55 -56.43
N ASN B 1112 23.91 4.40 -57.40
CA ASN B 1112 23.57 4.02 -58.75
C ASN B 1112 22.51 3.00 -58.98
N LYS B 1113 21.31 3.49 -58.79
CA LYS B 1113 20.03 2.85 -58.96
C LYS B 1113 19.37 1.97 -57.97
N ARG B 1114 19.80 2.00 -56.73
CA ARG B 1114 19.10 1.26 -55.70
C ARG B 1114 19.20 1.95 -54.35
N ASN B 1115 18.69 1.35 -53.32
CA ASN B 1115 18.73 1.97 -52.06
C ASN B 1115 19.60 1.16 -51.24
N ARG B 1116 20.85 1.02 -51.63
CA ARG B 1116 21.77 0.23 -50.87
C ARG B 1116 22.00 0.78 -49.48
N VAL B 1117 22.13 -0.08 -48.46
CA VAL B 1117 22.45 0.31 -47.08
C VAL B 1117 23.84 0.76 -47.08
N THR B 1118 24.17 1.91 -46.58
CA THR B 1118 25.50 2.37 -46.75
C THR B 1118 26.22 2.74 -45.48
N TYR B 1119 27.50 2.50 -45.46
CA TYR B 1119 28.34 2.71 -44.31
C TYR B 1119 29.15 3.91 -44.49
N THR B 1120 29.29 4.74 -43.48
CA THR B 1120 30.06 5.93 -43.58
C THR B 1120 31.20 5.78 -42.65
N HIS B 1121 32.40 5.65 -43.17
CA HIS B 1121 33.52 5.43 -42.33
C HIS B 1121 33.76 6.68 -41.49
N PRO B 1122 34.22 6.50 -40.27
CA PRO B 1122 34.37 7.58 -39.37
C PRO B 1122 35.67 8.23 -39.20
N PRO B 1123 36.70 7.63 -39.74
CA PRO B 1123 37.99 8.25 -39.67
C PRO B 1123 38.23 9.08 -40.89
N THR B 1124 37.28 9.25 -41.80
CA THR B 1124 37.50 9.94 -43.05
C THR B 1124 36.30 10.60 -43.71
N GLY B 1125 35.11 10.05 -43.60
CA GLY B 1125 33.99 10.67 -44.25
C GLY B 1125 33.37 9.88 -45.36
N MET B 1126 34.17 9.13 -46.09
CA MET B 1126 33.68 8.31 -47.20
C MET B 1126 32.40 7.48 -47.06
N ALA B 1127 31.64 7.33 -48.11
CA ALA B 1127 30.43 6.56 -48.08
C ALA B 1127 30.48 5.06 -47.95
N TYR B 1128 30.71 4.38 -49.08
CA TYR B 1128 30.66 2.91 -49.12
C TYR B 1128 29.22 2.42 -49.25
N PRO B 1129 28.68 2.47 -50.55
CA PRO B 1129 27.28 2.01 -50.61
C PRO B 1129 27.13 0.59 -51.17
N SER B 1130 27.70 -0.38 -50.47
CA SER B 1130 27.67 -1.79 -50.87
C SER B 1130 28.83 -2.46 -50.16
N PRO B 1131 28.66 -3.69 -49.67
CA PRO B 1131 29.72 -4.26 -48.88
C PRO B 1131 30.91 -4.84 -49.66
N THR B 1132 31.76 -4.05 -50.25
CA THR B 1132 32.95 -4.50 -50.95
C THR B 1132 34.01 -3.41 -50.99
N GLY B 1133 35.21 -3.86 -50.85
CA GLY B 1133 36.25 -2.92 -50.75
C GLY B 1133 35.63 -1.86 -49.89
N ARG B 1134 35.51 -2.15 -48.60
CA ARG B 1134 35.13 -1.16 -47.61
C ARG B 1134 36.42 -0.57 -47.03
N PRO B 1135 36.40 -0.25 -45.66
CA PRO B 1135 37.67 0.32 -45.19
C PRO B 1135 38.50 -0.64 -44.33
N HIS B 1136 37.97 -1.83 -44.04
CA HIS B 1136 38.60 -2.73 -43.10
C HIS B 1136 38.47 -2.09 -41.75
N VAL B 1137 37.85 -2.79 -40.81
CA VAL B 1137 37.42 -2.12 -39.60
C VAL B 1137 37.22 -2.97 -38.34
N HIS B 1138 38.15 -3.12 -37.50
CA HIS B 1138 37.81 -3.91 -36.40
C HIS B 1138 36.56 -3.41 -35.73
N MET B 1139 35.43 -3.32 -36.40
CA MET B 1139 34.18 -2.85 -35.77
C MET B 1139 33.73 -3.68 -34.70
N THR B 1140 33.25 -3.16 -33.57
CA THR B 1140 32.75 -3.99 -32.51
C THR B 1140 31.36 -3.63 -32.07
N ILE B 1141 30.35 -4.47 -32.07
CA ILE B 1141 29.02 -4.13 -31.61
C ILE B 1141 28.94 -4.12 -30.06
N ASN B 1142 27.86 -3.70 -29.44
CA ASN B 1142 27.78 -3.73 -27.96
C ASN B 1142 26.40 -4.02 -27.60
N GLU B 1143 25.57 -3.16 -28.12
CA GLU B 1143 24.19 -3.19 -27.90
C GLU B 1143 23.79 -3.69 -29.23
N ARG B 1144 23.94 -4.97 -29.42
CA ARG B 1144 23.50 -5.53 -30.66
C ARG B 1144 21.96 -5.47 -30.69
N ALA B 1145 21.35 -4.53 -29.98
CA ALA B 1145 19.91 -4.40 -29.79
C ALA B 1145 18.97 -3.95 -30.87
N GLY B 1146 19.06 -2.70 -31.25
CA GLY B 1146 18.17 -2.16 -32.23
C GLY B 1146 18.24 -2.79 -33.59
N MET B 1147 19.46 -2.86 -34.07
CA MET B 1147 19.98 -3.41 -35.33
C MET B 1147 19.27 -3.98 -36.48
N SER B 1148 18.08 -4.47 -36.34
CA SER B 1148 17.25 -5.07 -37.44
C SER B 1148 17.91 -6.20 -38.19
N LYS B 1149 17.48 -6.36 -39.46
CA LYS B 1149 18.16 -7.18 -40.48
C LYS B 1149 18.86 -6.11 -41.32
N LEU B 1150 18.77 -6.13 -42.65
CA LEU B 1150 19.40 -5.13 -43.47
C LEU B 1150 20.72 -4.81 -42.95
N VAL B 1151 20.89 -3.97 -41.94
CA VAL B 1151 22.21 -3.72 -41.42
C VAL B 1151 22.85 -4.98 -40.96
N ALA B 1152 22.23 -5.89 -40.27
CA ALA B 1152 22.96 -7.08 -39.92
C ALA B 1152 23.30 -7.97 -41.12
N ASP B 1153 22.46 -8.02 -42.14
CA ASP B 1153 22.80 -8.80 -43.34
C ASP B 1153 23.96 -8.08 -44.00
N ASN B 1154 23.95 -6.77 -44.01
CA ASN B 1154 25.06 -6.03 -44.43
C ASN B 1154 26.34 -6.18 -43.69
N ILE B 1155 26.41 -6.08 -42.37
CA ILE B 1155 27.68 -6.37 -41.70
C ILE B 1155 28.14 -7.82 -41.98
N ILE B 1156 27.28 -8.86 -42.14
CA ILE B 1156 27.85 -10.18 -42.42
C ILE B 1156 28.40 -10.23 -43.80
N ALA B 1157 27.77 -9.49 -44.70
CA ALA B 1157 28.23 -9.38 -46.01
C ALA B 1157 29.53 -8.76 -45.95
N SER B 1158 29.70 -7.69 -45.24
CA SER B 1158 30.94 -7.03 -45.16
C SER B 1158 32.02 -7.75 -44.49
N VAL B 1159 31.77 -8.69 -43.60
CA VAL B 1159 32.84 -9.46 -42.96
C VAL B 1159 33.17 -10.72 -43.78
N ILE B 1160 32.68 -10.80 -44.98
CA ILE B 1160 32.92 -11.92 -45.80
C ILE B 1160 33.51 -11.41 -47.06
N LYS B 1161 32.96 -10.36 -47.62
CA LYS B 1161 33.46 -9.85 -48.85
C LYS B 1161 34.49 -8.76 -48.79
N SER B 1162 34.60 -8.11 -47.68
CA SER B 1162 35.51 -7.03 -47.57
C SER B 1162 36.48 -7.19 -46.47
N ASN B 1163 36.44 -8.30 -45.81
CA ASN B 1163 37.40 -8.64 -44.81
C ASN B 1163 37.38 -7.85 -43.58
N TRP B 1164 36.21 -7.48 -43.14
CA TRP B 1164 36.06 -6.77 -41.88
C TRP B 1164 36.15 -7.71 -40.74
N VAL B 1165 36.43 -7.24 -39.54
CA VAL B 1165 36.49 -8.13 -38.40
C VAL B 1165 35.48 -7.66 -37.38
N VAL B 1166 34.18 -7.76 -37.64
CA VAL B 1166 33.18 -7.33 -36.64
C VAL B 1166 33.30 -8.10 -35.40
N ASP B 1167 32.47 -7.77 -34.46
CA ASP B 1167 32.60 -8.32 -33.17
C ASP B 1167 31.45 -8.22 -32.10
N ILE B 1168 30.82 -9.29 -31.66
CA ILE B 1168 29.76 -9.20 -30.66
C ILE B 1168 30.24 -9.02 -29.24
N HIS B 1169 29.38 -8.72 -28.29
CA HIS B 1169 29.82 -8.52 -26.91
C HIS B 1169 28.91 -8.83 -25.85
N ASP B 1170 27.69 -8.73 -26.19
CA ASP B 1170 26.63 -8.97 -25.27
C ASP B 1170 26.02 -10.31 -25.46
N ILE B 1171 26.71 -11.19 -26.17
CA ILE B 1171 26.20 -12.54 -26.42
C ILE B 1171 26.96 -13.59 -25.62
N GLU B 1172 26.74 -13.60 -24.32
CA GLU B 1172 27.40 -14.56 -23.44
C GLU B 1172 26.90 -15.98 -23.73
N TYR B 1173 27.83 -16.84 -24.15
CA TYR B 1173 27.49 -18.22 -24.49
C TYR B 1173 28.32 -19.22 -23.70
N THR B 1174 28.01 -20.51 -23.88
CA THR B 1174 28.71 -21.54 -23.22
C THR B 1174 29.26 -22.43 -24.29
N ALA B 1175 30.52 -22.77 -24.26
CA ALA B 1175 31.12 -23.59 -25.32
C ALA B 1175 31.55 -24.87 -24.89
N GLU B 1176 31.56 -25.80 -25.81
CA GLU B 1176 32.06 -27.06 -25.45
C GLU B 1176 32.90 -27.67 -26.44
N VAL B 1177 34.18 -27.82 -26.17
CA VAL B 1177 35.06 -28.34 -27.19
C VAL B 1177 34.88 -29.77 -27.43
N MET B 1178 34.40 -30.07 -28.60
CA MET B 1178 34.08 -31.38 -28.95
C MET B 1178 34.95 -31.86 -29.98
N THR B 1179 35.54 -33.03 -29.81
CA THR B 1179 36.55 -33.65 -30.66
C THR B 1179 36.29 -34.04 -32.11
N PRO B 1180 37.21 -33.82 -33.04
CA PRO B 1180 37.05 -34.11 -34.47
C PRO B 1180 36.21 -35.28 -34.88
N SER B 1181 36.50 -36.47 -34.44
CA SER B 1181 35.76 -37.63 -34.82
C SER B 1181 34.38 -37.55 -34.39
N GLU B 1182 33.58 -37.29 -35.40
CA GLU B 1182 32.13 -37.11 -35.58
C GLU B 1182 31.73 -35.91 -36.50
N GLY B 1183 31.59 -34.79 -35.81
CA GLY B 1183 31.27 -33.54 -36.44
C GLY B 1183 30.88 -32.51 -35.46
N TYR B 1184 30.29 -31.47 -35.97
CA TYR B 1184 29.77 -30.46 -35.12
C TYR B 1184 28.33 -30.79 -35.11
N THR B 1185 27.79 -31.11 -33.98
CA THR B 1185 26.40 -31.45 -33.90
C THR B 1185 25.42 -30.27 -34.05
N GLN B 1186 25.38 -29.35 -33.07
CA GLN B 1186 24.51 -28.18 -32.99
C GLN B 1186 25.02 -27.04 -33.83
N HIS B 1187 24.39 -26.77 -34.97
CA HIS B 1187 24.91 -25.75 -35.83
C HIS B 1187 24.13 -24.46 -36.05
N VAL B 1188 24.71 -23.33 -35.58
CA VAL B 1188 24.18 -21.95 -35.65
C VAL B 1188 24.42 -21.28 -36.98
N ASP B 1189 24.14 -19.97 -37.10
CA ASP B 1189 24.36 -19.17 -38.32
C ASP B 1189 24.11 -17.71 -38.17
N ALA B 1190 25.02 -16.89 -38.67
CA ALA B 1190 24.84 -15.47 -38.58
C ALA B 1190 23.58 -14.98 -39.28
N GLU B 1191 22.41 -14.99 -38.67
CA GLU B 1191 21.22 -14.44 -39.33
C GLU B 1191 20.42 -14.37 -38.13
N SER B 1192 20.98 -15.29 -37.28
CA SER B 1192 20.55 -15.71 -35.97
C SER B 1192 21.47 -15.46 -34.85
N ILE B 1193 22.70 -15.06 -35.07
CA ILE B 1193 23.57 -14.72 -33.95
C ILE B 1193 23.48 -13.23 -33.69
N MET B 1194 22.74 -12.54 -34.52
CA MET B 1194 22.48 -11.12 -34.38
C MET B 1194 21.00 -10.95 -34.01
N THR B 1195 20.18 -11.81 -34.56
CA THR B 1195 18.76 -11.90 -34.41
C THR B 1195 18.38 -12.90 -33.34
N ALA B 1196 19.20 -12.96 -32.31
CA ALA B 1196 19.03 -13.74 -31.12
C ALA B 1196 18.83 -12.77 -30.01
N PRO B 1197 18.22 -13.20 -28.91
CA PRO B 1197 17.92 -12.28 -27.82
C PRO B 1197 19.05 -11.86 -26.94
N LYS B 1198 18.73 -11.18 -25.85
CA LYS B 1198 19.78 -10.58 -25.08
C LYS B 1198 20.26 -11.08 -23.86
N GLY B 1199 19.54 -11.91 -23.20
CA GLY B 1199 19.99 -12.45 -21.95
C GLY B 1199 19.43 -13.74 -22.21
N LYS B 1200 20.26 -14.50 -22.86
CA LYS B 1200 19.99 -15.83 -23.30
C LYS B 1200 21.28 -16.30 -23.72
N LEU B 1201 21.74 -17.39 -23.14
CA LEU B 1201 23.05 -17.84 -23.46
C LEU B 1201 22.95 -18.92 -24.32
N PHE B 1202 23.32 -18.68 -25.54
CA PHE B 1202 23.31 -19.72 -26.49
C PHE B 1202 24.54 -20.53 -26.50
N HIS B 1203 24.46 -21.77 -26.92
CA HIS B 1203 25.56 -22.67 -26.82
C HIS B 1203 26.27 -22.99 -28.11
N LEU B 1204 27.50 -22.52 -28.25
CA LEU B 1204 28.34 -22.81 -29.41
C LEU B 1204 29.37 -23.80 -29.06
N GLN B 1205 29.86 -24.51 -30.04
CA GLN B 1205 30.79 -25.52 -29.73
C GLN B 1205 31.92 -25.57 -30.69
N PHE B 1206 33.12 -25.21 -30.27
CA PHE B 1206 34.29 -25.26 -31.15
C PHE B 1206 34.96 -26.58 -31.14
N MET B 1207 35.83 -26.85 -32.09
CA MET B 1207 36.44 -28.15 -32.16
C MET B 1207 37.89 -28.18 -31.99
N ASP B 1208 38.29 -29.10 -31.18
CA ASP B 1208 39.64 -29.34 -30.80
C ASP B 1208 40.46 -29.62 -32.02
N GLY B 1209 40.18 -30.67 -32.73
CA GLY B 1209 40.92 -30.97 -33.92
C GLY B 1209 42.40 -30.98 -33.87
N LEU B 1210 42.97 -31.44 -32.78
CA LEU B 1210 44.39 -31.67 -32.66
C LEU B 1210 44.68 -33.12 -32.77
N LEU B 1211 43.69 -33.98 -32.80
CA LEU B 1211 43.90 -35.39 -32.78
C LEU B 1211 43.15 -35.99 -33.91
N ARG B 1212 43.59 -35.67 -35.09
CA ARG B 1212 42.98 -36.10 -36.27
C ARG B 1212 44.16 -36.25 -37.14
N PRO B 1213 44.45 -37.53 -37.37
CA PRO B 1213 45.58 -38.03 -38.12
C PRO B 1213 45.76 -37.38 -39.45
N GLU B 1214 46.65 -37.81 -40.34
CA GLU B 1214 46.65 -37.12 -41.63
C GLU B 1214 45.95 -37.82 -42.68
N PRO B 1215 45.89 -37.13 -43.76
CA PRO B 1215 45.35 -37.58 -45.00
C PRO B 1215 46.28 -38.61 -45.59
N SER B 1216 45.77 -39.42 -46.48
CA SER B 1216 46.62 -40.41 -47.09
C SER B 1216 47.53 -39.81 -48.08
N ALA B 1217 48.58 -40.53 -48.41
CA ALA B 1217 49.53 -40.00 -49.35
C ALA B 1217 48.90 -39.88 -50.73
N PHE B 1218 48.11 -40.86 -51.08
CA PHE B 1218 47.49 -41.00 -52.36
C PHE B 1218 46.04 -40.64 -52.45
N ASP B 1219 45.72 -39.35 -52.37
CA ASP B 1219 44.31 -39.01 -52.53
C ASP B 1219 44.01 -37.78 -53.38
N PRO B 1220 42.76 -37.66 -53.74
CA PRO B 1220 42.26 -36.65 -54.63
C PRO B 1220 42.34 -35.30 -53.98
N PRO B 1221 43.25 -34.41 -54.30
CA PRO B 1221 43.40 -33.11 -53.67
C PRO B 1221 42.37 -32.38 -52.78
N ALA B 1222 41.73 -31.32 -53.24
CA ALA B 1222 40.77 -30.58 -52.42
C ALA B 1222 39.95 -29.71 -53.25
N SER B 1223 40.49 -28.50 -53.40
CA SER B 1223 39.94 -27.37 -54.09
C SER B 1223 39.13 -26.61 -53.16
N GLY B 1224 39.49 -25.36 -53.01
CA GLY B 1224 38.84 -24.46 -52.10
C GLY B 1224 38.30 -24.95 -50.79
N GLU B 1225 39.13 -25.41 -49.85
CA GLU B 1225 38.52 -25.83 -48.56
C GLU B 1225 38.02 -24.68 -47.68
N ASP B 1226 37.23 -25.02 -46.67
CA ASP B 1226 36.61 -24.01 -45.81
C ASP B 1226 37.48 -23.65 -44.61
N MET B 1227 37.15 -22.51 -44.00
CA MET B 1227 37.87 -22.04 -42.82
C MET B 1227 36.95 -22.07 -41.59
N ARG B 1228 36.39 -20.91 -41.25
CA ARG B 1228 35.48 -20.81 -40.12
C ARG B 1228 35.16 -19.36 -39.75
N LEU B 1229 33.87 -19.01 -39.80
CA LEU B 1229 33.43 -17.74 -39.42
C LEU B 1229 33.59 -17.35 -38.01
N ILE B 1230 33.03 -17.99 -36.97
CA ILE B 1230 33.25 -17.46 -35.59
C ILE B 1230 34.12 -18.08 -34.56
N TYR B 1231 34.87 -17.25 -33.87
CA TYR B 1231 35.79 -17.61 -32.80
C TYR B 1231 35.45 -17.05 -31.51
N PRO B 1232 35.88 -17.63 -30.43
CA PRO B 1232 35.67 -17.05 -29.13
C PRO B 1232 36.59 -15.93 -28.91
N LEU B 1233 36.23 -14.98 -28.06
CA LEU B 1233 37.23 -13.97 -27.85
C LEU B 1233 37.78 -13.91 -26.44
N GLN B 1234 37.98 -15.09 -25.86
CA GLN B 1234 38.70 -15.32 -24.63
C GLN B 1234 39.22 -16.74 -24.80
N PRO B 1235 39.64 -17.41 -23.64
CA PRO B 1235 40.08 -18.79 -23.90
C PRO B 1235 39.05 -19.80 -23.43
N ILE B 1236 38.33 -20.46 -24.33
CA ILE B 1236 37.37 -21.46 -23.89
C ILE B 1236 37.77 -22.81 -23.33
N SER B 1237 39.02 -23.01 -22.91
CA SER B 1237 39.40 -24.24 -22.30
C SER B 1237 39.88 -23.99 -20.89
N VAL B 1238 39.01 -23.49 -20.06
CA VAL B 1238 39.37 -23.16 -18.72
C VAL B 1238 39.39 -24.34 -17.84
N ALA B 1239 38.79 -25.45 -18.21
CA ALA B 1239 38.89 -26.71 -17.48
C ALA B 1239 39.51 -27.64 -18.44
N ARG B 1240 40.62 -28.22 -18.04
CA ARG B 1240 41.29 -29.08 -18.95
C ARG B 1240 42.11 -30.21 -18.51
N SER B 1241 43.06 -30.00 -17.63
CA SER B 1241 44.00 -31.00 -17.24
C SER B 1241 44.70 -31.45 -18.48
N MET B 1242 44.73 -32.71 -18.85
CA MET B 1242 45.47 -33.18 -20.00
C MET B 1242 44.80 -33.02 -21.27
N ARG B 1243 45.46 -32.78 -22.34
CA ARG B 1243 44.84 -32.71 -23.64
C ARG B 1243 45.56 -33.58 -24.56
N ALA B 1244 44.86 -34.20 -25.44
CA ALA B 1244 45.45 -34.99 -26.50
C ALA B 1244 46.48 -35.98 -26.15
N ILE B 1245 46.06 -37.05 -25.54
CA ILE B 1245 47.05 -38.01 -25.13
C ILE B 1245 47.37 -39.17 -26.01
N VAL B 1246 48.01 -38.91 -27.11
CA VAL B 1246 48.46 -39.95 -27.95
C VAL B 1246 49.79 -39.53 -28.34
N ASN B 1247 50.82 -40.24 -27.96
CA ASN B 1247 52.08 -39.85 -28.47
C ASN B 1247 52.07 -39.76 -29.91
N HIS B 1248 53.05 -39.06 -30.40
CA HIS B 1248 53.32 -38.74 -31.78
C HIS B 1248 54.58 -39.39 -32.23
N ASN B 1249 54.73 -39.78 -33.51
CA ASN B 1249 55.89 -40.52 -34.06
C ASN B 1249 55.90 -41.69 -33.11
N GLU B 1250 56.79 -41.73 -32.12
CA GLU B 1250 56.64 -42.65 -31.03
C GLU B 1250 57.29 -42.22 -29.74
N VAL B 1251 57.72 -41.01 -29.63
CA VAL B 1251 58.44 -40.71 -28.49
C VAL B 1251 58.44 -39.24 -28.19
N ASP B 1252 57.79 -38.41 -28.98
CA ASP B 1252 57.78 -37.00 -28.65
C ASP B 1252 56.45 -36.39 -28.76
N ARG B 1253 56.15 -35.48 -27.84
CA ARG B 1253 54.85 -34.88 -27.63
C ARG B 1253 54.21 -34.20 -28.72
N PRO B 1254 53.10 -34.71 -29.20
CA PRO B 1254 52.38 -34.08 -30.28
C PRO B 1254 52.18 -32.65 -29.95
N ARG B 1255 52.41 -31.68 -30.82
CA ARG B 1255 52.26 -30.28 -30.47
C ARG B 1255 50.90 -29.81 -30.04
N GLY B 1256 50.72 -29.62 -28.75
CA GLY B 1256 49.48 -29.16 -28.24
C GLY B 1256 49.41 -29.78 -26.91
N ALA B 1257 49.46 -31.08 -26.88
CA ALA B 1257 49.38 -31.89 -25.70
C ALA B 1257 49.85 -31.35 -24.36
N VAL B 1258 48.96 -31.30 -23.38
CA VAL B 1258 49.25 -30.72 -22.09
C VAL B 1258 49.14 -31.72 -20.99
N ALA B 1259 50.05 -31.74 -20.06
CA ALA B 1259 50.03 -32.71 -18.98
C ALA B 1259 49.68 -32.02 -17.70
N PRO B 1260 48.84 -32.70 -16.94
CA PRO B 1260 48.23 -32.34 -15.69
C PRO B 1260 49.04 -31.49 -14.81
N SER B 1261 48.64 -30.24 -14.66
CA SER B 1261 49.31 -29.25 -13.84
C SER B 1261 49.77 -29.78 -12.53
N SER B 1262 51.07 -29.99 -12.35
CA SER B 1262 51.72 -30.51 -11.15
C SER B 1262 51.12 -30.20 -9.86
N TYR B 1263 50.09 -29.43 -9.83
CA TYR B 1263 49.44 -29.11 -8.60
C TYR B 1263 48.36 -30.03 -8.31
N GLU B 1264 48.09 -30.98 -9.18
CA GLU B 1264 46.96 -31.85 -8.94
C GLU B 1264 47.33 -33.23 -8.78
N MET B 1265 48.43 -33.42 -8.14
CA MET B 1265 48.95 -34.69 -7.91
C MET B 1265 49.91 -34.52 -6.80
N ASP B 1266 49.58 -33.75 -5.80
CA ASP B 1266 50.41 -33.47 -4.75
C ASP B 1266 49.53 -33.47 -3.61
N THR B 1267 49.55 -34.60 -2.97
CA THR B 1267 48.78 -34.89 -1.85
C THR B 1267 49.61 -34.20 -0.90
N GLY B 1268 49.18 -33.03 -0.56
CA GLY B 1268 49.90 -32.25 0.39
C GLY B 1268 49.64 -32.77 1.75
N THR B 1269 50.36 -32.29 2.70
CA THR B 1269 50.19 -32.68 4.07
C THR B 1269 49.01 -32.09 4.75
N LEU B 1270 48.79 -32.38 6.01
CA LEU B 1270 47.66 -31.77 6.71
C LEU B 1270 48.16 -30.56 7.35
N SER B 1271 47.47 -29.43 7.43
CA SER B 1271 48.03 -28.28 8.19
C SER B 1271 48.59 -28.65 9.50
N ARG B 1272 49.02 -27.65 10.29
CA ARG B 1272 49.43 -27.81 11.67
C ARG B 1272 48.28 -27.61 12.58
N ASN B 1273 47.14 -27.17 12.15
CA ASN B 1273 45.98 -27.09 13.00
C ASN B 1273 44.72 -27.25 12.26
N GLY B 1274 44.79 -27.83 11.11
CA GLY B 1274 43.58 -27.97 10.37
C GLY B 1274 43.45 -28.48 8.97
N ASP B 1275 43.86 -27.69 8.01
CA ASP B 1275 43.61 -27.98 6.63
C ASP B 1275 44.73 -28.16 5.77
N LEU B 1276 44.43 -28.72 4.61
CA LEU B 1276 45.25 -29.06 3.51
C LEU B 1276 46.37 -28.14 3.18
N LEU B 1277 47.53 -28.68 2.86
CA LEU B 1277 48.70 -27.90 2.57
C LEU B 1277 49.53 -28.50 1.50
N TYR B 1278 50.24 -27.68 0.74
CA TYR B 1278 51.06 -28.16 -0.36
C TYR B 1278 51.96 -29.32 0.04
N SER B 1279 53.07 -29.48 -0.68
CA SER B 1279 54.01 -30.56 -0.44
C SER B 1279 54.87 -30.45 0.84
N PRO B 1280 55.52 -29.23 1.16
CA PRO B 1280 55.21 -28.09 0.28
C PRO B 1280 56.27 -27.82 -0.77
N VAL B 1281 56.68 -26.56 -0.87
CA VAL B 1281 57.62 -26.11 -1.94
C VAL B 1281 59.08 -25.94 -1.67
N ALA B 1282 59.74 -25.40 -2.70
CA ALA B 1282 61.17 -25.12 -2.70
C ALA B 1282 61.98 -26.28 -2.16
N ASN B 1283 61.30 -27.24 -1.54
CA ASN B 1283 62.01 -28.27 -0.78
C ASN B 1283 62.90 -27.59 0.24
N GLY B 1284 62.65 -26.31 0.49
CA GLY B 1284 63.42 -25.50 1.38
C GLY B 1284 62.64 -25.17 2.63
N GLN B 1285 61.36 -24.83 2.47
CA GLN B 1285 60.53 -24.58 3.72
C GLN B 1285 59.07 -24.97 4.21
N VAL B 1286 58.03 -24.14 3.98
CA VAL B 1286 56.66 -24.28 4.55
C VAL B 1286 55.40 -25.06 4.12
N GLY B 1287 54.56 -24.49 3.28
CA GLY B 1287 53.36 -25.16 2.88
C GLY B 1287 52.41 -24.07 2.57
N ILE B 1288 51.83 -24.07 1.40
CA ILE B 1288 50.93 -23.00 1.04
C ILE B 1288 49.65 -23.67 0.91
N PRO B 1289 48.65 -23.38 1.73
CA PRO B 1289 47.35 -24.04 1.74
C PRO B 1289 46.59 -24.20 0.44
N LYS B 1290 45.80 -25.21 0.23
CA LYS B 1290 45.17 -25.39 -1.05
C LYS B 1290 44.13 -24.36 -1.24
N LEU B 1291 43.28 -24.26 -0.28
CA LEU B 1291 42.34 -23.19 -0.28
C LEU B 1291 43.23 -22.00 -0.06
N GLU B 1292 43.03 -20.96 -0.82
CA GLU B 1292 43.89 -19.78 -0.85
C GLU B 1292 45.16 -20.15 -1.45
N VAL B 1293 45.18 -20.10 -2.77
CA VAL B 1293 46.35 -20.49 -3.56
C VAL B 1293 46.05 -20.40 -5.06
N ASP B 1294 44.86 -20.86 -5.45
CA ASP B 1294 44.41 -20.76 -6.84
C ASP B 1294 44.88 -21.92 -7.72
N HIS B 1295 44.16 -23.05 -7.65
CA HIS B 1295 44.43 -24.23 -8.44
C HIS B 1295 43.77 -25.41 -7.79
N ILE B 1296 43.27 -26.35 -8.59
CA ILE B 1296 42.62 -27.53 -8.00
C ILE B 1296 43.52 -28.76 -7.80
N SER B 1297 43.53 -29.44 -6.65
CA SER B 1297 44.43 -30.59 -6.37
C SER B 1297 43.81 -31.74 -5.74
N PHE B 1298 44.36 -32.96 -5.85
CA PHE B 1298 43.80 -34.22 -5.20
C PHE B 1298 44.51 -34.88 -3.88
N SER B 1299 44.13 -34.30 -2.71
CA SER B 1299 44.56 -34.40 -1.29
C SER B 1299 44.04 -35.39 -0.33
N ASN B 1300 44.10 -35.20 1.02
CA ASN B 1300 43.69 -36.17 2.10
C ASN B 1300 42.78 -36.04 3.37
N VAL B 1301 41.56 -36.54 3.29
CA VAL B 1301 40.62 -36.40 4.37
C VAL B 1301 40.77 -37.32 5.44
N VAL B 1302 40.58 -36.82 6.63
CA VAL B 1302 40.61 -37.51 7.88
C VAL B 1302 39.36 -38.32 7.91
N SER B 1303 39.44 -39.59 8.20
CA SER B 1303 38.29 -40.49 8.11
C SER B 1303 37.74 -40.90 9.46
N MET B 1304 37.30 -42.13 9.66
CA MET B 1304 36.78 -42.70 10.92
C MET B 1304 36.79 -44.22 10.82
N MET B 1305 36.09 -44.98 11.62
CA MET B 1305 35.97 -46.45 11.45
C MET B 1305 34.57 -46.94 11.80
N THR B 1306 33.95 -46.32 12.78
CA THR B 1306 32.62 -46.72 13.25
C THR B 1306 31.60 -46.55 12.30
N ALA B 1307 30.55 -47.27 12.52
CA ALA B 1307 29.37 -47.09 11.79
C ALA B 1307 29.03 -46.04 12.71
N ASN B 1308 29.98 -45.70 13.54
CA ASN B 1308 29.86 -44.69 14.57
C ASN B 1308 28.56 -44.38 15.29
N ILE B 1309 27.42 -44.40 14.61
CA ILE B 1309 26.16 -44.22 15.33
C ILE B 1309 25.81 -45.53 15.99
N ARG B 1310 26.33 -46.65 15.54
CA ARG B 1310 26.25 -47.86 16.27
C ARG B 1310 27.15 -47.96 17.58
N THR B 1311 27.02 -47.03 18.54
CA THR B 1311 27.73 -47.03 19.83
C THR B 1311 27.38 -48.31 20.55
N GLY B 1312 26.08 -48.52 20.59
CA GLY B 1312 25.45 -49.67 21.12
C GLY B 1312 24.10 -49.25 21.55
N ASP B 1313 23.98 -49.35 22.79
CA ASP B 1313 22.76 -48.97 23.41
C ASP B 1313 22.79 -47.40 23.38
N ASP B 1314 21.61 -46.79 23.23
CA ASP B 1314 21.55 -45.35 23.40
C ASP B 1314 21.45 -45.09 24.91
N MET B 1315 21.70 -43.86 25.28
CA MET B 1315 21.73 -43.48 26.62
C MET B 1315 20.38 -43.67 27.19
N ALA B 1316 20.27 -44.35 28.31
CA ALA B 1316 18.98 -44.50 28.95
C ALA B 1316 18.95 -43.71 30.25
N VAL B 1317 17.75 -43.40 30.74
CA VAL B 1317 17.63 -42.63 31.97
C VAL B 1317 16.39 -43.01 32.78
N GLU B 1318 16.58 -43.83 33.80
CA GLU B 1318 15.49 -44.18 34.71
C GLU B 1318 15.21 -42.99 35.61
N ARG B 1319 14.22 -42.19 35.22
CA ARG B 1319 13.93 -40.93 35.89
C ARG B 1319 12.93 -41.05 37.05
N VAL B 1320 13.46 -41.19 38.26
CA VAL B 1320 12.64 -41.10 39.46
C VAL B 1320 11.92 -39.83 39.80
N ASN B 1321 10.61 -39.90 39.93
CA ASN B 1321 9.79 -38.73 40.19
C ASN B 1321 9.82 -37.93 41.47
N PRO B 1322 9.11 -36.82 41.48
CA PRO B 1322 9.10 -35.94 42.64
C PRO B 1322 8.34 -36.58 43.71
N ASP B 1323 7.32 -37.38 43.41
CA ASP B 1323 6.53 -38.19 44.32
C ASP B 1323 5.47 -37.61 45.21
N ASP B 1324 5.59 -36.38 45.70
CA ASP B 1324 4.67 -35.82 46.64
C ASP B 1324 4.51 -34.37 46.29
N VAL B 1325 3.74 -34.07 45.26
CA VAL B 1325 3.52 -32.72 44.71
C VAL B 1325 3.33 -31.50 45.50
N ARG B 1326 3.10 -31.62 46.77
CA ARG B 1326 2.97 -30.45 47.51
C ARG B 1326 4.25 -30.20 48.31
N ALA B 1327 5.34 -30.55 47.71
CA ALA B 1327 6.56 -30.43 48.35
C ALA B 1327 7.68 -30.06 47.41
N ILE B 1328 7.40 -29.89 46.14
CA ILE B 1328 8.38 -29.61 45.18
C ILE B 1328 8.75 -28.17 45.33
N ASN B 1329 9.82 -27.91 46.03
CA ASN B 1329 10.32 -26.58 46.24
C ASN B 1329 10.57 -25.70 45.03
N ILE B 1330 9.56 -24.96 44.64
CA ILE B 1330 9.57 -24.09 43.51
C ILE B 1330 10.56 -23.06 43.85
N ARG B 1331 10.39 -22.43 44.98
CA ARG B 1331 11.26 -21.37 45.45
C ARG B 1331 12.75 -21.67 45.42
N ASN B 1332 13.50 -20.85 44.70
CA ASN B 1332 14.99 -20.85 44.60
C ASN B 1332 15.36 -19.66 43.80
N ALA B 1333 14.73 -18.56 44.13
CA ALA B 1333 14.92 -17.28 43.46
C ALA B 1333 15.06 -17.33 41.91
#